data_1Y90
# 
_entry.id   1Y90 
# 
_audit_conform.dict_name       mmcif_pdbx.dic 
_audit_conform.dict_version    5.387 
_audit_conform.dict_location   http://mmcif.pdb.org/dictionaries/ascii/mmcif_pdbx.dic 
# 
loop_
_database_2.database_id 
_database_2.database_code 
_database_2.pdbx_database_accession 
_database_2.pdbx_DOI 
PDB   1Y90         pdb_00001y90 10.2210/pdb1y90/pdb 
NDB   AR0053       ?            ?                   
RCSB  RCSB031267   ?            ?                   
WWPDB D_1000031267 ?            ?                   
# 
loop_
_pdbx_audit_revision_history.ordinal 
_pdbx_audit_revision_history.data_content_type 
_pdbx_audit_revision_history.major_revision 
_pdbx_audit_revision_history.minor_revision 
_pdbx_audit_revision_history.revision_date 
1 'Structure model' 1 0 2004-12-21 
2 'Structure model' 1 1 2008-04-30 
3 'Structure model' 1 2 2011-07-13 
4 'Structure model' 1 3 2024-02-14 
# 
_pdbx_audit_revision_details.ordinal             1 
_pdbx_audit_revision_details.revision_ordinal    1 
_pdbx_audit_revision_details.data_content_type   'Structure model' 
_pdbx_audit_revision_details.provider            repository 
_pdbx_audit_revision_details.type                'Initial release' 
_pdbx_audit_revision_details.description         ? 
_pdbx_audit_revision_details.details             ? 
# 
loop_
_pdbx_audit_revision_group.ordinal 
_pdbx_audit_revision_group.revision_ordinal 
_pdbx_audit_revision_group.data_content_type 
_pdbx_audit_revision_group.group 
1 2 'Structure model' 'Version format compliance' 
2 3 'Structure model' 'Version format compliance' 
3 4 'Structure model' 'Data collection'           
4 4 'Structure model' 'Database references'       
5 4 'Structure model' 'Derived calculations'      
# 
loop_
_pdbx_audit_revision_category.ordinal 
_pdbx_audit_revision_category.revision_ordinal 
_pdbx_audit_revision_category.data_content_type 
_pdbx_audit_revision_category.category 
1 4 'Structure model' chem_comp_atom         
2 4 'Structure model' chem_comp_bond         
3 4 'Structure model' database_2             
4 4 'Structure model' pdbx_struct_conn_angle 
5 4 'Structure model' struct_conn            
6 4 'Structure model' struct_site            
# 
loop_
_pdbx_audit_revision_item.ordinal 
_pdbx_audit_revision_item.revision_ordinal 
_pdbx_audit_revision_item.data_content_type 
_pdbx_audit_revision_item.item 
1  4 'Structure model' '_database_2.pdbx_DOI'                        
2  4 'Structure model' '_database_2.pdbx_database_accession'         
3  4 'Structure model' '_pdbx_struct_conn_angle.ptnr1_auth_comp_id'  
4  4 'Structure model' '_pdbx_struct_conn_angle.ptnr1_auth_seq_id'   
5  4 'Structure model' '_pdbx_struct_conn_angle.ptnr1_label_atom_id' 
6  4 'Structure model' '_pdbx_struct_conn_angle.ptnr1_label_comp_id' 
7  4 'Structure model' '_pdbx_struct_conn_angle.ptnr1_label_seq_id'  
8  4 'Structure model' '_pdbx_struct_conn_angle.ptnr3_auth_comp_id'  
9  4 'Structure model' '_pdbx_struct_conn_angle.ptnr3_auth_seq_id'   
10 4 'Structure model' '_pdbx_struct_conn_angle.ptnr3_label_atom_id' 
11 4 'Structure model' '_pdbx_struct_conn_angle.ptnr3_label_comp_id' 
12 4 'Structure model' '_pdbx_struct_conn_angle.ptnr3_label_seq_id'  
13 4 'Structure model' '_pdbx_struct_conn_angle.value'               
14 4 'Structure model' '_struct_conn.conn_type_id'                   
15 4 'Structure model' '_struct_conn.id'                             
16 4 'Structure model' '_struct_conn.pdbx_dist_value'                
17 4 'Structure model' '_struct_conn.pdbx_leaving_atom_flag'         
18 4 'Structure model' '_struct_conn.pdbx_ptnr1_label_alt_id'        
19 4 'Structure model' '_struct_conn.pdbx_ptnr2_label_alt_id'        
20 4 'Structure model' '_struct_conn.ptnr1_auth_asym_id'             
21 4 'Structure model' '_struct_conn.ptnr1_auth_comp_id'             
22 4 'Structure model' '_struct_conn.ptnr1_auth_seq_id'              
23 4 'Structure model' '_struct_conn.ptnr1_label_asym_id'            
24 4 'Structure model' '_struct_conn.ptnr1_label_atom_id'            
25 4 'Structure model' '_struct_conn.ptnr1_label_comp_id'            
26 4 'Structure model' '_struct_conn.ptnr1_label_seq_id'             
27 4 'Structure model' '_struct_conn.ptnr2_auth_asym_id'             
28 4 'Structure model' '_struct_conn.ptnr2_auth_comp_id'             
29 4 'Structure model' '_struct_conn.ptnr2_auth_seq_id'              
30 4 'Structure model' '_struct_conn.ptnr2_label_asym_id'            
31 4 'Structure model' '_struct_conn.ptnr2_label_atom_id'            
32 4 'Structure model' '_struct_conn.ptnr2_label_comp_id'            
33 4 'Structure model' '_struct_conn.ptnr2_label_seq_id'             
34 4 'Structure model' '_struct_site.pdbx_auth_asym_id'              
35 4 'Structure model' '_struct_site.pdbx_auth_comp_id'              
36 4 'Structure model' '_struct_site.pdbx_auth_seq_id'               
# 
_pdbx_database_status.status_code                     REL 
_pdbx_database_status.entry_id                        1Y90 
_pdbx_database_status.recvd_initial_deposition_date   2004-12-14 
_pdbx_database_status.deposit_site                    RCSB 
_pdbx_database_status.process_site                    RCSB 
_pdbx_database_status.status_code_sf                  REL 
_pdbx_database_status.SG_entry                        . 
_pdbx_database_status.pdb_format_compatible           Y 
_pdbx_database_status.status_code_mr                  ? 
_pdbx_database_status.status_code_cs                  ? 
_pdbx_database_status.status_code_nmr_data            ? 
_pdbx_database_status.methods_development_category    ? 
# 
loop_
_pdbx_database_related.db_name 
_pdbx_database_related.db_id 
_pdbx_database_related.details 
_pdbx_database_related.content_type 
PDB 1Y73 'HIV-1 Dis(Mal) Duplex Pt-Soaked'     unspecified 
PDB 1Y6T 'HIV-1 Dis(Mal) Duplex CoHexa-Soaked' unspecified 
PDB 1Y6S 'HIV-1 Dis(Mal) Duplex Ba-Soaked'     unspecified 
PDB 1NLC 'HIV-1 Dis(Mal) Duplex Zn-Soaked'     unspecified 
PDB 1O3Z 'HIV-1 Dis(Mal) Duplex RuHexa-Soaked' unspecified 
PDB 462D 'HIV-1 Dis(Mal) Duplex Mg-Native'     unspecified 
PDB 1Y95 .                                     unspecified 
# 
loop_
_audit_author.name 
_audit_author.pdbx_ordinal 
'Ennifar, E.' 1 
'Walter, P.'  2 
'Dumas, P.'   3 
# 
loop_
_citation.id 
_citation.title 
_citation.journal_abbrev 
_citation.journal_volume 
_citation.page_first 
_citation.page_last 
_citation.year 
_citation.journal_id_ASTM 
_citation.country 
_citation.journal_id_ISSN 
_citation.journal_id_CSD 
_citation.book_publisher 
_citation.pdbx_database_id_PubMed 
_citation.pdbx_database_id_DOI 
primary 'A crystallographic study of the binding of 13 metal ions to two related RNA duplexes' 'Nucleic Acids Res.'  31 2671 2682 
2003 NARHAD UK 0305-1048 0389 ? 12736317 10.1093/nar/gkg350              
1       
'The crystal structure of the dimerization initiation site of genomic HIV-1 RNA reveals an extended duplex with two adenine bulges' 
'Structure Fold.Des.' 7  1439 1449 1999 FODEFH UK 0969-2126 1263 ? 10574792 '10.1016/S0969-2126(00)80033-7' 
# 
loop_
_citation_author.citation_id 
_citation_author.name 
_citation_author.ordinal 
_citation_author.identifier_ORCID 
primary 'Ennifar, E.'   1  ? 
primary 'Walter, P.'    2  ? 
primary 'Dumas, P.'     3  ? 
1       'Ennifar, E.'   4  ? 
1       'Yusupov, M.'   5  ? 
1       'Walter, P.'    6  ? 
1       'Marquet, R.'   7  ? 
1       'Ehresmann, B.' 8  ? 
1       'Ehresmann, C.' 9  ? 
1       'Dumas, P.'     10 ? 
# 
loop_
_entity.id 
_entity.type 
_entity.src_method 
_entity.pdbx_description 
_entity.formula_weight 
_entity.pdbx_number_of_molecules 
_entity.pdbx_ec 
_entity.pdbx_mutation 
_entity.pdbx_fragment 
_entity.details 
1 polymer     syn "5'-R(*CP*(5BU)P*UP*GP*CP*UP*GP*AP*GP*GP*UP*GP*CP*AP*CP*AP*CP*AP*GP*CP*AP*AP*G)-3'" 7481.368 2  ? ? ? 
'HIV-1 DIS RNA' 
2 non-polymer syn 'MANGANESE (II) ION'                                                                54.938   12 ? ? ? ? 
# 
_entity_poly.entity_id                      1 
_entity_poly.type                           polyribonucleotide 
_entity_poly.nstd_linkage                   no 
_entity_poly.nstd_monomer                   yes 
_entity_poly.pdbx_seq_one_letter_code       'C(5BU)UGCUGAGGUGCACACAGCAAG' 
_entity_poly.pdbx_seq_one_letter_code_can   CUUGCUGAGGUGCACACAGCAAG 
_entity_poly.pdbx_strand_id                 A,B 
_entity_poly.pdbx_target_identifier         ? 
# 
_pdbx_entity_nonpoly.entity_id   2 
_pdbx_entity_nonpoly.name        'MANGANESE (II) ION' 
_pdbx_entity_nonpoly.comp_id     MN 
# 
loop_
_entity_poly_seq.entity_id 
_entity_poly_seq.num 
_entity_poly_seq.mon_id 
_entity_poly_seq.hetero 
1 1  C   n 
1 2  5BU n 
1 3  U   n 
1 4  G   n 
1 5  C   n 
1 6  U   n 
1 7  G   n 
1 8  A   n 
1 9  G   n 
1 10 G   n 
1 11 U   n 
1 12 G   n 
1 13 C   n 
1 14 A   n 
1 15 C   n 
1 16 A   n 
1 17 C   n 
1 18 A   n 
1 19 G   n 
1 20 C   n 
1 21 A   n 
1 22 A   n 
1 23 G   n 
# 
loop_
_chem_comp.id 
_chem_comp.type 
_chem_comp.mon_nstd_flag 
_chem_comp.name 
_chem_comp.pdbx_synonyms 
_chem_comp.formula 
_chem_comp.formula_weight 
5BU 'RNA linking' n "5-BROMO-URIDINE-5'-MONOPHOSPHATE" ? 'C9 H12 Br N2 O9 P' 403.077 
A   'RNA linking' y "ADENOSINE-5'-MONOPHOSPHATE"       ? 'C10 H14 N5 O7 P'   347.221 
C   'RNA linking' y "CYTIDINE-5'-MONOPHOSPHATE"        ? 'C9 H14 N3 O8 P'    323.197 
G   'RNA linking' y "GUANOSINE-5'-MONOPHOSPHATE"       ? 'C10 H14 N5 O8 P'   363.221 
MN  non-polymer   . 'MANGANESE (II) ION'               ? 'Mn 2'              54.938  
U   'RNA linking' y "URIDINE-5'-MONOPHOSPHATE"         ? 'C9 H13 N2 O9 P'    324.181 
# 
loop_
_pdbx_poly_seq_scheme.asym_id 
_pdbx_poly_seq_scheme.entity_id 
_pdbx_poly_seq_scheme.seq_id 
_pdbx_poly_seq_scheme.mon_id 
_pdbx_poly_seq_scheme.ndb_seq_num 
_pdbx_poly_seq_scheme.pdb_seq_num 
_pdbx_poly_seq_scheme.auth_seq_num 
_pdbx_poly_seq_scheme.pdb_mon_id 
_pdbx_poly_seq_scheme.auth_mon_id 
_pdbx_poly_seq_scheme.pdb_strand_id 
_pdbx_poly_seq_scheme.pdb_ins_code 
_pdbx_poly_seq_scheme.hetero 
A 1 1  C   1  1  1  C   C   A . n 
A 1 2  5BU 2  2  2  5BU 5BU A . n 
A 1 3  U   3  3  3  U   U   A . n 
A 1 4  G   4  4  4  G   G   A . n 
A 1 5  C   5  5  5  C   C   A . n 
A 1 6  U   6  6  6  U   U   A . n 
A 1 7  G   7  7  7  G   G   A . n 
A 1 8  A   8  8  8  A   A   A . n 
A 1 9  G   9  9  9  G   G   A . n 
A 1 10 G   10 10 10 G   G   A . n 
A 1 11 U   11 11 11 U   U   A . n 
A 1 12 G   12 12 12 G   G   A . n 
A 1 13 C   13 13 13 C   C   A . n 
A 1 14 A   14 14 14 A   A   A . n 
A 1 15 C   15 15 15 C   C   A . n 
A 1 16 A   16 16 16 A   A   A . n 
A 1 17 C   17 17 17 C   C   A . n 
A 1 18 A   18 18 18 A   A   A . n 
A 1 19 G   19 19 19 G   G   A . n 
A 1 20 C   20 20 20 C   C   A . n 
A 1 21 A   21 21 21 A   A   A . n 
A 1 22 A   22 22 22 A   A   A . n 
A 1 23 G   23 23 23 G   G   A . n 
B 1 1  C   1  1  1  C   C   B . n 
B 1 2  5BU 2  2  2  5BU 5BU B . n 
B 1 3  U   3  3  3  U   U   B . n 
B 1 4  G   4  4  4  G   G   B . n 
B 1 5  C   5  5  5  C   C   B . n 
B 1 6  U   6  6  6  U   U   B . n 
B 1 7  G   7  7  7  G   G   B . n 
B 1 8  A   8  8  8  A   A   B . n 
B 1 9  G   9  9  9  G   G   B . n 
B 1 10 G   10 10 10 G   G   B . n 
B 1 11 U   11 11 11 U   U   B . n 
B 1 12 G   12 12 12 G   G   B . n 
B 1 13 C   13 13 13 C   C   B . n 
B 1 14 A   14 14 14 A   A   B . n 
B 1 15 C   15 15 15 C   C   B . n 
B 1 16 A   16 16 16 A   A   B . n 
B 1 17 C   17 17 17 C   C   B . n 
B 1 18 A   18 18 18 A   A   B . n 
B 1 19 G   19 19 19 G   G   B . n 
B 1 20 C   20 20 20 C   C   B . n 
B 1 21 A   21 21 21 A   A   B . n 
B 1 22 A   22 22 22 A   A   B . n 
B 1 23 G   23 23 23 G   G   B . n 
# 
loop_
_pdbx_nonpoly_scheme.asym_id 
_pdbx_nonpoly_scheme.entity_id 
_pdbx_nonpoly_scheme.mon_id 
_pdbx_nonpoly_scheme.ndb_seq_num 
_pdbx_nonpoly_scheme.pdb_seq_num 
_pdbx_nonpoly_scheme.auth_seq_num 
_pdbx_nonpoly_scheme.pdb_mon_id 
_pdbx_nonpoly_scheme.auth_mon_id 
_pdbx_nonpoly_scheme.pdb_strand_id 
_pdbx_nonpoly_scheme.pdb_ins_code 
C 2 MN 1 101 101 MN MN A . 
D 2 MN 1 107 107 MN MN A . 
E 2 MN 1 109 109 MN MN A . 
F 2 MN 1 110 110 MN MN A . 
G 2 MN 1 111 111 MN MN A . 
H 2 MN 1 102 102 MN MN B . 
I 2 MN 1 103 103 MN MN B . 
J 2 MN 1 104 104 MN MN B . 
K 2 MN 1 105 105 MN MN B . 
L 2 MN 1 106 106 MN MN B . 
M 2 MN 1 108 108 MN MN B . 
N 2 MN 1 112 112 MN MN B . 
# 
loop_
_software.name 
_software.classification 
_software.version 
_software.citation_id 
_software.pdbx_ordinal 
CNS       refinement       0.4 ? 1 
DENZO     'data reduction' .   ? 2 
SCALEPACK 'data scaling'   .   ? 3 
CNS       phasing          .   ? 4 
# 
_cell.entry_id           1Y90 
_cell.length_a           59.080 
_cell.length_b           59.080 
_cell.length_c           63.659 
_cell.angle_alpha        90.00 
_cell.angle_beta         90.00 
_cell.angle_gamma        120.00 
_cell.Z_PDB              12 
_cell.pdbx_unique_axis   ? 
# 
_symmetry.entry_id                         1Y90 
_symmetry.space_group_name_H-M             'P 31 2 1' 
_symmetry.pdbx_full_space_group_name_H-M   ? 
_symmetry.cell_setting                     ? 
_symmetry.Int_Tables_number                152 
_symmetry.space_group_name_Hall            ? 
# 
_exptl.entry_id          1Y90 
_exptl.method            'X-RAY DIFFRACTION' 
_exptl.crystals_number   1 
# 
_exptl_crystal.id                    1 
_exptl_crystal.density_meas          ? 
_exptl_crystal.density_Matthews      2.14 
_exptl_crystal.density_percent_sol   50 
_exptl_crystal.description           ? 
_exptl_crystal.F_000                 ? 
_exptl_crystal.preparation           ? 
# 
_exptl_crystal_grow.crystal_id      1 
_exptl_crystal_grow.method          'VAPOR DIFFUSION, SITTING DROP' 
_exptl_crystal_grow.temp            310 
_exptl_crystal_grow.temp_details    ? 
_exptl_crystal_grow.pH              7.0 
_exptl_crystal_grow.pdbx_details    
'MPD, spermine, KCl, MgCl2, Na Cacodylate, pH 7.0, VAPOR DIFFUSION, SITTING DROP, temperature 310K' 
_exptl_crystal_grow.pdbx_pH_range   . 
# 
loop_
_exptl_crystal_grow_comp.crystal_id 
_exptl_crystal_grow_comp.id 
_exptl_crystal_grow_comp.sol_id 
_exptl_crystal_grow_comp.name 
_exptl_crystal_grow_comp.volume 
_exptl_crystal_grow_comp.conc 
_exptl_crystal_grow_comp.details 
1 1  1 MPD             ? ? ? 
1 2  1 spermine        ? ? ? 
1 3  1 KCl             ? ? ? 
1 4  1 MgCl2           ? ? ? 
1 5  1 'Na Cacodylate' ? ? ? 
1 6  1 H2O             ? ? ? 
1 7  2 MPD             ? ? ? 
1 8  2 KCl             ? ? ? 
1 9  2 MgCl2           ? ? ? 
1 10 2 'Na Cacodylate' ? ? ? 
# 
_diffrn.id                     1 
_diffrn.ambient_temp           120 
_diffrn.ambient_temp_details   ? 
_diffrn.crystal_id             1 
# 
_diffrn_detector.diffrn_id              1 
_diffrn_detector.detector               'IMAGE PLATE' 
_diffrn_detector.type                   MACSCIENCE 
_diffrn_detector.pdbx_collection_date   ? 
_diffrn_detector.details                ? 
# 
_diffrn_radiation.diffrn_id                        1 
_diffrn_radiation.wavelength_id                    1 
_diffrn_radiation.pdbx_monochromatic_or_laue_m_l   M 
_diffrn_radiation.monochromator                    mirror 
_diffrn_radiation.pdbx_diffrn_protocol             'SINGLE WAVELENGTH' 
_diffrn_radiation.pdbx_scattering_type             x-ray 
# 
_diffrn_radiation_wavelength.id           1 
_diffrn_radiation_wavelength.wavelength   1.54 
_diffrn_radiation_wavelength.wt           1.0 
# 
_diffrn_source.diffrn_id                   1 
_diffrn_source.source                      'ROTATING ANODE' 
_diffrn_source.type                        ENRAF-NONIUS 
_diffrn_source.pdbx_synchrotron_site       ? 
_diffrn_source.pdbx_synchrotron_beamline   ? 
_diffrn_source.pdbx_wavelength             ? 
_diffrn_source.pdbx_wavelength_list        1.54 
# 
_reflns.entry_id                     1Y90 
_reflns.observed_criterion_sigma_I   0 
_reflns.observed_criterion_sigma_F   0 
_reflns.d_resolution_low             15 
_reflns.d_resolution_high            3.08 
_reflns.number_obs                   2446 
_reflns.number_all                   ? 
_reflns.percent_possible_obs         96.7 
_reflns.pdbx_Rmerge_I_obs            ? 
_reflns.pdbx_Rsym_value              0.052 
_reflns.pdbx_netI_over_sigmaI        ? 
_reflns.B_iso_Wilson_estimate        ? 
_reflns.pdbx_redundancy              3.0 
_reflns.R_free_details               ? 
_reflns.pdbx_chi_squared             ? 
_reflns.pdbx_scaling_rejects         ? 
_reflns.pdbx_diffrn_id               1 
_reflns.pdbx_ordinal                 1 
# 
_reflns_shell.d_res_high             3.08 
_reflns_shell.d_res_low              ? 
_reflns_shell.percent_possible_all   92.1 
_reflns_shell.Rmerge_I_obs           ? 
_reflns_shell.pdbx_Rsym_value        0.112 
_reflns_shell.meanI_over_sigI_obs    ? 
_reflns_shell.pdbx_redundancy        ? 
_reflns_shell.percent_possible_obs   ? 
_reflns_shell.number_unique_all      ? 
_reflns_shell.number_measured_all    ? 
_reflns_shell.number_measured_obs    ? 
_reflns_shell.number_unique_obs      ? 
_reflns_shell.pdbx_chi_squared       ? 
_reflns_shell.pdbx_diffrn_id         ? 
_reflns_shell.pdbx_ordinal           1 
# 
_refine.entry_id                                 1Y90 
_refine.ls_number_reflns_obs                     2373 
_refine.ls_number_reflns_all                     2446 
_refine.pdbx_ls_sigma_I                          ? 
_refine.pdbx_ls_sigma_F                          0.0 
_refine.pdbx_data_cutoff_high_absF               439218.88 
_refine.pdbx_data_cutoff_low_absF                0.000000 
_refine.pdbx_data_cutoff_high_rms_absF           ? 
_refine.ls_d_res_low                             10.00 
_refine.ls_d_res_high                            3.08 
_refine.ls_percent_reflns_obs                    95.8 
_refine.ls_R_factor_obs                          0.194 
_refine.ls_R_factor_all                          ? 
_refine.ls_R_factor_R_work                       0.194 
_refine.ls_R_factor_R_free                       0.244 
_refine.ls_R_factor_R_free_error                 0.018 
_refine.ls_R_factor_R_free_error_details         ? 
_refine.ls_percent_reflns_R_free                 7.9 
_refine.ls_number_reflns_R_free                  187 
_refine.ls_number_parameters                     ? 
_refine.ls_number_restraints                     ? 
_refine.occupancy_min                            ? 
_refine.occupancy_max                            ? 
_refine.correlation_coeff_Fo_to_Fc               ? 
_refine.correlation_coeff_Fo_to_Fc_free          ? 
_refine.B_iso_mean                               47.0 
_refine.aniso_B[1][1]                            0.98 
_refine.aniso_B[2][2]                            0.98 
_refine.aniso_B[3][3]                            -1.95 
_refine.aniso_B[1][2]                            2.11 
_refine.aniso_B[1][3]                            0.00 
_refine.aniso_B[2][3]                            0.00 
_refine.solvent_model_details                    'FLAT MODEL' 
_refine.solvent_model_param_ksol                 0.262868 
_refine.solvent_model_param_bsol                 16.3725 
_refine.pdbx_solvent_vdw_probe_radii             ? 
_refine.pdbx_solvent_ion_probe_radii             ? 
_refine.pdbx_solvent_shrinkage_radii             ? 
_refine.pdbx_ls_cross_valid_method               THROUGHOUT 
_refine.details                                  ? 
_refine.pdbx_starting_model                      ? 
_refine.pdbx_method_to_determine_struct          'FOURIER SYNTHESIS' 
_refine.pdbx_isotropic_thermal_model             RESTRAINED 
_refine.pdbx_stereochemistry_target_values       ? 
_refine.pdbx_stereochem_target_val_spec_case     ? 
_refine.pdbx_R_Free_selection_details            RANDOM 
_refine.pdbx_overall_ESU_R                       ? 
_refine.pdbx_overall_ESU_R_Free                  ? 
_refine.overall_SU_ML                            ? 
_refine.overall_SU_B                             ? 
_refine.ls_redundancy_reflns_obs                 ? 
_refine.overall_SU_R_Cruickshank_DPI             ? 
_refine.overall_SU_R_free                        ? 
_refine.ls_wR_factor_R_free                      ? 
_refine.ls_wR_factor_R_work                      ? 
_refine.overall_FOM_free_R_set                   ? 
_refine.overall_FOM_work_R_set                   ? 
_refine.pdbx_refine_id                           'X-RAY DIFFRACTION' 
_refine.pdbx_diffrn_id                           1 
_refine.pdbx_TLS_residual_ADP_flag               ? 
_refine.pdbx_overall_phase_error                 ? 
_refine.pdbx_overall_SU_R_free_Cruickshank_DPI   ? 
_refine.pdbx_overall_SU_R_Blow_DPI               ? 
_refine.pdbx_overall_SU_R_free_Blow_DPI          ? 
# 
_refine_analyze.entry_id                        1Y90 
_refine_analyze.Luzzati_coordinate_error_obs    0.33 
_refine_analyze.Luzzati_sigma_a_obs             0.23 
_refine_analyze.Luzzati_d_res_low_obs           10.00 
_refine_analyze.Luzzati_coordinate_error_free   0.41 
_refine_analyze.Luzzati_sigma_a_free            0.28 
_refine_analyze.Luzzati_d_res_low_free          ? 
_refine_analyze.number_disordered_residues      ? 
_refine_analyze.occupancy_sum_hydrogen          ? 
_refine_analyze.occupancy_sum_non_hydrogen      ? 
_refine_analyze.pdbx_refine_id                  'X-RAY DIFFRACTION' 
# 
_refine_hist.pdbx_refine_id                   'X-RAY DIFFRACTION' 
_refine_hist.cycle_id                         LAST 
_refine_hist.pdbx_number_atoms_protein        0 
_refine_hist.pdbx_number_atoms_nucleic_acid   1050 
_refine_hist.pdbx_number_atoms_ligand         12 
_refine_hist.number_atoms_solvent             0 
_refine_hist.number_atoms_total               1062 
_refine_hist.d_res_high                       3.08 
_refine_hist.d_res_low                        10.00 
# 
loop_
_refine_ls_restr.type 
_refine_ls_restr.dev_ideal 
_refine_ls_restr.dev_ideal_target 
_refine_ls_restr.weight 
_refine_ls_restr.number 
_refine_ls_restr.pdbx_refine_id 
_refine_ls_restr.pdbx_restraint_function 
c_bond_d                0.004 ? ? ? 'X-RAY DIFFRACTION' ? 
c_bond_d_na             ?     ? ? ? 'X-RAY DIFFRACTION' ? 
c_bond_d_prot           ?     ? ? ? 'X-RAY DIFFRACTION' ? 
c_angle_d               ?     ? ? ? 'X-RAY DIFFRACTION' ? 
c_angle_d_na            ?     ? ? ? 'X-RAY DIFFRACTION' ? 
c_angle_d_prot          ?     ? ? ? 'X-RAY DIFFRACTION' ? 
c_angle_deg             0.8   ? ? ? 'X-RAY DIFFRACTION' ? 
c_angle_deg_na          ?     ? ? ? 'X-RAY DIFFRACTION' ? 
c_angle_deg_prot        ?     ? ? ? 'X-RAY DIFFRACTION' ? 
c_dihedral_angle_d      10.6  ? ? ? 'X-RAY DIFFRACTION' ? 
c_dihedral_angle_d_na   ?     ? ? ? 'X-RAY DIFFRACTION' ? 
c_dihedral_angle_d_prot ?     ? ? ? 'X-RAY DIFFRACTION' ? 
c_improper_angle_d      1.33  ? ? ? 'X-RAY DIFFRACTION' ? 
c_improper_angle_d_na   ?     ? ? ? 'X-RAY DIFFRACTION' ? 
c_improper_angle_d_prot ?     ? ? ? 'X-RAY DIFFRACTION' ? 
c_mcbond_it             ?     ? ? ? 'X-RAY DIFFRACTION' ? 
c_mcangle_it            ?     ? ? ? 'X-RAY DIFFRACTION' ? 
c_scbond_it             ?     ? ? ? 'X-RAY DIFFRACTION' ? 
c_scangle_it            ?     ? ? ? 'X-RAY DIFFRACTION' ? 
# 
_refine_ls_shell.pdbx_total_number_of_bins_used   6 
_refine_ls_shell.d_res_high                       3.08 
_refine_ls_shell.d_res_low                        3.27 
_refine_ls_shell.number_reflns_R_work             345 
_refine_ls_shell.R_factor_R_work                  0.255 
_refine_ls_shell.percent_reflns_obs               92.9 
_refine_ls_shell.R_factor_R_free                  0.271 
_refine_ls_shell.R_factor_R_free_error            0.047 
_refine_ls_shell.percent_reflns_R_free            8.7 
_refine_ls_shell.number_reflns_R_free             33 
_refine_ls_shell.redundancy_reflns_obs            ? 
_refine_ls_shell.pdbx_refine_id                   'X-RAY DIFFRACTION' 
_refine_ls_shell.number_reflns_all                ? 
_refine_ls_shell.R_factor_all                     ? 
# 
loop_
_pdbx_xplor_file.serial_no 
_pdbx_xplor_file.param_file 
_pdbx_xplor_file.topol_file 
_pdbx_xplor_file.pdbx_refine_id 
1 DNA-RNA_REP.PARAM.UPDATE2 DNA-RNA.TOP 'X-RAY DIFFRACTION' 
2 WATER_REP.PARAM           WATER.TOP   'X-RAY DIFFRACTION' 
3 ION.PARAM                 ION.TOP     'X-RAY DIFFRACTION' 
# 
_struct.entry_id                  1Y90 
_struct.title                     'HIV-1 Dis(Mal) Duplex Mn-Soaked' 
_struct.pdbx_model_details        ? 
_struct.pdbx_CASP_flag            ? 
_struct.pdbx_model_type_details   ? 
# 
_struct_keywords.entry_id        1Y90 
_struct_keywords.pdbx_keywords   RNA 
_struct_keywords.text            'HIV-1, RNA, metal ions, bulge' 
# 
loop_
_struct_asym.id 
_struct_asym.pdbx_blank_PDB_chainid_flag 
_struct_asym.pdbx_modified 
_struct_asym.entity_id 
_struct_asym.details 
A N N 1 ? 
B N N 1 ? 
C N N 2 ? 
D N N 2 ? 
E N N 2 ? 
F N N 2 ? 
G N N 2 ? 
H N N 2 ? 
I N N 2 ? 
J N N 2 ? 
K N N 2 ? 
L N N 2 ? 
M N N 2 ? 
N N N 2 ? 
# 
_struct_ref.id                         1 
_struct_ref.entity_id                  1 
_struct_ref.db_name                    PDB 
_struct_ref.db_code                    1Y90 
_struct_ref.pdbx_db_accession          1Y90 
_struct_ref.pdbx_db_isoform            ? 
_struct_ref.pdbx_seq_one_letter_code   ? 
_struct_ref.pdbx_align_begin           ? 
# 
loop_
_struct_ref_seq.align_id 
_struct_ref_seq.ref_id 
_struct_ref_seq.pdbx_PDB_id_code 
_struct_ref_seq.pdbx_strand_id 
_struct_ref_seq.seq_align_beg 
_struct_ref_seq.pdbx_seq_align_beg_ins_code 
_struct_ref_seq.seq_align_end 
_struct_ref_seq.pdbx_seq_align_end_ins_code 
_struct_ref_seq.pdbx_db_accession 
_struct_ref_seq.db_align_beg 
_struct_ref_seq.pdbx_db_align_beg_ins_code 
_struct_ref_seq.db_align_end 
_struct_ref_seq.pdbx_db_align_end_ins_code 
_struct_ref_seq.pdbx_auth_seq_align_beg 
_struct_ref_seq.pdbx_auth_seq_align_end 
1 1 1Y90 A 1 ? 23 ? 1Y90 1 ? 23 ? 1 23 
2 1 1Y90 B 1 ? 23 ? 1Y90 1 ? 23 ? 1 23 
# 
_pdbx_struct_assembly.id                   1 
_pdbx_struct_assembly.details              author_defined_assembly 
_pdbx_struct_assembly.method_details       ? 
_pdbx_struct_assembly.oligomeric_details   dimeric 
_pdbx_struct_assembly.oligomeric_count     2 
# 
_pdbx_struct_assembly_gen.assembly_id       1 
_pdbx_struct_assembly_gen.oper_expression   1 
_pdbx_struct_assembly_gen.asym_id_list      A,B,C,D,E,F,G,H,I,J,K,L,M,N 
# 
_pdbx_struct_oper_list.id                   1 
_pdbx_struct_oper_list.type                 'identity operation' 
_pdbx_struct_oper_list.name                 1_555 
_pdbx_struct_oper_list.symmetry_operation   x,y,z 
_pdbx_struct_oper_list.matrix[1][1]         1.0000000000 
_pdbx_struct_oper_list.matrix[1][2]         0.0000000000 
_pdbx_struct_oper_list.matrix[1][3]         0.0000000000 
_pdbx_struct_oper_list.vector[1]            0.0000000000 
_pdbx_struct_oper_list.matrix[2][1]         0.0000000000 
_pdbx_struct_oper_list.matrix[2][2]         1.0000000000 
_pdbx_struct_oper_list.matrix[2][3]         0.0000000000 
_pdbx_struct_oper_list.vector[2]            0.0000000000 
_pdbx_struct_oper_list.matrix[3][1]         0.0000000000 
_pdbx_struct_oper_list.matrix[3][2]         0.0000000000 
_pdbx_struct_oper_list.matrix[3][3]         1.0000000000 
_pdbx_struct_oper_list.vector[3]            0.0000000000 
# 
_struct_biol.id                    1 
_struct_biol.pdbx_parent_biol_id   ? 
_struct_biol.details               ? 
# 
loop_
_struct_conn.id 
_struct_conn.conn_type_id 
_struct_conn.pdbx_leaving_atom_flag 
_struct_conn.pdbx_PDB_id 
_struct_conn.ptnr1_label_asym_id 
_struct_conn.ptnr1_label_comp_id 
_struct_conn.ptnr1_label_seq_id 
_struct_conn.ptnr1_label_atom_id 
_struct_conn.pdbx_ptnr1_label_alt_id 
_struct_conn.pdbx_ptnr1_PDB_ins_code 
_struct_conn.pdbx_ptnr1_standard_comp_id 
_struct_conn.ptnr1_symmetry 
_struct_conn.ptnr2_label_asym_id 
_struct_conn.ptnr2_label_comp_id 
_struct_conn.ptnr2_label_seq_id 
_struct_conn.ptnr2_label_atom_id 
_struct_conn.pdbx_ptnr2_label_alt_id 
_struct_conn.pdbx_ptnr2_PDB_ins_code 
_struct_conn.ptnr1_auth_asym_id 
_struct_conn.ptnr1_auth_comp_id 
_struct_conn.ptnr1_auth_seq_id 
_struct_conn.ptnr2_auth_asym_id 
_struct_conn.ptnr2_auth_comp_id 
_struct_conn.ptnr2_auth_seq_id 
_struct_conn.ptnr2_symmetry 
_struct_conn.pdbx_ptnr3_label_atom_id 
_struct_conn.pdbx_ptnr3_label_seq_id 
_struct_conn.pdbx_ptnr3_label_comp_id 
_struct_conn.pdbx_ptnr3_label_asym_id 
_struct_conn.pdbx_ptnr3_label_alt_id 
_struct_conn.pdbx_ptnr3_PDB_ins_code 
_struct_conn.details 
_struct_conn.pdbx_dist_value 
_struct_conn.pdbx_value_order 
_struct_conn.pdbx_role 
covale1  covale both ? A C   1  "O3'" ? ? ? 1_555 A 5BU 2  P  ? ? A C   1  A 5BU 2   1_555 ? ? ? ? ? ? ?            1.605 ? ? 
covale2  covale both ? A 5BU 2  "O3'" ? ? ? 1_555 A U   3  P  ? ? A 5BU 2  A U   3   1_555 ? ? ? ? ? ? ?            1.602 ? ? 
covale3  covale both ? B C   1  "O3'" ? ? ? 1_555 B 5BU 2  P  ? ? B C   1  B 5BU 2   1_555 ? ? ? ? ? ? ?            1.609 ? ? 
covale4  covale both ? B 5BU 2  "O3'" ? ? ? 1_555 B U   3  P  ? ? B 5BU 2  B U   3   1_555 ? ? ? ? ? ? ?            1.607 ? ? 
metalc1  metalc ?    ? A A   8  OP2   ? ? ? 1_555 D MN  .  MN ? ? A A   8  A MN  107 1_555 ? ? ? ? ? ? ?            2.426 ? ? 
metalc2  metalc ?    ? A G   9  N7    ? ? ? 1_555 D MN  .  MN ? ? A G   9  A MN  107 1_555 ? ? ? ? ? ? ?            2.564 ? ? 
metalc3  metalc ?    ? A G   9  OP1   ? ? ? 1_555 H MN  .  MN ? ? A G   9  B MN  102 1_555 ? ? ? ? ? ? ?            2.513 ? ? 
metalc4  metalc ?    ? B G   4  O6    ? ? ? 1_555 J MN  .  MN ? ? B G   4  B MN  104 1_555 ? ? ? ? ? ? ?            2.688 ? ? 
metalc5  metalc ?    ? B A   8  OP2   B ? ? 1_555 L MN  .  MN ? ? B A   8  B MN  106 1_555 ? ? ? ? ? ? ?            2.332 ? ? 
metalc6  metalc ?    ? B A   8  OP2   A ? ? 1_555 L MN  .  MN ? ? B A   8  B MN  106 1_555 ? ? ? ? ? ? ?            2.603 ? ? 
metalc7  metalc ?    ? B G   9  OP1   B ? ? 1_555 H MN  .  MN ? ? B G   9  B MN  102 1_555 ? ? ? ? ? ? ?            2.255 ? ? 
metalc8  metalc ?    ? B G   9  OP2   A ? ? 1_555 H MN  .  MN ? ? B G   9  B MN  102 1_555 ? ? ? ? ? ? ?            2.483 ? ? 
metalc9  metalc ?    ? B G   9  N7    B ? ? 1_555 L MN  .  MN ? ? B G   9  B MN  106 1_555 ? ? ? ? ? ? ?            2.223 ? ? 
metalc10 metalc ?    ? B G   9  N7    A ? ? 1_555 L MN  .  MN ? ? B G   9  B MN  106 1_555 ? ? ? ? ? ? ?            2.349 ? ? 
hydrog1  hydrog ?    ? A C   1  N3    ? ? ? 1_555 B G   23 N1 ? ? A C   1  B G   23  1_555 ? ? ? ? ? ? WATSON-CRICK ?     ? ? 
hydrog2  hydrog ?    ? A C   1  N4    ? ? ? 1_555 B G   23 O6 ? ? A C   1  B G   23  1_555 ? ? ? ? ? ? WATSON-CRICK ?     ? ? 
hydrog3  hydrog ?    ? A C   1  O2    ? ? ? 1_555 B G   23 N2 ? ? A C   1  B G   23  1_555 ? ? ? ? ? ? WATSON-CRICK ?     ? ? 
hydrog4  hydrog ?    ? A 5BU 2  N3    ? ? ? 1_555 B A   22 N1 ? ? A 5BU 2  B A   22  1_555 ? ? ? ? ? ? WATSON-CRICK ?     ? ? 
hydrog5  hydrog ?    ? A 5BU 2  O4    ? ? ? 1_555 B A   22 N6 ? ? A 5BU 2  B A   22  1_555 ? ? ? ? ? ? WATSON-CRICK ?     ? ? 
hydrog6  hydrog ?    ? A U   3  N3    ? ? ? 1_555 B A   21 N1 ? ? A U   3  B A   21  1_555 ? ? ? ? ? ? WATSON-CRICK ?     ? ? 
hydrog7  hydrog ?    ? A U   3  O4    ? ? ? 1_555 B A   21 N6 ? ? A U   3  B A   21  1_555 ? ? ? ? ? ? WATSON-CRICK ?     ? ? 
hydrog8  hydrog ?    ? A G   4  N1    ? ? ? 1_555 B C   20 N3 ? ? A G   4  B C   20  1_555 ? ? ? ? ? ? WATSON-CRICK ?     ? ? 
hydrog9  hydrog ?    ? A G   4  N2    ? ? ? 1_555 B C   20 O2 ? ? A G   4  B C   20  1_555 ? ? ? ? ? ? WATSON-CRICK ?     ? ? 
hydrog10 hydrog ?    ? A G   4  O6    ? ? ? 1_555 B C   20 N4 ? ? A G   4  B C   20  1_555 ? ? ? ? ? ? WATSON-CRICK ?     ? ? 
hydrog11 hydrog ?    ? A C   5  N3    ? ? ? 1_555 B G   19 N1 ? ? A C   5  B G   19  1_555 ? ? ? ? ? ? WATSON-CRICK ?     ? ? 
hydrog12 hydrog ?    ? A C   5  N4    ? ? ? 1_555 B G   19 O6 ? ? A C   5  B G   19  1_555 ? ? ? ? ? ? WATSON-CRICK ?     ? ? 
hydrog13 hydrog ?    ? A C   5  O2    ? ? ? 1_555 B G   19 N2 ? ? A C   5  B G   19  1_555 ? ? ? ? ? ? WATSON-CRICK ?     ? ? 
hydrog14 hydrog ?    ? A U   6  N3    ? ? ? 1_555 B A   18 N1 ? ? A U   6  B A   18  1_555 ? ? ? ? ? ? WATSON-CRICK ?     ? ? 
hydrog15 hydrog ?    ? A U   6  O4    ? ? ? 1_555 B A   18 N6 ? ? A U   6  B A   18  1_555 ? ? ? ? ? ? WATSON-CRICK ?     ? ? 
hydrog16 hydrog ?    ? A G   7  N1    ? ? ? 1_555 B C   17 N3 ? ? A G   7  B C   17  1_555 ? ? ? ? ? ? WATSON-CRICK ?     ? ? 
hydrog17 hydrog ?    ? A G   7  N2    ? ? ? 1_555 B C   17 O2 ? ? A G   7  B C   17  1_555 ? ? ? ? ? ? WATSON-CRICK ?     ? ? 
hydrog18 hydrog ?    ? A G   7  O6    ? ? ? 1_555 B C   17 N4 ? ? A G   7  B C   17  1_555 ? ? ? ? ? ? WATSON-CRICK ?     ? ? 
hydrog19 hydrog ?    ? A G   9  N1    ? ? ? 1_555 B A   16 N1 ? ? A G   9  B A   16  1_555 ? ? ? ? ? ? TYPE_8_PAIR  ?     ? ? 
hydrog20 hydrog ?    ? A G   9  O6    ? ? ? 1_555 B A   16 N6 ? ? A G   9  B A   16  1_555 ? ? ? ? ? ? TYPE_8_PAIR  ?     ? ? 
hydrog21 hydrog ?    ? A G   10 N1    ? ? ? 1_555 B C   15 N3 ? ? A G   10 B C   15  1_555 ? ? ? ? ? ? WATSON-CRICK ?     ? ? 
hydrog22 hydrog ?    ? A G   10 N2    ? ? ? 1_555 B C   15 O2 ? ? A G   10 B C   15  1_555 ? ? ? ? ? ? WATSON-CRICK ?     ? ? 
hydrog23 hydrog ?    ? A G   10 O6    ? ? ? 1_555 B C   15 N4 ? ? A G   10 B C   15  1_555 ? ? ? ? ? ? WATSON-CRICK ?     ? ? 
hydrog24 hydrog ?    ? A U   11 N3    ? ? ? 1_555 B A   14 N1 ? ? A U   11 B A   14  1_555 ? ? ? ? ? ? WATSON-CRICK ?     ? ? 
hydrog25 hydrog ?    ? A U   11 O4    ? ? ? 1_555 B A   14 N6 ? ? A U   11 B A   14  1_555 ? ? ? ? ? ? WATSON-CRICK ?     ? ? 
hydrog26 hydrog ?    ? A G   12 N1    ? ? ? 1_555 B C   13 N3 ? ? A G   12 B C   13  1_555 ? ? ? ? ? ? WATSON-CRICK ?     ? ? 
hydrog27 hydrog ?    ? A G   12 N2    ? ? ? 1_555 B C   13 O2 ? ? A G   12 B C   13  1_555 ? ? ? ? ? ? WATSON-CRICK ?     ? ? 
hydrog28 hydrog ?    ? A G   12 O6    ? ? ? 1_555 B C   13 N4 ? ? A G   12 B C   13  1_555 ? ? ? ? ? ? WATSON-CRICK ?     ? ? 
hydrog29 hydrog ?    ? A C   13 N3    ? ? ? 1_555 B G   12 N1 ? ? A C   13 B G   12  1_555 ? ? ? ? ? ? WATSON-CRICK ?     ? ? 
hydrog30 hydrog ?    ? A C   13 N4    ? ? ? 1_555 B G   12 O6 ? ? A C   13 B G   12  1_555 ? ? ? ? ? ? WATSON-CRICK ?     ? ? 
hydrog31 hydrog ?    ? A C   13 O2    ? ? ? 1_555 B G   12 N2 ? ? A C   13 B G   12  1_555 ? ? ? ? ? ? WATSON-CRICK ?     ? ? 
hydrog32 hydrog ?    ? A A   14 N1    ? ? ? 1_555 B U   11 N3 ? ? A A   14 B U   11  1_555 ? ? ? ? ? ? WATSON-CRICK ?     ? ? 
hydrog33 hydrog ?    ? A A   14 N6    ? ? ? 1_555 B U   11 O4 ? ? A A   14 B U   11  1_555 ? ? ? ? ? ? WATSON-CRICK ?     ? ? 
hydrog34 hydrog ?    ? A C   15 N3    ? ? ? 1_555 B G   10 N1 ? ? A C   15 B G   10  1_555 ? ? ? ? ? ? WATSON-CRICK ?     ? ? 
hydrog35 hydrog ?    ? A C   15 N4    ? ? ? 1_555 B G   10 O6 ? ? A C   15 B G   10  1_555 ? ? ? ? ? ? WATSON-CRICK ?     ? ? 
hydrog36 hydrog ?    ? A C   15 O2    ? ? ? 1_555 B G   10 N2 ? ? A C   15 B G   10  1_555 ? ? ? ? ? ? WATSON-CRICK ?     ? ? 
hydrog37 hydrog ?    ? A A   16 N1    ? ? ? 1_555 B G   9  N1 A ? A A   16 B G   9   1_555 ? ? ? ? ? ? TYPE_8_PAIR  ?     ? ? 
hydrog38 hydrog ?    ? A A   16 N6    ? ? ? 1_555 B G   9  O6 A ? A A   16 B G   9   1_555 ? ? ? ? ? ? TYPE_8_PAIR  ?     ? ? 
hydrog39 hydrog ?    ? A C   17 N3    ? ? ? 1_555 B G   7  N1 A ? A C   17 B G   7   1_555 ? ? ? ? ? ? WATSON-CRICK ?     ? ? 
hydrog40 hydrog ?    ? A C   17 N4    ? ? ? 1_555 B G   7  O6 A ? A C   17 B G   7   1_555 ? ? ? ? ? ? WATSON-CRICK ?     ? ? 
hydrog41 hydrog ?    ? A C   17 O2    ? ? ? 1_555 B G   7  N2 A ? A C   17 B G   7   1_555 ? ? ? ? ? ? WATSON-CRICK ?     ? ? 
hydrog42 hydrog ?    ? A A   18 N1    ? ? ? 1_555 B U   6  N3 ? ? A A   18 B U   6   1_555 ? ? ? ? ? ? WATSON-CRICK ?     ? ? 
hydrog43 hydrog ?    ? A A   18 N6    ? ? ? 1_555 B U   6  O4 ? ? A A   18 B U   6   1_555 ? ? ? ? ? ? WATSON-CRICK ?     ? ? 
hydrog44 hydrog ?    ? A G   19 N1    ? ? ? 1_555 B C   5  N3 ? ? A G   19 B C   5   1_555 ? ? ? ? ? ? WATSON-CRICK ?     ? ? 
hydrog45 hydrog ?    ? A G   19 N2    ? ? ? 1_555 B C   5  O2 ? ? A G   19 B C   5   1_555 ? ? ? ? ? ? WATSON-CRICK ?     ? ? 
hydrog46 hydrog ?    ? A G   19 O6    ? ? ? 1_555 B C   5  N4 ? ? A G   19 B C   5   1_555 ? ? ? ? ? ? WATSON-CRICK ?     ? ? 
hydrog47 hydrog ?    ? A C   20 N3    ? ? ? 1_555 B G   4  N1 ? ? A C   20 B G   4   1_555 ? ? ? ? ? ? WATSON-CRICK ?     ? ? 
hydrog48 hydrog ?    ? A C   20 N4    ? ? ? 1_555 B G   4  O6 ? ? A C   20 B G   4   1_555 ? ? ? ? ? ? WATSON-CRICK ?     ? ? 
hydrog49 hydrog ?    ? A C   20 O2    ? ? ? 1_555 B G   4  N2 ? ? A C   20 B G   4   1_555 ? ? ? ? ? ? WATSON-CRICK ?     ? ? 
hydrog50 hydrog ?    ? A A   21 N1    ? ? ? 1_555 B U   3  N3 ? ? A A   21 B U   3   1_555 ? ? ? ? ? ? WATSON-CRICK ?     ? ? 
hydrog51 hydrog ?    ? A A   21 N6    ? ? ? 1_555 B U   3  O4 ? ? A A   21 B U   3   1_555 ? ? ? ? ? ? WATSON-CRICK ?     ? ? 
hydrog52 hydrog ?    ? A A   22 N1    ? ? ? 1_555 B 5BU 2  N3 ? ? A A   22 B 5BU 2   1_555 ? ? ? ? ? ? WATSON-CRICK ?     ? ? 
hydrog53 hydrog ?    ? A A   22 N6    ? ? ? 1_555 B 5BU 2  O4 ? ? A A   22 B 5BU 2   1_555 ? ? ? ? ? ? WATSON-CRICK ?     ? ? 
hydrog54 hydrog ?    ? A G   23 N1    ? ? ? 1_555 B C   1  N3 ? ? A G   23 B C   1   1_555 ? ? ? ? ? ? WATSON-CRICK ?     ? ? 
hydrog55 hydrog ?    ? A G   23 N2    ? ? ? 1_555 B C   1  O2 ? ? A G   23 B C   1   1_555 ? ? ? ? ? ? WATSON-CRICK ?     ? ? 
hydrog56 hydrog ?    ? A G   23 O6    ? ? ? 1_555 B C   1  N4 ? ? A G   23 B C   1   1_555 ? ? ? ? ? ? WATSON-CRICK ?     ? ? 
# 
loop_
_struct_conn_type.id 
_struct_conn_type.criteria 
_struct_conn_type.reference 
covale ? ? 
metalc ? ? 
hydrog ? ? 
# 
loop_
_pdbx_struct_conn_angle.id 
_pdbx_struct_conn_angle.ptnr1_label_atom_id 
_pdbx_struct_conn_angle.ptnr1_label_alt_id 
_pdbx_struct_conn_angle.ptnr1_label_asym_id 
_pdbx_struct_conn_angle.ptnr1_label_comp_id 
_pdbx_struct_conn_angle.ptnr1_label_seq_id 
_pdbx_struct_conn_angle.ptnr1_auth_atom_id 
_pdbx_struct_conn_angle.ptnr1_auth_asym_id 
_pdbx_struct_conn_angle.ptnr1_auth_comp_id 
_pdbx_struct_conn_angle.ptnr1_auth_seq_id 
_pdbx_struct_conn_angle.ptnr1_PDB_ins_code 
_pdbx_struct_conn_angle.ptnr1_symmetry 
_pdbx_struct_conn_angle.ptnr2_label_atom_id 
_pdbx_struct_conn_angle.ptnr2_label_alt_id 
_pdbx_struct_conn_angle.ptnr2_label_asym_id 
_pdbx_struct_conn_angle.ptnr2_label_comp_id 
_pdbx_struct_conn_angle.ptnr2_label_seq_id 
_pdbx_struct_conn_angle.ptnr2_auth_atom_id 
_pdbx_struct_conn_angle.ptnr2_auth_asym_id 
_pdbx_struct_conn_angle.ptnr2_auth_comp_id 
_pdbx_struct_conn_angle.ptnr2_auth_seq_id 
_pdbx_struct_conn_angle.ptnr2_PDB_ins_code 
_pdbx_struct_conn_angle.ptnr2_symmetry 
_pdbx_struct_conn_angle.ptnr3_label_atom_id 
_pdbx_struct_conn_angle.ptnr3_label_alt_id 
_pdbx_struct_conn_angle.ptnr3_label_asym_id 
_pdbx_struct_conn_angle.ptnr3_label_comp_id 
_pdbx_struct_conn_angle.ptnr3_label_seq_id 
_pdbx_struct_conn_angle.ptnr3_auth_atom_id 
_pdbx_struct_conn_angle.ptnr3_auth_asym_id 
_pdbx_struct_conn_angle.ptnr3_auth_comp_id 
_pdbx_struct_conn_angle.ptnr3_auth_seq_id 
_pdbx_struct_conn_angle.ptnr3_PDB_ins_code 
_pdbx_struct_conn_angle.ptnr3_symmetry 
_pdbx_struct_conn_angle.value 
_pdbx_struct_conn_angle.value_esd 
1  OP2 ? A A 8 ? A A 8 ? 1_555 MN ? D MN . ? A MN 107 ? 1_555 N7  ? A G 9 ? A G 9 ? 1_555 78.8  ? 
2  OP1 ? A G 9 ? A G 9 ? 1_555 MN ? H MN . ? B MN 102 ? 1_555 OP1 B B G 9 ? B G 9 ? 1_555 138.4 ? 
3  OP1 ? A G 9 ? A G 9 ? 1_555 MN ? H MN . ? B MN 102 ? 1_555 OP2 A B G 9 ? B G 9 ? 1_555 157.9 ? 
4  OP1 B B G 9 ? B G 9 ? 1_555 MN ? H MN . ? B MN 102 ? 1_555 OP2 A B G 9 ? B G 9 ? 1_555 42.9  ? 
5  OP2 B B A 8 ? B A 8 ? 1_555 MN ? L MN . ? B MN 106 ? 1_555 OP2 A B A 8 ? B A 8 ? 1_555 13.2  ? 
6  OP2 B B A 8 ? B A 8 ? 1_555 MN ? L MN . ? B MN 106 ? 1_555 N7  B B G 9 ? B G 9 ? 1_555 71.2  ? 
7  OP2 A B A 8 ? B A 8 ? 1_555 MN ? L MN . ? B MN 106 ? 1_555 N7  B B G 9 ? B G 9 ? 1_555 58.1  ? 
8  OP2 B B A 8 ? B A 8 ? 1_555 MN ? L MN . ? B MN 106 ? 1_555 N7  A B G 9 ? B G 9 ? 1_555 82.3  ? 
9  OP2 A B A 8 ? B A 8 ? 1_555 MN ? L MN . ? B MN 106 ? 1_555 N7  A B G 9 ? B G 9 ? 1_555 69.3  ? 
10 N7  B B G 9 ? B G 9 ? 1_555 MN ? L MN . ? B MN 106 ? 1_555 N7  A B G 9 ? B G 9 ? 1_555 13.2  ? 
# 
loop_
_struct_site.id 
_struct_site.pdbx_evidence_code 
_struct_site.pdbx_auth_asym_id 
_struct_site.pdbx_auth_comp_id 
_struct_site.pdbx_auth_seq_id 
_struct_site.pdbx_auth_ins_code 
_struct_site.pdbx_num_residues 
_struct_site.details 
AC1 Software B MN 102 ? 3 'BINDING SITE FOR RESIDUE MN B 102' 
AC2 Software B MN 104 ? 2 'BINDING SITE FOR RESIDUE MN B 104' 
AC3 Software B MN 105 ? 2 'BINDING SITE FOR RESIDUE MN B 105' 
AC4 Software B MN 106 ? 2 'BINDING SITE FOR RESIDUE MN B 106' 
AC5 Software A MN 107 ? 2 'BINDING SITE FOR RESIDUE MN A 107' 
AC6 Software B MN 108 ? 1 'BINDING SITE FOR RESIDUE MN B 108' 
AC7 Software A MN 109 ? 1 'BINDING SITE FOR RESIDUE MN A 109' 
AC8 Software A MN 110 ? 1 'BINDING SITE FOR RESIDUE MN A 110' 
AC9 Software B MN 112 ? 1 'BINDING SITE FOR RESIDUE MN B 112' 
# 
loop_
_struct_site_gen.id 
_struct_site_gen.site_id 
_struct_site_gen.pdbx_num_res 
_struct_site_gen.label_comp_id 
_struct_site_gen.label_asym_id 
_struct_site_gen.label_seq_id 
_struct_site_gen.pdbx_auth_ins_code 
_struct_site_gen.auth_comp_id 
_struct_site_gen.auth_asym_id 
_struct_site_gen.auth_seq_id 
_struct_site_gen.label_atom_id 
_struct_site_gen.label_alt_id 
_struct_site_gen.symmetry 
_struct_site_gen.details 
1  AC1 3 G A 9  ? G A 9  . ? 1_555 ? 
2  AC1 3 A B 8  ? A B 8  . ? 1_555 ? 
3  AC1 3 G B 9  ? G B 9  . ? 1_555 ? 
4  AC2 2 U B 3  ? U B 3  . ? 1_555 ? 
5  AC2 2 G B 4  ? G B 4  . ? 1_555 ? 
6  AC3 2 U B 6  ? U B 6  . ? 1_555 ? 
7  AC3 2 G B 7  ? G B 7  . ? 1_555 ? 
8  AC4 2 A B 8  ? A B 8  . ? 1_555 ? 
9  AC4 2 G B 9  ? G B 9  . ? 1_555 ? 
10 AC5 2 A A 8  ? A A 8  . ? 1_555 ? 
11 AC5 2 G A 9  ? G A 9  . ? 1_555 ? 
12 AC6 1 G B 12 ? G B 12 . ? 1_555 ? 
13 AC7 1 A A 21 ? A A 21 . ? 3_764 ? 
14 AC8 1 A A 22 ? A A 22 . ? 1_555 ? 
15 AC9 1 A B 22 ? A B 22 . ? 1_555 ? 
# 
_pdbx_validate_planes.id              1 
_pdbx_validate_planes.PDB_model_num   1 
_pdbx_validate_planes.auth_comp_id    U 
_pdbx_validate_planes.auth_asym_id    A 
_pdbx_validate_planes.auth_seq_id     3 
_pdbx_validate_planes.PDB_ins_code    ? 
_pdbx_validate_planes.label_alt_id    ? 
_pdbx_validate_planes.rmsd            0.067 
_pdbx_validate_planes.type            'SIDE CHAIN' 
# 
loop_
_pdbx_validate_polymer_linkage.id 
_pdbx_validate_polymer_linkage.PDB_model_num 
_pdbx_validate_polymer_linkage.auth_atom_id_1 
_pdbx_validate_polymer_linkage.auth_asym_id_1 
_pdbx_validate_polymer_linkage.auth_comp_id_1 
_pdbx_validate_polymer_linkage.auth_seq_id_1 
_pdbx_validate_polymer_linkage.PDB_ins_code_1 
_pdbx_validate_polymer_linkage.label_alt_id_1 
_pdbx_validate_polymer_linkage.auth_atom_id_2 
_pdbx_validate_polymer_linkage.auth_asym_id_2 
_pdbx_validate_polymer_linkage.auth_comp_id_2 
_pdbx_validate_polymer_linkage.auth_seq_id_2 
_pdbx_validate_polymer_linkage.PDB_ins_code_2 
_pdbx_validate_polymer_linkage.label_alt_id_2 
_pdbx_validate_polymer_linkage.dist 
1 1 "O3'" B U 6 ? ? P B G 7  ? B 2.60 
2 1 "O3'" B G 9 ? A P B G 10 ? ? 2.62 
# 
loop_
_pdbx_struct_mod_residue.id 
_pdbx_struct_mod_residue.label_asym_id 
_pdbx_struct_mod_residue.label_comp_id 
_pdbx_struct_mod_residue.label_seq_id 
_pdbx_struct_mod_residue.auth_asym_id 
_pdbx_struct_mod_residue.auth_comp_id 
_pdbx_struct_mod_residue.auth_seq_id 
_pdbx_struct_mod_residue.PDB_ins_code 
_pdbx_struct_mod_residue.parent_comp_id 
_pdbx_struct_mod_residue.details 
1 A 5BU 2 A 5BU 2 ? U "5-BROMO-URIDINE-5'-MONOPHOSPHATE" 
2 B 5BU 2 B 5BU 2 ? U "5-BROMO-URIDINE-5'-MONOPHOSPHATE" 
# 
loop_
_chem_comp_atom.comp_id 
_chem_comp_atom.atom_id 
_chem_comp_atom.type_symbol 
_chem_comp_atom.pdbx_aromatic_flag 
_chem_comp_atom.pdbx_stereo_config 
_chem_comp_atom.pdbx_ordinal 
5BU P      P  N N 1   
5BU OP1    O  N N 2   
5BU OP2    O  N N 3   
5BU OP3    O  N N 4   
5BU "O5'"  O  N N 5   
5BU "C5'"  C  N N 6   
5BU "C4'"  C  N R 7   
5BU "O4'"  O  N N 8   
5BU "C3'"  C  N S 9   
5BU "O3'"  O  N N 10  
5BU "C2'"  C  N R 11  
5BU "O2'"  O  N N 12  
5BU "C1'"  C  N R 13  
5BU N1     N  N N 14  
5BU C2     C  N N 15  
5BU O2     O  N N 16  
5BU N3     N  N N 17  
5BU C4     C  N N 18  
5BU O4     O  N N 19  
5BU C5     C  N N 20  
5BU C6     C  N N 21  
5BU BR     BR N N 22  
5BU HOP2   H  N N 23  
5BU HOP3   H  N N 24  
5BU "H5'"  H  N N 25  
5BU "H5''" H  N N 26  
5BU "H4'"  H  N N 27  
5BU "H3'"  H  N N 28  
5BU "HO3'" H  N N 29  
5BU "H2'"  H  N N 30  
5BU "HO2'" H  N N 31  
5BU "H1'"  H  N N 32  
5BU H3     H  N N 33  
5BU H6     H  N N 34  
A   OP3    O  N N 35  
A   P      P  N N 36  
A   OP1    O  N N 37  
A   OP2    O  N N 38  
A   "O5'"  O  N N 39  
A   "C5'"  C  N N 40  
A   "C4'"  C  N R 41  
A   "O4'"  O  N N 42  
A   "C3'"  C  N S 43  
A   "O3'"  O  N N 44  
A   "C2'"  C  N R 45  
A   "O2'"  O  N N 46  
A   "C1'"  C  N R 47  
A   N9     N  Y N 48  
A   C8     C  Y N 49  
A   N7     N  Y N 50  
A   C5     C  Y N 51  
A   C6     C  Y N 52  
A   N6     N  N N 53  
A   N1     N  Y N 54  
A   C2     C  Y N 55  
A   N3     N  Y N 56  
A   C4     C  Y N 57  
A   HOP3   H  N N 58  
A   HOP2   H  N N 59  
A   "H5'"  H  N N 60  
A   "H5''" H  N N 61  
A   "H4'"  H  N N 62  
A   "H3'"  H  N N 63  
A   "HO3'" H  N N 64  
A   "H2'"  H  N N 65  
A   "HO2'" H  N N 66  
A   "H1'"  H  N N 67  
A   H8     H  N N 68  
A   H61    H  N N 69  
A   H62    H  N N 70  
A   H2     H  N N 71  
C   OP3    O  N N 72  
C   P      P  N N 73  
C   OP1    O  N N 74  
C   OP2    O  N N 75  
C   "O5'"  O  N N 76  
C   "C5'"  C  N N 77  
C   "C4'"  C  N R 78  
C   "O4'"  O  N N 79  
C   "C3'"  C  N S 80  
C   "O3'"  O  N N 81  
C   "C2'"  C  N R 82  
C   "O2'"  O  N N 83  
C   "C1'"  C  N R 84  
C   N1     N  N N 85  
C   C2     C  N N 86  
C   O2     O  N N 87  
C   N3     N  N N 88  
C   C4     C  N N 89  
C   N4     N  N N 90  
C   C5     C  N N 91  
C   C6     C  N N 92  
C   HOP3   H  N N 93  
C   HOP2   H  N N 94  
C   "H5'"  H  N N 95  
C   "H5''" H  N N 96  
C   "H4'"  H  N N 97  
C   "H3'"  H  N N 98  
C   "HO3'" H  N N 99  
C   "H2'"  H  N N 100 
C   "HO2'" H  N N 101 
C   "H1'"  H  N N 102 
C   H41    H  N N 103 
C   H42    H  N N 104 
C   H5     H  N N 105 
C   H6     H  N N 106 
G   OP3    O  N N 107 
G   P      P  N N 108 
G   OP1    O  N N 109 
G   OP2    O  N N 110 
G   "O5'"  O  N N 111 
G   "C5'"  C  N N 112 
G   "C4'"  C  N R 113 
G   "O4'"  O  N N 114 
G   "C3'"  C  N S 115 
G   "O3'"  O  N N 116 
G   "C2'"  C  N R 117 
G   "O2'"  O  N N 118 
G   "C1'"  C  N R 119 
G   N9     N  Y N 120 
G   C8     C  Y N 121 
G   N7     N  Y N 122 
G   C5     C  Y N 123 
G   C6     C  N N 124 
G   O6     O  N N 125 
G   N1     N  N N 126 
G   C2     C  N N 127 
G   N2     N  N N 128 
G   N3     N  N N 129 
G   C4     C  Y N 130 
G   HOP3   H  N N 131 
G   HOP2   H  N N 132 
G   "H5'"  H  N N 133 
G   "H5''" H  N N 134 
G   "H4'"  H  N N 135 
G   "H3'"  H  N N 136 
G   "HO3'" H  N N 137 
G   "H2'"  H  N N 138 
G   "HO2'" H  N N 139 
G   "H1'"  H  N N 140 
G   H8     H  N N 141 
G   H1     H  N N 142 
G   H21    H  N N 143 
G   H22    H  N N 144 
MN  MN     MN N N 145 
U   OP3    O  N N 146 
U   P      P  N N 147 
U   OP1    O  N N 148 
U   OP2    O  N N 149 
U   "O5'"  O  N N 150 
U   "C5'"  C  N N 151 
U   "C4'"  C  N R 152 
U   "O4'"  O  N N 153 
U   "C3'"  C  N S 154 
U   "O3'"  O  N N 155 
U   "C2'"  C  N R 156 
U   "O2'"  O  N N 157 
U   "C1'"  C  N R 158 
U   N1     N  N N 159 
U   C2     C  N N 160 
U   O2     O  N N 161 
U   N3     N  N N 162 
U   C4     C  N N 163 
U   O4     O  N N 164 
U   C5     C  N N 165 
U   C6     C  N N 166 
U   HOP3   H  N N 167 
U   HOP2   H  N N 168 
U   "H5'"  H  N N 169 
U   "H5''" H  N N 170 
U   "H4'"  H  N N 171 
U   "H3'"  H  N N 172 
U   "HO3'" H  N N 173 
U   "H2'"  H  N N 174 
U   "HO2'" H  N N 175 
U   "H1'"  H  N N 176 
U   H3     H  N N 177 
U   H5     H  N N 178 
U   H6     H  N N 179 
# 
loop_
_chem_comp_bond.comp_id 
_chem_comp_bond.atom_id_1 
_chem_comp_bond.atom_id_2 
_chem_comp_bond.value_order 
_chem_comp_bond.pdbx_aromatic_flag 
_chem_comp_bond.pdbx_stereo_config 
_chem_comp_bond.pdbx_ordinal 
5BU P     OP1    doub N N 1   
5BU P     OP2    sing N N 2   
5BU P     OP3    sing N N 3   
5BU P     "O5'"  sing N N 4   
5BU OP2   HOP2   sing N N 5   
5BU OP3   HOP3   sing N N 6   
5BU "O5'" "C5'"  sing N N 7   
5BU "C5'" "C4'"  sing N N 8   
5BU "C5'" "H5'"  sing N N 9   
5BU "C5'" "H5''" sing N N 10  
5BU "C4'" "O4'"  sing N N 11  
5BU "C4'" "C3'"  sing N N 12  
5BU "C4'" "H4'"  sing N N 13  
5BU "O4'" "C1'"  sing N N 14  
5BU "C3'" "O3'"  sing N N 15  
5BU "C3'" "C2'"  sing N N 16  
5BU "C3'" "H3'"  sing N N 17  
5BU "O3'" "HO3'" sing N N 18  
5BU "C2'" "O2'"  sing N N 19  
5BU "C2'" "C1'"  sing N N 20  
5BU "C2'" "H2'"  sing N N 21  
5BU "O2'" "HO2'" sing N N 22  
5BU "C1'" N1     sing N N 23  
5BU "C1'" "H1'"  sing N N 24  
5BU N1    C2     sing N N 25  
5BU N1    C6     sing N N 26  
5BU C2    O2     doub N N 27  
5BU C2    N3     sing N N 28  
5BU N3    C4     sing N N 29  
5BU N3    H3     sing N N 30  
5BU C4    O4     doub N N 31  
5BU C4    C5     sing N N 32  
5BU C5    C6     doub N N 33  
5BU C5    BR     sing N N 34  
5BU C6    H6     sing N N 35  
A   OP3   P      sing N N 36  
A   OP3   HOP3   sing N N 37  
A   P     OP1    doub N N 38  
A   P     OP2    sing N N 39  
A   P     "O5'"  sing N N 40  
A   OP2   HOP2   sing N N 41  
A   "O5'" "C5'"  sing N N 42  
A   "C5'" "C4'"  sing N N 43  
A   "C5'" "H5'"  sing N N 44  
A   "C5'" "H5''" sing N N 45  
A   "C4'" "O4'"  sing N N 46  
A   "C4'" "C3'"  sing N N 47  
A   "C4'" "H4'"  sing N N 48  
A   "O4'" "C1'"  sing N N 49  
A   "C3'" "O3'"  sing N N 50  
A   "C3'" "C2'"  sing N N 51  
A   "C3'" "H3'"  sing N N 52  
A   "O3'" "HO3'" sing N N 53  
A   "C2'" "O2'"  sing N N 54  
A   "C2'" "C1'"  sing N N 55  
A   "C2'" "H2'"  sing N N 56  
A   "O2'" "HO2'" sing N N 57  
A   "C1'" N9     sing N N 58  
A   "C1'" "H1'"  sing N N 59  
A   N9    C8     sing Y N 60  
A   N9    C4     sing Y N 61  
A   C8    N7     doub Y N 62  
A   C8    H8     sing N N 63  
A   N7    C5     sing Y N 64  
A   C5    C6     sing Y N 65  
A   C5    C4     doub Y N 66  
A   C6    N6     sing N N 67  
A   C6    N1     doub Y N 68  
A   N6    H61    sing N N 69  
A   N6    H62    sing N N 70  
A   N1    C2     sing Y N 71  
A   C2    N3     doub Y N 72  
A   C2    H2     sing N N 73  
A   N3    C4     sing Y N 74  
C   OP3   P      sing N N 75  
C   OP3   HOP3   sing N N 76  
C   P     OP1    doub N N 77  
C   P     OP2    sing N N 78  
C   P     "O5'"  sing N N 79  
C   OP2   HOP2   sing N N 80  
C   "O5'" "C5'"  sing N N 81  
C   "C5'" "C4'"  sing N N 82  
C   "C5'" "H5'"  sing N N 83  
C   "C5'" "H5''" sing N N 84  
C   "C4'" "O4'"  sing N N 85  
C   "C4'" "C3'"  sing N N 86  
C   "C4'" "H4'"  sing N N 87  
C   "O4'" "C1'"  sing N N 88  
C   "C3'" "O3'"  sing N N 89  
C   "C3'" "C2'"  sing N N 90  
C   "C3'" "H3'"  sing N N 91  
C   "O3'" "HO3'" sing N N 92  
C   "C2'" "O2'"  sing N N 93  
C   "C2'" "C1'"  sing N N 94  
C   "C2'" "H2'"  sing N N 95  
C   "O2'" "HO2'" sing N N 96  
C   "C1'" N1     sing N N 97  
C   "C1'" "H1'"  sing N N 98  
C   N1    C2     sing N N 99  
C   N1    C6     sing N N 100 
C   C2    O2     doub N N 101 
C   C2    N3     sing N N 102 
C   N3    C4     doub N N 103 
C   C4    N4     sing N N 104 
C   C4    C5     sing N N 105 
C   N4    H41    sing N N 106 
C   N4    H42    sing N N 107 
C   C5    C6     doub N N 108 
C   C5    H5     sing N N 109 
C   C6    H6     sing N N 110 
G   OP3   P      sing N N 111 
G   OP3   HOP3   sing N N 112 
G   P     OP1    doub N N 113 
G   P     OP2    sing N N 114 
G   P     "O5'"  sing N N 115 
G   OP2   HOP2   sing N N 116 
G   "O5'" "C5'"  sing N N 117 
G   "C5'" "C4'"  sing N N 118 
G   "C5'" "H5'"  sing N N 119 
G   "C5'" "H5''" sing N N 120 
G   "C4'" "O4'"  sing N N 121 
G   "C4'" "C3'"  sing N N 122 
G   "C4'" "H4'"  sing N N 123 
G   "O4'" "C1'"  sing N N 124 
G   "C3'" "O3'"  sing N N 125 
G   "C3'" "C2'"  sing N N 126 
G   "C3'" "H3'"  sing N N 127 
G   "O3'" "HO3'" sing N N 128 
G   "C2'" "O2'"  sing N N 129 
G   "C2'" "C1'"  sing N N 130 
G   "C2'" "H2'"  sing N N 131 
G   "O2'" "HO2'" sing N N 132 
G   "C1'" N9     sing N N 133 
G   "C1'" "H1'"  sing N N 134 
G   N9    C8     sing Y N 135 
G   N9    C4     sing Y N 136 
G   C8    N7     doub Y N 137 
G   C8    H8     sing N N 138 
G   N7    C5     sing Y N 139 
G   C5    C6     sing N N 140 
G   C5    C4     doub Y N 141 
G   C6    O6     doub N N 142 
G   C6    N1     sing N N 143 
G   N1    C2     sing N N 144 
G   N1    H1     sing N N 145 
G   C2    N2     sing N N 146 
G   C2    N3     doub N N 147 
G   N2    H21    sing N N 148 
G   N2    H22    sing N N 149 
G   N3    C4     sing N N 150 
U   OP3   P      sing N N 151 
U   OP3   HOP3   sing N N 152 
U   P     OP1    doub N N 153 
U   P     OP2    sing N N 154 
U   P     "O5'"  sing N N 155 
U   OP2   HOP2   sing N N 156 
U   "O5'" "C5'"  sing N N 157 
U   "C5'" "C4'"  sing N N 158 
U   "C5'" "H5'"  sing N N 159 
U   "C5'" "H5''" sing N N 160 
U   "C4'" "O4'"  sing N N 161 
U   "C4'" "C3'"  sing N N 162 
U   "C4'" "H4'"  sing N N 163 
U   "O4'" "C1'"  sing N N 164 
U   "C3'" "O3'"  sing N N 165 
U   "C3'" "C2'"  sing N N 166 
U   "C3'" "H3'"  sing N N 167 
U   "O3'" "HO3'" sing N N 168 
U   "C2'" "O2'"  sing N N 169 
U   "C2'" "C1'"  sing N N 170 
U   "C2'" "H2'"  sing N N 171 
U   "O2'" "HO2'" sing N N 172 
U   "C1'" N1     sing N N 173 
U   "C1'" "H1'"  sing N N 174 
U   N1    C2     sing N N 175 
U   N1    C6     sing N N 176 
U   C2    O2     doub N N 177 
U   C2    N3     sing N N 178 
U   N3    C4     sing N N 179 
U   N3    H3     sing N N 180 
U   C4    O4     doub N N 181 
U   C4    C5     sing N N 182 
U   C5    C6     doub N N 183 
U   C5    H5     sing N N 184 
U   C6    H6     sing N N 185 
# 
loop_
_ndb_struct_conf_na.entry_id 
_ndb_struct_conf_na.feature 
1Y90 'double helix'         
1Y90 'a-form double helix'  
1Y90 'bulge loop'           
1Y90 'mismatched base pair' 
# 
loop_
_ndb_struct_na_base_pair.model_number 
_ndb_struct_na_base_pair.i_label_asym_id 
_ndb_struct_na_base_pair.i_label_comp_id 
_ndb_struct_na_base_pair.i_label_seq_id 
_ndb_struct_na_base_pair.i_symmetry 
_ndb_struct_na_base_pair.j_label_asym_id 
_ndb_struct_na_base_pair.j_label_comp_id 
_ndb_struct_na_base_pair.j_label_seq_id 
_ndb_struct_na_base_pair.j_symmetry 
_ndb_struct_na_base_pair.shear 
_ndb_struct_na_base_pair.stretch 
_ndb_struct_na_base_pair.stagger 
_ndb_struct_na_base_pair.buckle 
_ndb_struct_na_base_pair.propeller 
_ndb_struct_na_base_pair.opening 
_ndb_struct_na_base_pair.pair_number 
_ndb_struct_na_base_pair.pair_name 
_ndb_struct_na_base_pair.i_auth_asym_id 
_ndb_struct_na_base_pair.i_auth_seq_id 
_ndb_struct_na_base_pair.i_PDB_ins_code 
_ndb_struct_na_base_pair.j_auth_asym_id 
_ndb_struct_na_base_pair.j_auth_seq_id 
_ndb_struct_na_base_pair.j_PDB_ins_code 
_ndb_struct_na_base_pair.hbond_type_28 
_ndb_struct_na_base_pair.hbond_type_12 
1 A C   1  1_555 B G   23 1_555 0.009  -0.415 -0.063 6.887   -16.317 -6.167 1  A_C1:G23_B   A 1  ? B 23 ? 19 1 
1 A 5BU 2  1_555 B A   22 1_555 -0.582 -0.477 0.054  1.923   -22.520 5.873  2  A_5BU2:A22_B A 2  ? B 22 ? 20 1 
1 A U   3  1_555 B A   21 1_555 0.069  -0.098 0.158  2.777   -19.639 6.716  3  A_U3:A21_B   A 3  ? B 21 ? 20 1 
1 A G   4  1_555 B C   20 1_555 -0.611 -0.108 0.115  -3.029  -13.561 1.458  4  A_G4:C20_B   A 4  ? B 20 ? 19 1 
1 A C   5  1_555 B G   19 1_555 0.416  -0.244 0.336  -4.904  -11.987 -1.257 5  A_C5:G19_B   A 5  ? B 19 ? 19 1 
1 A U   6  1_555 B A   18 1_555 -0.390 -0.163 0.465  -12.427 -10.862 -0.766 6  A_U6:A18_B   A 6  ? B 18 ? 20 1 
1 A G   7  1_555 B C   17 1_555 -0.357 -0.226 0.152  3.172   -12.601 0.676  7  A_G7:C17_B   A 7  ? B 17 ? 19 1 
1 A G   9  1_555 B A   16 1_555 0.289  1.633  -0.346 27.128  -16.344 -6.131 8  A_G9:A16_B   A 9  ? B 16 ? 8  1 
1 A G   10 1_555 B C   15 1_555 -0.484 -0.317 0.334  -3.347  -11.617 3.535  9  A_G10:C15_B  A 10 ? B 15 ? 19 1 
1 A U   11 1_555 B A   14 1_555 -0.277 -0.171 0.025  -2.052  -6.553  -2.621 10 A_U11:A14_B  A 11 ? B 14 ? 20 1 
1 A G   12 1_555 B C   13 1_555 -0.051 -0.129 -0.269 -7.158  -14.017 1.105  11 A_G12:C13_B  A 12 ? B 13 ? 19 1 
1 A C   13 1_555 B G   12 1_555 0.404  -0.033 0.492  -4.021  -11.313 0.828  12 A_C13:G12_B  A 13 ? B 12 ? 19 1 
1 A A   14 1_555 B U   11 1_555 0.223  -0.305 0.719  11.618  -1.090  0.895  13 A_A14:U11_B  A 14 ? B 11 ? 20 1 
1 A C   15 1_555 B G   10 1_555 -0.142 0.018  0.290  4.292   -11.309 6.157  14 A_C15:G10_B  A 15 ? B 10 ? 19 1 
1 A A   16 1_555 B G   9  1_555 -0.643 1.399  -0.227 -17.436 -18.399 -1.027 15 A_A16:G9_B   A 16 ? B 9  ? 8  1 
1 A C   17 1_555 B G   7  1_555 0.330  0.000  0.363  -7.220  -3.107  -1.998 16 A_C17:G7_B   A 17 ? B 7  ? 19 1 
1 A A   18 1_555 B U   6  1_555 -0.266 -0.303 0.441  12.386  -4.405  5.710  17 A_A18:U6_B   A 18 ? B 6  ? 20 1 
1 A G   19 1_555 B C   5  1_555 -0.308 -0.390 0.052  8.208   -10.482 -3.375 18 A_G19:C5_B   A 19 ? B 5  ? 19 1 
1 A C   20 1_555 B G   4  1_555 0.468  -0.186 0.017  -0.952  -14.861 4.713  19 A_C20:G4_B   A 20 ? B 4  ? 19 1 
1 A A   21 1_555 B U   3  1_555 -0.381 -0.118 0.021  -4.305  -12.047 4.038  20 A_A21:U3_B   A 21 ? B 3  ? 20 1 
1 A A   22 1_555 B 5BU 2  1_555 -0.056 -0.364 0.328  2.129   -16.645 4.228  21 A_A22:5BU2_B A 22 ? B 2  ? 20 1 
1 A G   23 1_555 B C   1  1_555 -0.259 -0.336 0.011  2.478   -10.851 -0.169 22 A_G23:C1_B   A 23 ? B 1  ? 19 1 
# 
loop_
_ndb_struct_na_base_pair_step.model_number 
_ndb_struct_na_base_pair_step.i_label_asym_id_1 
_ndb_struct_na_base_pair_step.i_label_comp_id_1 
_ndb_struct_na_base_pair_step.i_label_seq_id_1 
_ndb_struct_na_base_pair_step.i_symmetry_1 
_ndb_struct_na_base_pair_step.j_label_asym_id_1 
_ndb_struct_na_base_pair_step.j_label_comp_id_1 
_ndb_struct_na_base_pair_step.j_label_seq_id_1 
_ndb_struct_na_base_pair_step.j_symmetry_1 
_ndb_struct_na_base_pair_step.i_label_asym_id_2 
_ndb_struct_na_base_pair_step.i_label_comp_id_2 
_ndb_struct_na_base_pair_step.i_label_seq_id_2 
_ndb_struct_na_base_pair_step.i_symmetry_2 
_ndb_struct_na_base_pair_step.j_label_asym_id_2 
_ndb_struct_na_base_pair_step.j_label_comp_id_2 
_ndb_struct_na_base_pair_step.j_label_seq_id_2 
_ndb_struct_na_base_pair_step.j_symmetry_2 
_ndb_struct_na_base_pair_step.shift 
_ndb_struct_na_base_pair_step.slide 
_ndb_struct_na_base_pair_step.rise 
_ndb_struct_na_base_pair_step.tilt 
_ndb_struct_na_base_pair_step.roll 
_ndb_struct_na_base_pair_step.twist 
_ndb_struct_na_base_pair_step.x_displacement 
_ndb_struct_na_base_pair_step.y_displacement 
_ndb_struct_na_base_pair_step.helical_rise 
_ndb_struct_na_base_pair_step.inclination 
_ndb_struct_na_base_pair_step.tip 
_ndb_struct_na_base_pair_step.helical_twist 
_ndb_struct_na_base_pair_step.step_number 
_ndb_struct_na_base_pair_step.step_name 
_ndb_struct_na_base_pair_step.i_auth_asym_id_1 
_ndb_struct_na_base_pair_step.i_auth_seq_id_1 
_ndb_struct_na_base_pair_step.i_PDB_ins_code_1 
_ndb_struct_na_base_pair_step.j_auth_asym_id_1 
_ndb_struct_na_base_pair_step.j_auth_seq_id_1 
_ndb_struct_na_base_pair_step.j_PDB_ins_code_1 
_ndb_struct_na_base_pair_step.i_auth_asym_id_2 
_ndb_struct_na_base_pair_step.i_auth_seq_id_2 
_ndb_struct_na_base_pair_step.i_PDB_ins_code_2 
_ndb_struct_na_base_pair_step.j_auth_asym_id_2 
_ndb_struct_na_base_pair_step.j_auth_seq_id_2 
_ndb_struct_na_base_pair_step.j_PDB_ins_code_2 
1 A C   1  1_555 B G   23 1_555 A 5BU 2  1_555 B A   22 1_555 0.286  -1.314 3.334 -2.626  10.957 36.469 -3.347 -0.758 2.812 17.016 
4.079   38.113 1  AA_C15BU2:A22G23_BB A 1  ? B 23 ? A 2  ? B 22 ? 
1 A 5BU 2  1_555 B A   22 1_555 A U   3  1_555 B A   21 1_555 -0.034 -0.986 3.213 -2.896  8.447  33.549 -2.883 -0.364 2.881 14.321 
4.910   34.684 2  AA_5BU2U3:A21A22_BB A 2  ? B 22 ? A 3  ? B 21 ? 
1 A U   3  1_555 B A   21 1_555 A G   4  1_555 B C   20 1_555 0.403  -1.746 3.176 0.390   12.012 28.569 -5.292 -0.689 2.279 23.092 
-0.750  30.945 3  AA_U3G4:C20A21_BB   A 3  ? B 21 ? A 4  ? B 20 ? 
1 A G   4  1_555 B C   20 1_555 A C   5  1_555 B G   19 1_555 -0.319 -1.477 3.351 -0.543  5.708  37.691 -2.980 0.420  3.107 8.773  
0.834   38.109 4  AA_G4C5:G19C20_BB   A 4  ? B 20 ? A 5  ? B 19 ? 
1 A C   5  1_555 B G   19 1_555 A U   6  1_555 B A   18 1_555 0.512  -1.403 3.194 1.337   12.903 29.693 -4.563 -0.708 2.412 23.799 
-2.466  32.344 5  AA_C5U6:A18G19_BB   A 5  ? B 19 ? A 6  ? B 18 ? 
1 A U   6  1_555 B A   18 1_555 A G   7  1_555 B C   17 1_555 0.702  -1.503 2.664 4.830   12.527 32.134 -3.949 -0.623 2.036 21.496 
-8.288  34.757 6  AA_U6G7:C17A18_BB   A 6  ? B 18 ? A 7  ? B 17 ? 
1 A G   7  1_555 B C   17 1_555 A G   9  1_555 B A   16 1_555 -1.672 0.022  2.866 6.660   2.801  41.252 -0.215 2.924  2.574 3.940  
-9.366  41.852 7  AA_G7G9:A16C17_BB   A 7  ? B 17 ? A 9  ? B 16 ? 
1 A G   9  1_555 B A   16 1_555 A G   10 1_555 B C   15 1_555 0.123  -2.379 3.622 -9.962  11.256 34.521 -5.159 -1.487 2.616 17.951 
15.887  37.560 8  AA_G9G10:C15A16_BB  A 9  ? B 16 ? A 10 ? B 15 ? 
1 A G   10 1_555 B C   15 1_555 A U   11 1_555 B A   14 1_555 -0.545 -1.750 3.097 3.330   5.197  34.440 -3.618 1.359  2.749 8.691  
-5.568  34.973 9  AA_G10U11:A14C15_BB A 10 ? B 15 ? A 11 ? B 14 ? 
1 A U   11 1_555 B A   14 1_555 A G   12 1_555 B C   13 1_555 0.499  -1.605 3.308 4.854   10.787 29.825 -4.741 -0.080 2.631 19.996 
-8.998  32.036 10 AA_U11G12:C13A14_BB A 11 ? B 14 ? A 12 ? B 13 ? 
1 A G   12 1_555 B C   13 1_555 A C   13 1_555 B G   12 1_555 0.092  -1.426 3.133 -4.913  2.515  32.565 -2.910 -0.944 2.972 4.444  
8.683   33.016 11 AA_G12C13:G12C13_BB A 12 ? B 13 ? A 13 ? B 12 ? 
1 A C   13 1_555 B G   12 1_555 A A   14 1_555 B U   11 1_555 -0.227 -1.778 2.549 -3.482  2.347  30.174 -3.741 -0.098 2.417 4.481  
6.647   30.458 12 AA_C13A14:U11G12_BB A 13 ? B 12 ? A 14 ? B 11 ? 
1 A A   14 1_555 B U   11 1_555 A C   15 1_555 B G   10 1_555 0.624  -1.692 3.286 5.488   4.899  32.333 -3.777 -0.186 3.066 8.658  
-9.698  33.138 13 AA_A14C15:G10U11_BB A 14 ? B 11 ? A 15 ? B 10 ? 
1 A C   15 1_555 B G   10 1_555 A A   16 1_555 B G   9  1_555 -0.240 -1.873 3.221 7.076   13.568 34.022 -4.516 1.201  2.247 21.868 
-11.405 37.212 14 AA_C15A16:G9G10_BB  A 15 ? B 10 ? A 16 ? B 9  ? 
1 A A   16 1_555 B G   9  1_555 A C   17 1_555 B G   7  1_555 0.817  -0.109 3.541 -11.115 -3.941 39.720 0.291  -2.412 3.205 -5.651 
15.938  41.366 15 AA_A16C17:G7G9_BB   A 16 ? B 9  ? A 17 ? B 7  ? 
1 A C   17 1_555 B G   7  1_555 A A   18 1_555 B U   6  1_555 0.288  -1.199 2.445 -2.884  14.077 30.299 -3.634 -0.819 1.703 25.226 
5.169   33.461 16 AA_C17A18:U6G7_BB   A 17 ? B 7  ? A 18 ? B 6  ? 
1 A A   18 1_555 B U   6  1_555 A G   19 1_555 B C   5  1_555 -0.265 -1.477 3.333 2.881   8.710  33.271 -3.792 0.877  2.836 14.863 
-4.917  34.478 17 AA_A18G19:C5U6_BB   A 18 ? B 6  ? A 19 ? B 5  ? 
1 A G   19 1_555 B C   5  1_555 A C   20 1_555 B G   4  1_555 0.996  -1.618 3.505 2.626   2.875  36.671 -2.972 -1.196 3.434 4.554  
-4.159  36.870 18 AA_G19C20:G4C5_BB   A 19 ? B 5  ? A 20 ? B 4  ? 
1 A C   20 1_555 B G   4  1_555 A A   21 1_555 B U   3  1_555 -0.852 -1.558 3.049 0.082   13.973 28.130 -5.058 1.589  2.060 26.759 
-0.158  31.347 19 AA_C20A21:U3G4_BB   A 20 ? B 4  ? A 21 ? B 3  ? 
1 A A   21 1_555 B U   3  1_555 A A   22 1_555 B 5BU 2  1_555 -0.145 -0.637 3.148 -1.559  10.446 31.638 -2.738 0.010  2.806 18.524 
2.765   33.312 20 AA_A21A22:5BU2U3_BB A 21 ? B 3  ? A 22 ? B 2  ? 
1 A A   22 1_555 B 5BU 2  1_555 A G   23 1_555 B C   1  1_555 0.108  -1.505 3.246 1.880   13.608 31.929 -4.414 0.079  2.426 23.429 
-3.236  34.688 21 AA_A22G23:C15BU2_BB A 22 ? B 2  ? A 23 ? B 1  ? 
# 
_atom_sites.entry_id                    1Y90 
_atom_sites.fract_transf_matrix[1][1]   -0.00503777 
_atom_sites.fract_transf_matrix[1][2]   -0.00663644 
_atom_sites.fract_transf_matrix[1][3]   0.01767936 
_atom_sites.fract_transf_matrix[2][1]   0.01358762 
_atom_sites.fract_transf_matrix[2][2]   -0.00757785 
_atom_sites.fract_transf_matrix[2][3]   0.01183046 
_atom_sites.fract_transf_matrix[3][1]   0.00263350 
_atom_sites.fract_transf_matrix[3][2]   0.01423700 
_atom_sites.fract_transf_matrix[3][3]   0.00609468 
_atom_sites.fract_transf_vector[1]      1.196756 
_atom_sites.fract_transf_vector[2]      0.247330 
_atom_sites.fract_transf_vector[3]      0.306113 
# 
loop_
_atom_type.symbol 
BR 
C  
MN 
N  
O  
P  
# 
loop_
_atom_site.group_PDB 
_atom_site.id 
_atom_site.type_symbol 
_atom_site.label_atom_id 
_atom_site.label_alt_id 
_atom_site.label_comp_id 
_atom_site.label_asym_id 
_atom_site.label_entity_id 
_atom_site.label_seq_id 
_atom_site.pdbx_PDB_ins_code 
_atom_site.Cartn_x 
_atom_site.Cartn_y 
_atom_site.Cartn_z 
_atom_site.occupancy 
_atom_site.B_iso_or_equiv 
_atom_site.pdbx_formal_charge 
_atom_site.auth_seq_id 
_atom_site.auth_comp_id 
_atom_site.auth_asym_id 
_atom_site.auth_atom_id 
_atom_site.pdbx_PDB_model_num 
ATOM   1    O  "O5'" . C   A 1 1  ? -17.836 2.342   17.852  1.00 48.77 ? 1   C   A "O5'" 1 
ATOM   2    C  "C5'" . C   A 1 1  ? -17.574 3.636   18.410  1.00 47.43 ? 1   C   A "C5'" 1 
ATOM   3    C  "C4'" . C   A 1 1  ? -17.134 3.608   19.856  1.00 46.67 ? 1   C   A "C4'" 1 
ATOM   4    O  "O4'" . C   A 1 1  ? -17.980 2.706   20.603  1.00 45.74 ? 1   C   A "O4'" 1 
ATOM   5    C  "C3'" . C   A 1 1  ? -15.734 3.081   20.113  1.00 47.31 ? 1   C   A "C3'" 1 
ATOM   6    O  "O3'" . C   A 1 1  ? -14.774 4.114   19.945  1.00 48.26 ? 1   C   A "O3'" 1 
ATOM   7    C  "C2'" . C   A 1 1  ? -15.803 2.640   21.572  1.00 46.82 ? 1   C   A "C2'" 1 
ATOM   8    O  "O2'" . C   A 1 1  ? -15.545 3.668   22.506  1.00 48.58 ? 1   C   A "O2'" 1 
ATOM   9    C  "C1'" . C   A 1 1  ? -17.253 2.176   21.693  1.00 46.15 ? 1   C   A "C1'" 1 
ATOM   10   N  N1    . C   A 1 1  ? -17.387 0.716   21.698  1.00 46.28 ? 1   C   A N1    1 
ATOM   11   C  C2    . C   A 1 1  ? -16.935 0.015   22.824  1.00 46.44 ? 1   C   A C2    1 
ATOM   12   O  O2    . C   A 1 1  ? -16.433 0.655   23.766  1.00 44.49 ? 1   C   A O2    1 
ATOM   13   N  N3    . C   A 1 1  ? -17.051 -1.334  22.853  1.00 45.91 ? 1   C   A N3    1 
ATOM   14   C  C4    . C   A 1 1  ? -17.581 -1.981  21.809  1.00 45.31 ? 1   C   A C4    1 
ATOM   15   N  N4    . C   A 1 1  ? -17.655 -3.307  21.872  1.00 45.45 ? 1   C   A N4    1 
ATOM   16   C  C5    . C   A 1 1  ? -18.051 -1.290  20.650  1.00 44.52 ? 1   C   A C5    1 
ATOM   17   C  C6    . C   A 1 1  ? -17.937 0.046   20.638  1.00 45.61 ? 1   C   A C6    1 
HETATM 18   P  P     . 5BU A 1 2  ? -13.260 3.739   19.564  1.00 49.64 ? 2   5BU A P     1 
HETATM 19   O  OP1   . 5BU A 1 2  ? -12.490 5.000   19.389  1.00 48.41 ? 2   5BU A OP1   1 
HETATM 20   O  OP2   . 5BU A 1 2  ? -13.338 2.754   18.446  1.00 49.32 ? 2   5BU A OP2   1 
HETATM 21   O  "O5'" . 5BU A 1 2  ? -12.713 2.989   20.854  1.00 46.99 ? 2   5BU A "O5'" 1 
HETATM 22   C  "C5'" . 5BU A 1 2  ? -12.326 3.715   21.999  1.00 45.42 ? 2   5BU A "C5'" 1 
HETATM 23   C  "C4'" . 5BU A 1 2  ? -11.651 2.793   22.969  1.00 47.24 ? 2   5BU A "C4'" 1 
HETATM 24   O  "O4'" . 5BU A 1 2  ? -12.623 1.859   23.504  1.00 48.62 ? 2   5BU A "O4'" 1 
HETATM 25   C  "C3'" . 5BU A 1 2  ? -10.618 1.885   22.341  1.00 49.50 ? 2   5BU A "C3'" 1 
HETATM 26   O  "O3'" . 5BU A 1 2  ? -9.387  2.553   22.149  1.00 50.81 ? 2   5BU A "O3'" 1 
HETATM 27   C  "C2'" . 5BU A 1 2  ? -10.528 0.767   23.368  1.00 50.23 ? 2   5BU A "C2'" 1 
HETATM 28   O  "O2'" . 5BU A 1 2  ? -9.792  1.135   24.516  1.00 51.11 ? 2   5BU A "O2'" 1 
HETATM 29   C  "C1'" . 5BU A 1 2  ? -12.001 0.605   23.739  1.00 49.83 ? 2   5BU A "C1'" 1 
HETATM 30   N  N1    . 5BU A 1 2  ? -12.684 -0.418  22.920  1.00 50.04 ? 2   5BU A N1    1 
HETATM 31   C  C2    . 5BU A 1 2  ? -12.654 -1.719  23.363  1.00 50.03 ? 2   5BU A C2    1 
HETATM 32   O  O2    . 5BU A 1 2  ? -12.044 -2.071  24.356  1.00 50.18 ? 2   5BU A O2    1 
HETATM 33   N  N3    . 5BU A 1 2  ? -13.358 -2.602  22.585  1.00 50.60 ? 2   5BU A N3    1 
HETATM 34   C  C4    . 5BU A 1 2  ? -14.043 -2.323  21.420  1.00 51.52 ? 2   5BU A C4    1 
HETATM 35   O  O4    . 5BU A 1 2  ? -14.647 -3.210  20.830  1.00 50.47 ? 2   5BU A O4    1 
HETATM 36   C  C5    . 5BU A 1 2  ? -13.985 -0.962  20.989  1.00 51.11 ? 2   5BU A C5    1 
HETATM 37   C  C6    . 5BU A 1 2  ? -13.333 -0.077  21.753  1.00 50.97 ? 2   5BU A C6    1 
HETATM 38   BR BR    . 5BU A 1 2  ? -14.902 -0.462  19.179  0.70 57.46 ? 2   5BU A BR    1 
ATOM   39   P  P     . U   A 1 3  ? -8.414  2.083   20.966  1.00 50.67 ? 3   U   A P     1 
ATOM   40   O  OP1   . U   A 1 3  ? -7.274  3.030   20.945  1.00 52.23 ? 3   U   A OP1   1 
ATOM   41   O  OP2   . U   A 1 3  ? -9.240  1.902   19.745  1.00 50.61 ? 3   U   A OP2   1 
ATOM   42   O  "O5'" . U   A 1 3  ? -7.888  0.660   21.448  1.00 50.21 ? 3   U   A "O5'" 1 
ATOM   43   C  "C5'" . U   A 1 3  ? -6.988  0.559   22.541  1.00 51.95 ? 3   U   A "C5'" 1 
ATOM   44   C  "C4'" . U   A 1 3  ? -6.777  -0.886  22.912  1.00 54.00 ? 3   U   A "C4'" 1 
ATOM   45   O  "O4'" . U   A 1 3  ? -8.037  -1.454  23.366  1.00 55.75 ? 3   U   A "O4'" 1 
ATOM   46   C  "C3'" . U   A 1 3  ? -6.365  -1.815  21.784  1.00 54.56 ? 3   U   A "C3'" 1 
ATOM   47   O  "O3'" . U   A 1 3  ? -4.972  -1.751  21.523  1.00 55.62 ? 3   U   A "O3'" 1 
ATOM   48   C  "C2'" . U   A 1 3  ? -6.755  -3.166  22.355  1.00 54.88 ? 3   U   A "C2'" 1 
ATOM   49   O  "O2'" . U   A 1 3  ? -5.837  -3.597  23.336  1.00 54.44 ? 3   U   A "O2'" 1 
ATOM   50   C  "C1'" . U   A 1 3  ? -8.101  -2.827  23.001  1.00 55.60 ? 3   U   A "C1'" 1 
ATOM   51   N  N1    . U   A 1 3  ? -9.198  -3.004  22.037  1.00 55.91 ? 3   U   A N1    1 
ATOM   52   C  C2    . U   A 1 3  ? -9.748  -4.264  21.917  1.00 56.02 ? 3   U   A C2    1 
ATOM   53   O  O2    . U   A 1 3  ? -9.412  -5.201  22.621  1.00 56.72 ? 3   U   A O2    1 
ATOM   54   N  N3    . U   A 1 3  ? -10.703 -4.387  20.939  1.00 55.66 ? 3   U   A N3    1 
ATOM   55   C  C4    . U   A 1 3  ? -11.156 -3.400  20.093  1.00 55.32 ? 3   U   A C4    1 
ATOM   56   O  O4    . U   A 1 3  ? -11.890 -3.704  19.146  1.00 56.41 ? 3   U   A O4    1 
ATOM   57   C  C5    . U   A 1 3  ? -10.574 -2.115  20.319  1.00 54.96 ? 3   U   A C5    1 
ATOM   58   C  C6    . U   A 1 3  ? -9.641  -1.964  21.259  1.00 54.80 ? 3   U   A C6    1 
ATOM   59   P  P     . G   A 1 4  ? -4.443  -1.906  20.013  1.00 55.66 ? 4   G   A P     1 
ATOM   60   O  OP1   . G   A 1 4  ? -3.044  -1.406  19.965  1.00 56.03 ? 4   G   A OP1   1 
ATOM   61   O  OP2   . G   A 1 4  ? -5.470  -1.302  19.122  1.00 54.93 ? 4   G   A OP2   1 
ATOM   62   O  "O5'" . G   A 1 4  ? -4.441  -3.478  19.768  1.00 53.14 ? 4   G   A "O5'" 1 
ATOM   63   C  "C5'" . G   A 1 4  ? -3.829  -4.355  20.700  1.00 51.78 ? 4   G   A "C5'" 1 
ATOM   64   C  "C4'" . G   A 1 4  ? -4.369  -5.754  20.535  1.00 53.08 ? 4   G   A "C4'" 1 
ATOM   65   O  "O4'" . G   A 1 4  ? -5.788  -5.784  20.856  1.00 52.93 ? 4   G   A "O4'" 1 
ATOM   66   C  "C3'" . G   A 1 4  ? -4.336  -6.328  19.131  1.00 54.10 ? 4   G   A "C3'" 1 
ATOM   67   O  "O3'" . G   A 1 4  ? -3.046  -6.798  18.768  1.00 55.81 ? 4   G   A "O3'" 1 
ATOM   68   C  "C2'" . G   A 1 4  ? -5.340  -7.470  19.243  1.00 53.80 ? 4   G   A "C2'" 1 
ATOM   69   O  "O2'" . G   A 1 4  ? -4.802  -8.622  19.863  1.00 54.89 ? 4   G   A "O2'" 1 
ATOM   70   C  "C1'" . G   A 1 4  ? -6.407  -6.846  20.145  1.00 51.87 ? 4   G   A "C1'" 1 
ATOM   71   N  N9    . G   A 1 4  ? -7.525  -6.322  19.367  1.00 49.58 ? 4   G   A N9    1 
ATOM   72   C  C8    . G   A 1 4  ? -7.805  -5.013  19.051  1.00 49.14 ? 4   G   A C8    1 
ATOM   73   N  N7    . G   A 1 4  ? -8.877  -4.883  18.313  1.00 48.04 ? 4   G   A N7    1 
ATOM   74   C  C5    . G   A 1 4  ? -9.331  -6.187  18.140  1.00 48.68 ? 4   G   A C5    1 
ATOM   75   C  C6    . G   A 1 4  ? -10.462 -6.693  17.431  1.00 48.16 ? 4   G   A C6    1 
ATOM   76   O  O6    . G   A 1 4  ? -11.321 -6.069  16.797  1.00 48.01 ? 4   G   A O6    1 
ATOM   77   N  N1    . G   A 1 4  ? -10.539 -8.079  17.518  1.00 47.34 ? 4   G   A N1    1 
ATOM   78   C  C2    . G   A 1 4  ? -9.654  -8.879  18.195  1.00 46.91 ? 4   G   A C2    1 
ATOM   79   N  N2    . G   A 1 4  ? -9.898  -10.197 18.170  1.00 44.97 ? 4   G   A N2    1 
ATOM   80   N  N3    . G   A 1 4  ? -8.605  -8.423  18.855  1.00 48.40 ? 4   G   A N3    1 
ATOM   81   C  C4    . G   A 1 4  ? -8.506  -7.081  18.787  1.00 48.76 ? 4   G   A C4    1 
ATOM   82   P  P     . C   A 1 5  ? -2.642  -6.872  17.216  1.00 54.86 ? 5   C   A P     1 
ATOM   83   O  OP1   . C   A 1 5  ? -1.188  -7.145  17.110  1.00 56.42 ? 5   C   A OP1   1 
ATOM   84   O  OP2   . C   A 1 5  ? -3.201  -5.650  16.594  1.00 56.40 ? 5   C   A OP2   1 
ATOM   85   O  "O5'" . C   A 1 5  ? -3.454  -8.128  16.662  1.00 52.83 ? 5   C   A "O5'" 1 
ATOM   86   C  "C5'" . C   A 1 5  ? -3.251  -9.427  17.211  1.00 48.66 ? 5   C   A "C5'" 1 
ATOM   87   C  "C4'" . C   A 1 5  ? -4.177  -10.435 16.558  1.00 47.22 ? 5   C   A "C4'" 1 
ATOM   88   O  "O4'" . C   A 1 5  ? -5.552  -10.178 16.944  1.00 45.79 ? 5   C   A "O4'" 1 
ATOM   89   C  "C3'" . C   A 1 5  ? -4.229  -10.414 15.042  1.00 45.28 ? 5   C   A "C3'" 1 
ATOM   90   O  "O3'" . C   A 1 5  ? -3.153  -11.103 14.444  1.00 43.30 ? 5   C   A "O3'" 1 
ATOM   91   C  "C2'" . C   A 1 5  ? -5.551  -11.106 14.757  1.00 45.22 ? 5   C   A "C2'" 1 
ATOM   92   O  "O2'" . C   A 1 5  ? -5.476  -12.514 14.850  1.00 45.11 ? 5   C   A "O2'" 1 
ATOM   93   C  "C1'" . C   A 1 5  ? -6.420  -10.543 15.879  1.00 45.42 ? 5   C   A "C1'" 1 
ATOM   94   N  N1    . C   A 1 5  ? -7.143  -9.343  15.443  1.00 44.68 ? 5   C   A N1    1 
ATOM   95   C  C2    . C   A 1 5  ? -8.355  -9.497  14.745  1.00 45.06 ? 5   C   A C2    1 
ATOM   96   O  O2    . C   A 1 5  ? -8.782  -10.649 14.507  1.00 42.87 ? 5   C   A O2    1 
ATOM   97   N  N3    . C   A 1 5  ? -9.028  -8.391  14.346  1.00 44.45 ? 5   C   A N3    1 
ATOM   98   C  C4    . C   A 1 5  ? -8.540  -7.180  14.615  1.00 42.95 ? 5   C   A C4    1 
ATOM   99   N  N4    . C   A 1 5  ? -9.243  -6.127  14.210  1.00 43.63 ? 5   C   A N4    1 
ATOM   100  C  C5    . C   A 1 5  ? -7.308  -6.999  15.314  1.00 44.47 ? 5   C   A C5    1 
ATOM   101  C  C6    . C   A 1 5  ? -6.651  -8.096  15.707  1.00 43.98 ? 5   C   A C6    1 
ATOM   102  P  P     . U   A 1 6  ? -2.580  -10.568 13.055  1.00 45.99 ? 6   U   A P     1 
ATOM   103  O  OP1   . U   A 1 6  ? -1.296  -11.248 12.743  1.00 45.41 ? 6   U   A OP1   1 
ATOM   104  O  OP2   . U   A 1 6  ? -2.618  -9.087  13.180  1.00 43.64 ? 6   U   A OP2   1 
ATOM   105  O  "O5'" . U   A 1 6  ? -3.695  -11.000 11.997  1.00 44.60 ? 6   U   A "O5'" 1 
ATOM   106  C  "C5'" . U   A 1 6  ? -4.086  -12.363 11.868  1.00 43.37 ? 6   U   A "C5'" 1 
ATOM   107  C  "C4'" . U   A 1 6  ? -5.332  -12.488 11.012  1.00 43.52 ? 6   U   A "C4'" 1 
ATOM   108  O  "O4'" . U   A 1 6  ? -6.508  -12.026 11.724  1.00 43.10 ? 6   U   A "O4'" 1 
ATOM   109  C  "C3'" . U   A 1 6  ? -5.369  -11.685 9.726   1.00 43.31 ? 6   U   A "C3'" 1 
ATOM   110  O  "O3'" . U   A 1 6  ? -4.628  -12.304 8.692   1.00 44.42 ? 6   U   A "O3'" 1 
ATOM   111  C  "C2'" . U   A 1 6  ? -6.853  -11.704 9.400   1.00 43.43 ? 6   U   A "C2'" 1 
ATOM   112  O  "O2'" . U   A 1 6  ? -7.280  -12.926 8.843   1.00 45.50 ? 6   U   A "O2'" 1 
ATOM   113  C  "C1'" . U   A 1 6  ? -7.461  -11.537 10.790  1.00 43.98 ? 6   U   A "C1'" 1 
ATOM   114  N  N1    . U   A 1 6  ? -7.692  -10.111 11.044  1.00 43.24 ? 6   U   A N1    1 
ATOM   115  C  C2    . U   A 1 6  ? -8.819  -9.538  10.473  1.00 44.14 ? 6   U   A C2    1 
ATOM   116  O  O2    . U   A 1 6  ? -9.646  -10.181 9.835   1.00 44.40 ? 6   U   A O2    1 
ATOM   117  N  N3    . U   A 1 6  ? -8.943  -8.189  10.676  1.00 44.44 ? 6   U   A N3    1 
ATOM   118  C  C4    . U   A 1 6  ? -8.084  -7.377  11.384  1.00 44.99 ? 6   U   A C4    1 
ATOM   119  O  O4    . U   A 1 6  ? -8.276  -6.166  11.388  1.00 45.97 ? 6   U   A O4    1 
ATOM   120  C  C5    . U   A 1 6  ? -6.968  -8.051  11.973  1.00 45.18 ? 6   U   A C5    1 
ATOM   121  C  C6    . U   A 1 6  ? -6.814  -9.363  11.788  1.00 44.38 ? 6   U   A C6    1 
ATOM   122  P  P     . G   A 1 7  ? -3.879  -11.394 7.614   1.00 45.12 ? 7   G   A P     1 
ATOM   123  O  OP1   . G   A 1 7  ? -3.071  -12.284 6.742   1.00 44.26 ? 7   G   A OP1   1 
ATOM   124  O  OP2   . G   A 1 7  ? -3.216  -10.305 8.378   1.00 43.73 ? 7   G   A OP2   1 
ATOM   125  O  "O5'" . G   A 1 7  ? -5.077  -10.772 6.761   1.00 46.78 ? 7   G   A "O5'" 1 
ATOM   126  C  "C5'" . G   A 1 7  ? -5.899  -11.616 5.955   1.00 45.50 ? 7   G   A "C5'" 1 
ATOM   127  C  "C4'" . G   A 1 7  ? -7.052  -10.842 5.342   1.00 43.95 ? 7   G   A "C4'" 1 
ATOM   128  O  "O4'" . G   A 1 7  ? -7.950  -10.367 6.377   1.00 43.16 ? 7   G   A "O4'" 1 
ATOM   129  C  "C3'" . G   A 1 7  ? -6.741  -9.575  4.567   1.00 43.03 ? 7   G   A "C3'" 1 
ATOM   130  O  "O3'" . G   A 1 7  ? -6.288  -9.842  3.257   1.00 42.47 ? 7   G   A "O3'" 1 
ATOM   131  C  "C2'" . G   A 1 7  ? -8.116  -8.942  4.496   1.00 43.54 ? 7   G   A "C2'" 1 
ATOM   132  O  "O2'" . G   A 1 7  ? -8.946  -9.614  3.571   1.00 44.12 ? 7   G   A "O2'" 1 
ATOM   133  C  "C1'" . G   A 1 7  ? -8.623  -9.208  5.910   1.00 44.08 ? 7   G   A "C1'" 1 
ATOM   134  N  N9    . G   A 1 7  ? -8.315  -8.091  6.798   1.00 44.59 ? 7   G   A N9    1 
ATOM   135  C  C8    . G   A 1 7  ? -7.185  -7.914  7.559   1.00 43.26 ? 7   G   A C8    1 
ATOM   136  N  N7    . G   A 1 7  ? -7.207  -6.807  8.252   1.00 43.35 ? 7   G   A N7    1 
ATOM   137  C  C5    . G   A 1 7  ? -8.421  -6.217  7.926   1.00 42.87 ? 7   G   A C5    1 
ATOM   138  C  C6    . G   A 1 7  ? -9.002  -4.996  8.363   1.00 42.29 ? 7   G   A C6    1 
ATOM   139  O  O6    . G   A 1 7  ? -8.542  -4.161  9.144   1.00 41.04 ? 7   G   A O6    1 
ATOM   140  N  N1    . G   A 1 7  ? -10.246 -4.787  7.784   1.00 42.75 ? 7   G   A N1    1 
ATOM   141  C  C2    . G   A 1 7  ? -10.858 -5.633  6.893   1.00 42.26 ? 7   G   A C2    1 
ATOM   142  N  N2    . G   A 1 7  ? -12.060 -5.244  6.444   1.00 41.28 ? 7   G   A N2    1 
ATOM   143  N  N3    . G   A 1 7  ? -10.330 -6.772  6.474   1.00 42.93 ? 7   G   A N3    1 
ATOM   144  C  C4    . G   A 1 7  ? -9.117  -6.998  7.029   1.00 43.85 ? 7   G   A C4    1 
ATOM   145  P  P     . A   A 1 8  ? -4.988  -9.089  2.709   1.00 43.72 ? 8   A   A P     1 
ATOM   146  O  OP1   . A   A 1 8  ? -3.877  -9.437  3.636   1.00 43.04 ? 8   A   A OP1   1 
ATOM   147  O  OP2   . A   A 1 8  ? -5.333  -7.659  2.481   1.00 43.20 ? 8   A   A OP2   1 
ATOM   148  O  "O5'" . A   A 1 8  ? -4.721  -9.781  1.295   1.00 45.58 ? 8   A   A "O5'" 1 
ATOM   149  C  "C5'" . A   A 1 8  ? -5.677  -9.689  0.249   1.00 45.66 ? 8   A   A "C5'" 1 
ATOM   150  C  "C4'" . A   A 1 8  ? -5.054  -10.046 -1.081  1.00 47.27 ? 8   A   A "C4'" 1 
ATOM   151  O  "O4'" . A   A 1 8  ? -4.696  -11.448 -1.081  1.00 48.26 ? 8   A   A "O4'" 1 
ATOM   152  C  "C3'" . A   A 1 8  ? -6.015  -9.884  -2.252  1.00 49.11 ? 8   A   A "C3'" 1 
ATOM   153  O  "O3'" . A   A 1 8  ? -5.847  -8.613  -2.900  1.00 49.90 ? 8   A   A "O3'" 1 
ATOM   154  C  "C2'" . A   A 1 8  ? -5.571  -10.956 -3.260  1.00 49.42 ? 8   A   A "C2'" 1 
ATOM   155  O  "O2'" . A   A 1 8  ? -4.750  -10.470 -4.302  1.00 52.72 ? 8   A   A "O2'" 1 
ATOM   156  C  "C1'" . A   A 1 8  ? -4.752  -11.928 -2.407  1.00 47.34 ? 8   A   A "C1'" 1 
ATOM   157  N  N9    . A   A 1 8  ? -5.171  -13.328 -2.425  1.00 45.20 ? 8   A   A N9    1 
ATOM   158  C  C8    . A   A 1 8  ? -4.415  -14.393 -2.852  1.00 44.40 ? 8   A   A C8    1 
ATOM   159  N  N7    . A   A 1 8  ? -5.033  -15.546 -2.783  1.00 42.90 ? 8   A   A N7    1 
ATOM   160  C  C5    . A   A 1 8  ? -6.278  -15.220 -2.269  1.00 43.61 ? 8   A   A C5    1 
ATOM   161  C  C6    . A   A 1 8  ? -7.398  -16.001 -1.960  1.00 44.33 ? 8   A   A C6    1 
ATOM   162  N  N6    . A   A 1 8  ? -7.442  -17.325 -2.131  1.00 45.13 ? 8   A   A N6    1 
ATOM   163  N  N1    . A   A 1 8  ? -8.486  -15.372 -1.464  1.00 46.49 ? 8   A   A N1    1 
ATOM   164  C  C2    . A   A 1 8  ? -8.437  -14.041 -1.298  1.00 47.77 ? 8   A   A C2    1 
ATOM   165  N  N3    . A   A 1 8  ? -7.439  -13.193 -1.556  1.00 46.43 ? 8   A   A N3    1 
ATOM   166  C  C4    . A   A 1 8  ? -6.377  -13.855 -2.045  1.00 44.96 ? 8   A   A C4    1 
ATOM   167  P  P     . G   A 1 9  ? -5.761  -7.245  -2.046  1.00 50.42 ? 9   G   A P     1 
ATOM   168  O  OP1   . G   A 1 9  ? -5.345  -6.175  -2.990  1.00 51.48 ? 9   G   A OP1   1 
ATOM   169  O  OP2   . G   A 1 9  ? -4.974  -7.457  -0.809  1.00 50.61 ? 9   G   A OP2   1 
ATOM   170  O  "O5'" . G   A 1 9  ? -7.268  -6.945  -1.640  1.00 49.65 ? 9   G   A "O5'" 1 
ATOM   171  C  "C5'" . G   A 1 9  ? -8.292  -7.034  -2.610  1.00 48.22 ? 9   G   A "C5'" 1 
ATOM   172  C  "C4'" . G   A 1 9  ? -9.565  -6.438  -2.081  1.00 47.01 ? 9   G   A "C4'" 1 
ATOM   173  O  "O4'" . G   A 1 9  ? -9.837  -7.028  -0.786  1.00 47.55 ? 9   G   A "O4'" 1 
ATOM   174  C  "C3'" . G   A 1 9  ? -9.537  -4.955  -1.776  1.00 47.44 ? 9   G   A "C3'" 1 
ATOM   175  O  "O3'" . G   A 1 9  ? -9.752  -4.189  -2.949  1.00 50.07 ? 9   G   A "O3'" 1 
ATOM   176  C  "C2'" . G   A 1 9  ? -10.715 -4.835  -0.826  1.00 47.09 ? 9   G   A "C2'" 1 
ATOM   177  O  "O2'" . G   A 1 9  ? -11.957 -4.906  -1.495  1.00 45.91 ? 9   G   A "O2'" 1 
ATOM   178  C  "C1'" . G   A 1 9  ? -10.522 -6.090  0.025   1.00 46.04 ? 9   G   A "C1'" 1 
ATOM   179  N  N9    . G   A 1 9  ? -9.690  -5.816  1.185   1.00 42.56 ? 9   G   A N9    1 
ATOM   180  C  C8    . G   A 1 9  ? -8.421  -6.272  1.416   1.00 42.53 ? 9   G   A C8    1 
ATOM   181  N  N7    . G   A 1 9  ? -7.908  -5.810  2.523   1.00 45.52 ? 9   G   A N7    1 
ATOM   182  C  C5    . G   A 1 9  ? -8.912  -5.010  3.058   1.00 43.50 ? 9   G   A C5    1 
ATOM   183  C  C6    . G   A 1 9  ? -8.938  -4.238  4.247   1.00 42.33 ? 9   G   A C6    1 
ATOM   184  O  O6    . G   A 1 9  ? -8.049  -4.098  5.091   1.00 43.30 ? 9   G   A O6    1 
ATOM   185  N  N1    . G   A 1 9  ? -10.157 -3.587  4.408   1.00 40.37 ? 9   G   A N1    1 
ATOM   186  C  C2    . G   A 1 9  ? -11.211 -3.667  3.538   1.00 40.36 ? 9   G   A C2    1 
ATOM   187  N  N2    . G   A 1 9  ? -12.304 -2.970  3.867   1.00 41.01 ? 9   G   A N2    1 
ATOM   188  N  N3    . G   A 1 9  ? -11.197 -4.379  2.427   1.00 41.81 ? 9   G   A N3    1 
ATOM   189  C  C4    . G   A 1 9  ? -10.022 -5.019  2.250   1.00 42.81 ? 9   G   A C4    1 
ATOM   190  P  P     . G   A 1 10 ? -9.231  -2.672  -3.009  1.00 50.52 ? 10  G   A P     1 
ATOM   191  O  OP1   . G   A 1 10 ? -9.613  -2.108  -4.331  1.00 49.87 ? 10  G   A OP1   1 
ATOM   192  O  OP2   . G   A 1 10 ? -7.798  -2.701  -2.602  1.00 50.44 ? 10  G   A OP2   1 
ATOM   193  O  "O5'" . G   A 1 10 ? -10.081 -1.925  -1.886  1.00 49.22 ? 10  G   A "O5'" 1 
ATOM   194  C  "C5'" . G   A 1 10 ? -11.438 -1.575  -2.122  1.00 50.11 ? 10  G   A "C5'" 1 
ATOM   195  C  "C4'" . G   A 1 10 ? -11.828 -0.393  -1.271  1.00 51.92 ? 10  G   A "C4'" 1 
ATOM   196  O  "O4'" . G   A 1 10 ? -11.893 -0.803  0.119   1.00 53.01 ? 10  G   A "O4'" 1 
ATOM   197  C  "C3'" . G   A 1 10 ? -10.844 0.766   -1.272  1.00 52.81 ? 10  G   A "C3'" 1 
ATOM   198  O  "O3'" . G   A 1 10 ? -11.037 1.627   -2.383  1.00 56.12 ? 10  G   A "O3'" 1 
ATOM   199  C  "C2'" . G   A 1 10 ? -11.168 1.454   0.045   1.00 52.82 ? 10  G   A "C2'" 1 
ATOM   200  O  "O2'" . G   A 1 10 ? -12.334 2.244   -0.026  1.00 51.84 ? 10  G   A "O2'" 1 
ATOM   201  C  "C1'" . G   A 1 10 ? -11.416 0.246   0.947   1.00 52.53 ? 10  G   A "C1'" 1 
ATOM   202  N  N9    . G   A 1 10 ? -10.198 -0.217  1.598   1.00 51.42 ? 10  G   A N9    1 
ATOM   203  C  C8    . G   A 1 10 ? -9.533  -1.400  1.381   1.00 50.15 ? 10  G   A C8    1 
ATOM   204  N  N7    . G   A 1 10 ? -8.474  -1.536  2.130   1.00 50.34 ? 10  G   A N7    1 
ATOM   205  C  C5    . G   A 1 10 ? -8.439  -0.373  2.885   1.00 50.97 ? 10  G   A C5    1 
ATOM   206  C  C6    . G   A 1 10 ? -7.525  0.051   3.880   1.00 51.29 ? 10  G   A C6    1 
ATOM   207  O  O6    . G   A 1 10 ? -6.534  -0.543  4.321   1.00 52.27 ? 10  G   A O6    1 
ATOM   208  N  N1    . G   A 1 10 ? -7.858  1.305   4.375   1.00 51.76 ? 10  G   A N1    1 
ATOM   209  C  C2    . G   A 1 10 ? -8.933  2.054   3.971   1.00 52.86 ? 10  G   A C2    1 
ATOM   210  N  N2    . G   A 1 10 ? -9.076  3.251   4.558   1.00 53.37 ? 10  G   A N2    1 
ATOM   211  N  N3    . G   A 1 10 ? -9.801  1.664   3.057   1.00 51.18 ? 10  G   A N3    1 
ATOM   212  C  C4    . G   A 1 10 ? -9.493  0.453   2.558   1.00 50.85 ? 10  G   A C4    1 
ATOM   213  P  P     . U   A 1 11 ? -9.758  2.194   -3.172  1.00 60.20 ? 11  U   A P     1 
ATOM   214  O  OP1   . U   A 1 11 ? -10.232 2.697   -4.490  1.00 59.72 ? 11  U   A OP1   1 
ATOM   215  O  OP2   . U   A 1 11 ? -8.702  1.146   -3.118  1.00 58.34 ? 11  U   A OP2   1 
ATOM   216  O  "O5'" . U   A 1 11 ? -9.276  3.426   -2.285  1.00 59.05 ? 11  U   A "O5'" 1 
ATOM   217  C  "C5'" . U   A 1 11 ? -10.143 4.529   -2.058  1.00 60.18 ? 11  U   A "C5'" 1 
ATOM   218  C  "C4'" . U   A 1 11 ? -9.560  5.453   -1.018  1.00 61.42 ? 11  U   A "C4'" 1 
ATOM   219  O  "O4'" . U   A 1 11 ? -9.510  4.784   0.269   1.00 60.69 ? 11  U   A "O4'" 1 
ATOM   220  C  "C3'" . U   A 1 11 ? -8.127  5.898   -1.246  1.00 63.24 ? 11  U   A "C3'" 1 
ATOM   221  O  "O3'" . U   A 1 11 ? -8.060  6.972   -2.176  1.00 65.80 ? 11  U   A "O3'" 1 
ATOM   222  C  "C2'" . U   A 1 11 ? -7.715  6.338   0.153   1.00 62.65 ? 11  U   A "C2'" 1 
ATOM   223  O  "O2'" . U   A 1 11 ? -8.196  7.629   0.476   1.00 63.22 ? 11  U   A "O2'" 1 
ATOM   224  C  "C1'" . U   A 1 11 ? -8.412  5.281   1.016   1.00 61.99 ? 11  U   A "C1'" 1 
ATOM   225  N  N1    . U   A 1 11 ? -7.531  4.152   1.341   1.00 61.88 ? 11  U   A N1    1 
ATOM   226  C  C2    . U   A 1 11 ? -6.641  4.301   2.396   1.00 61.32 ? 11  U   A C2    1 
ATOM   227  O  O2    . U   A 1 11 ? -6.560  5.322   3.062   1.00 61.59 ? 11  U   A O2    1 
ATOM   228  N  N3    . U   A 1 11 ? -5.848  3.208   2.638   1.00 59.80 ? 11  U   A N3    1 
ATOM   229  C  C4    . U   A 1 11 ? -5.851  2.012   1.950   1.00 59.86 ? 11  U   A C4    1 
ATOM   230  O  O4    . U   A 1 11 ? -5.078  1.118   2.294   1.00 62.17 ? 11  U   A O4    1 
ATOM   231  C  C5    . U   A 1 11 ? -6.796  1.938   0.880   1.00 59.92 ? 11  U   A C5    1 
ATOM   232  C  C6    . U   A 1 11 ? -7.585  2.982   0.619   1.00 60.52 ? 11  U   A C6    1 
ATOM   233  P  P     . G   A 1 12 ? -6.721  7.197   -3.035  1.00 67.20 ? 12  G   A P     1 
ATOM   234  O  OP1   . G   A 1 12 ? -6.950  8.380   -3.900  1.00 67.92 ? 12  G   A OP1   1 
ATOM   235  O  OP2   . G   A 1 12 ? -6.327  5.902   -3.652  1.00 66.14 ? 12  G   A OP2   1 
ATOM   236  O  "O5'" . G   A 1 12 ? -5.632  7.565   -1.931  1.00 66.06 ? 12  G   A "O5'" 1 
ATOM   237  C  "C5'" . G   A 1 12 ? -5.795  8.716   -1.114  1.00 64.58 ? 12  G   A "C5'" 1 
ATOM   238  C  "C4'" . G   A 1 12 ? -4.733  8.759   -0.043  1.00 64.22 ? 12  G   A "C4'" 1 
ATOM   239  O  "O4'" . G   A 1 12 ? -4.907  7.664   0.893   1.00 64.11 ? 12  G   A "O4'" 1 
ATOM   240  C  "C3'" . G   A 1 12 ? -3.303  8.567   -0.506  1.00 63.67 ? 12  G   A "C3'" 1 
ATOM   241  O  "O3'" . G   A 1 12 ? -2.781  9.751   -1.071  1.00 63.12 ? 12  G   A "O3'" 1 
ATOM   242  C  "C2'" . G   A 1 12 ? -2.599  8.230   0.800   1.00 64.24 ? 12  G   A "C2'" 1 
ATOM   243  O  "O2'" . G   A 1 12 ? -2.326  9.364   1.598   1.00 64.12 ? 12  G   A "O2'" 1 
ATOM   244  C  "C1'" . G   A 1 12 ? -3.653  7.362   1.489   1.00 63.81 ? 12  G   A "C1'" 1 
ATOM   245  N  N9    . G   A 1 12 ? -3.367  5.946   1.308   1.00 62.48 ? 12  G   A N9    1 
ATOM   246  C  C8    . G   A 1 12 ? -3.883  5.103   0.358   1.00 61.95 ? 12  G   A C8    1 
ATOM   247  N  N7    . G   A 1 12 ? -3.417  3.887   0.448   1.00 62.29 ? 12  G   A N7    1 
ATOM   248  C  C5    . G   A 1 12 ? -2.543  3.931   1.526   1.00 61.17 ? 12  G   A C5    1 
ATOM   249  C  C6    . G   A 1 12 ? -1.741  2.912   2.104   1.00 61.29 ? 12  G   A C6    1 
ATOM   250  O  O6    . G   A 1 12 ? -1.637  1.727   1.764   1.00 62.30 ? 12  G   A O6    1 
ATOM   251  N  N1    . G   A 1 12 ? -1.008  3.389   3.187   1.00 60.66 ? 12  G   A N1    1 
ATOM   252  C  C2    . G   A 1 12 ? -1.037  4.679   3.652   1.00 60.55 ? 12  G   A C2    1 
ATOM   253  N  N2    . G   A 1 12 ? -0.257  4.945   4.711   1.00 58.16 ? 12  G   A N2    1 
ATOM   254  N  N3    . G   A 1 12 ? -1.777  5.639   3.118   1.00 61.26 ? 12  G   A N3    1 
ATOM   255  C  C4    . G   A 1 12 ? -2.501  5.194   2.068   1.00 61.57 ? 12  G   A C4    1 
ATOM   256  P  P     . C   A 1 13 ? -1.473  9.671   -1.989  1.00 61.98 ? 13  C   A P     1 
ATOM   257  O  OP1   . C   A 1 13 ? -1.216  11.034  -2.528  1.00 63.20 ? 13  C   A OP1   1 
ATOM   258  O  OP2   . C   A 1 13 ? -1.661  8.535   -2.922  1.00 63.04 ? 13  C   A OP2   1 
ATOM   259  O  "O5'" . C   A 1 13 ? -0.310  9.304   -0.968  1.00 59.69 ? 13  C   A "O5'" 1 
ATOM   260  C  "C5'" . C   A 1 13 ? 0.101   10.243  0.009   1.00 57.34 ? 13  C   A "C5'" 1 
ATOM   261  C  "C4'" . C   A 1 13 ? 1.081   9.613   0.962   1.00 56.38 ? 13  C   A "C4'" 1 
ATOM   262  O  "O4'" . C   A 1 13 ? 0.459   8.472   1.614   1.00 54.91 ? 13  C   A "O4'" 1 
ATOM   263  C  "C3'" . C   A 1 13 ? 2.328   9.010   0.348   1.00 56.49 ? 13  C   A "C3'" 1 
ATOM   264  O  "O3'" . C   A 1 13 ? 3.302   9.994   0.051   1.00 57.16 ? 13  C   A "O3'" 1 
ATOM   265  C  "C2'" . C   A 1 13 ? 2.794   8.088   1.465   1.00 56.50 ? 13  C   A "C2'" 1 
ATOM   266  O  "O2'" . C   A 1 13 ? 3.442   8.778   2.515   1.00 58.42 ? 13  C   A "O2'" 1 
ATOM   267  C  "C1'" . C   A 1 13 ? 1.459   7.520   1.952   1.00 53.96 ? 13  C   A "C1'" 1 
ATOM   268  N  N1    . C   A 1 13 ? 1.153   6.262   1.268   1.00 50.27 ? 13  C   A N1    1 
ATOM   269  C  C2    . C   A 1 13 ? 1.816   5.109   1.668   1.00 50.24 ? 13  C   A C2    1 
ATOM   270  O  O2    . C   A 1 13 ? 2.611   5.177   2.618   1.00 49.61 ? 13  C   A O2    1 
ATOM   271  N  N3    . C   A 1 13 ? 1.581   3.948   1.014   1.00 49.85 ? 13  C   A N3    1 
ATOM   272  C  C4    . C   A 1 13 ? 0.720   3.924   -0.003  1.00 49.40 ? 13  C   A C4    1 
ATOM   273  N  N4    . C   A 1 13 ? 0.540   2.771   -0.642  1.00 49.16 ? 13  C   A N4    1 
ATOM   274  C  C5    . C   A 1 13 ? 0.010   5.084   -0.414  1.00 49.41 ? 13  C   A C5    1 
ATOM   275  C  C6    . C   A 1 13 ? 0.253   6.221   0.243   1.00 49.78 ? 13  C   A C6    1 
ATOM   276  P  P     . A   A 1 14 ? 4.516   9.631   -0.935  1.00 58.58 ? 14  A   A P     1 
ATOM   277  O  OP1   . A   A 1 14 ? 5.350   10.850  -1.077  1.00 60.33 ? 14  A   A OP1   1 
ATOM   278  O  OP2   . A   A 1 14 ? 3.976   8.961   -2.148  1.00 56.86 ? 14  A   A OP2   1 
ATOM   279  O  "O5'" . A   A 1 14 ? 5.362   8.568   -0.116  1.00 56.57 ? 14  A   A "O5'" 1 
ATOM   280  C  "C5'" . A   A 1 14 ? 6.210   8.988   0.937   1.00 56.47 ? 14  A   A "C5'" 1 
ATOM   281  C  "C4'" . A   A 1 14 ? 7.031   7.829   1.423   1.00 57.98 ? 14  A   A "C4'" 1 
ATOM   282  O  "O4'" . A   A 1 14 ? 6.132   6.808   1.933   1.00 58.83 ? 14  A   A "O4'" 1 
ATOM   283  C  "C3'" . A   A 1 14 ? 7.824   7.107   0.348   1.00 58.25 ? 14  A   A "C3'" 1 
ATOM   284  O  "O3'" . A   A 1 14 ? 9.056   7.772   0.087   1.00 57.91 ? 14  A   A "O3'" 1 
ATOM   285  C  "C2'" . A   A 1 14 ? 8.029   5.740   0.989   1.00 58.68 ? 14  A   A "C2'" 1 
ATOM   286  O  "O2'" . A   A 1 14 ? 9.046   5.738   1.968   1.00 58.71 ? 14  A   A "O2'" 1 
ATOM   287  C  "C1'" . A   A 1 14 ? 6.676   5.525   1.670   1.00 58.39 ? 14  A   A "C1'" 1 
ATOM   288  N  N9    . A   A 1 14 ? 5.747   4.798   0.814   1.00 57.18 ? 14  A   A N9    1 
ATOM   289  C  C8    . A   A 1 14 ? 4.756   5.300   0.010   1.00 57.17 ? 14  A   A C8    1 
ATOM   290  N  N7    . A   A 1 14 ? 4.113   4.381   -0.673  1.00 57.35 ? 14  A   A N7    1 
ATOM   291  C  C5    . A   A 1 14 ? 4.718   3.194   -0.282  1.00 57.20 ? 14  A   A C5    1 
ATOM   292  C  C6    . A   A 1 14 ? 4.501   1.858   -0.650  1.00 57.04 ? 14  A   A C6    1 
ATOM   293  N  N6    . A   A 1 14 ? 3.581   1.476   -1.536  1.00 56.70 ? 14  A   A N6    1 
ATOM   294  N  N1    . A   A 1 14 ? 5.274   0.913   -0.069  1.00 58.07 ? 14  A   A N1    1 
ATOM   295  C  C2    . A   A 1 14 ? 6.205   1.300   0.814   1.00 56.75 ? 14  A   A C2    1 
ATOM   296  N  N3    . A   A 1 14 ? 6.508   2.524   1.235   1.00 56.71 ? 14  A   A N3    1 
ATOM   297  C  C4    . A   A 1 14 ? 5.718   3.436   0.642   1.00 57.40 ? 14  A   A C4    1 
ATOM   298  P  P     . C   A 1 15 ? 9.829   7.502   -1.298  1.00 57.32 ? 15  C   A P     1 
ATOM   299  O  OP1   . C   A 1 15 ? 11.012  8.398   -1.357  1.00 56.35 ? 15  C   A OP1   1 
ATOM   300  O  OP2   . C   A 1 15 ? 8.819   7.533   -2.389  1.00 55.06 ? 15  C   A OP2   1 
ATOM   301  O  "O5'" . C   A 1 15 ? 10.377  6.015   -1.161  1.00 56.20 ? 15  C   A "O5'" 1 
ATOM   302  C  "C5'" . C   A 1 15 ? 11.342  5.691   -0.168  1.00 54.74 ? 15  C   A "C5'" 1 
ATOM   303  C  "C4'" . C   A 1 15 ? 11.495  4.196   -0.067  1.00 54.94 ? 15  C   A "C4'" 1 
ATOM   304  O  "O4'" . C   A 1 15 ? 10.215  3.604   0.294   1.00 54.57 ? 15  C   A "O4'" 1 
ATOM   305  C  "C3'" . C   A 1 15 ? 11.854  3.496   -1.363  1.00 54.75 ? 15  C   A "C3'" 1 
ATOM   306  O  "O3'" . C   A 1 15 ? 13.245  3.561   -1.623  1.00 53.75 ? 15  C   A "O3'" 1 
ATOM   307  C  "C2'" . C   A 1 15 ? 11.389  2.074   -1.086  1.00 54.74 ? 15  C   A "C2'" 1 
ATOM   308  O  "O2'" . C   A 1 15 ? 12.281  1.360   -0.249  1.00 54.43 ? 15  C   A "O2'" 1 
ATOM   309  C  "C1'" . C   A 1 15 ? 10.082  2.338   -0.338  1.00 53.42 ? 15  C   A "C1'" 1 
ATOM   310  N  N1    . C   A 1 15 ? 8.929   2.396   -1.245  1.00 50.56 ? 15  C   A N1    1 
ATOM   311  C  C2    . C   A 1 15 ? 8.396   1.200   -1.736  1.00 50.11 ? 15  C   A C2    1 
ATOM   312  O  O2    . C   A 1 15 ? 8.914   0.127   -1.393  1.00 49.04 ? 15  C   A O2    1 
ATOM   313  N  N3    . C   A 1 15 ? 7.336   1.245   -2.573  1.00 49.90 ? 15  C   A N3    1 
ATOM   314  C  C4    . C   A 1 15 ? 6.812   2.420   -2.922  1.00 48.36 ? 15  C   A C4    1 
ATOM   315  N  N4    . C   A 1 15 ? 5.768   2.416   -3.743  1.00 48.85 ? 15  C   A N4    1 
ATOM   316  C  C5    . C   A 1 15 ? 7.338   3.651   -2.440  1.00 49.19 ? 15  C   A C5    1 
ATOM   317  C  C6    . C   A 1 15 ? 8.384   3.594   -1.610  1.00 49.14 ? 15  C   A C6    1 
ATOM   318  P  P     . A   A 1 16 ? 13.765  3.395   -3.131  1.00 54.57 ? 16  A   A P     1 
ATOM   319  O  OP1   . A   A 1 16 ? 15.210  3.740   -3.199  1.00 54.95 ? 16  A   A OP1   1 
ATOM   320  O  OP2   . A   A 1 16 ? 12.799  4.103   -4.013  1.00 52.92 ? 16  A   A OP2   1 
ATOM   321  O  "O5'" . A   A 1 16 ? 13.617  1.836   -3.404  1.00 52.97 ? 16  A   A "O5'" 1 
ATOM   322  C  "C5'" . A   A 1 16 ? 14.340  0.891   -2.635  1.00 50.66 ? 16  A   A "C5'" 1 
ATOM   323  C  "C4'" . A   A 1 16 ? 13.953  -0.498  -3.057  1.00 50.75 ? 16  A   A "C4'" 1 
ATOM   324  O  "O4'" . A   A 1 16 ? 12.555  -0.701  -2.736  1.00 52.44 ? 16  A   A "O4'" 1 
ATOM   325  C  "C3'" . A   A 1 16 ? 14.032  -0.740  -4.555  1.00 49.70 ? 16  A   A "C3'" 1 
ATOM   326  O  "O3'" . A   A 1 16 ? 15.337  -1.142  -4.930  1.00 48.16 ? 16  A   A "O3'" 1 
ATOM   327  C  "C2'" . A   A 1 16 ? 13.026  -1.864  -4.755  1.00 51.54 ? 16  A   A "C2'" 1 
ATOM   328  O  "O2'" . A   A 1 16 ? 13.552  -3.137  -4.434  1.00 50.19 ? 16  A   A "O2'" 1 
ATOM   329  C  "C1'" . A   A 1 16 ? 11.937  -1.472  -3.754  1.00 52.61 ? 16  A   A "C1'" 1 
ATOM   330  N  N9    . A   A 1 16 ? 10.864  -0.670  -4.338  1.00 52.67 ? 16  A   A N9    1 
ATOM   331  C  C8    . A   A 1 16 ? 10.674  0.685   -4.240  1.00 53.19 ? 16  A   A C8    1 
ATOM   332  N  N7    . A   A 1 16 ? 9.599   1.113   -4.855  1.00 53.81 ? 16  A   A N7    1 
ATOM   333  C  C5    . A   A 1 16 ? 9.045   -0.038  -5.398  1.00 52.49 ? 16  A   A C5    1 
ATOM   334  C  C6    . A   A 1 16 ? 7.891   -0.263  -6.162  1.00 51.12 ? 16  A   A C6    1 
ATOM   335  N  N6    . A   A 1 16 ? 7.031   0.697   -6.504  1.00 51.62 ? 16  A   A N6    1 
ATOM   336  N  N1    . A   A 1 16 ? 7.639   -1.526  -6.562  1.00 50.13 ? 16  A   A N1    1 
ATOM   337  C  C2    . A   A 1 16 ? 8.486   -2.494  -6.197  1.00 50.93 ? 16  A   A C2    1 
ATOM   338  N  N3    . A   A 1 16 ? 9.594   -2.412  -5.467  1.00 52.49 ? 16  A   A N3    1 
ATOM   339  C  C4    . A   A 1 16 ? 9.822   -1.141  -5.096  1.00 52.55 ? 16  A   A C4    1 
ATOM   340  P  P     . C   A 1 17 ? 15.844  -0.885  -6.432  1.00 49.01 ? 17  C   A P     1 
ATOM   341  O  OP1   . C   A 1 17 ? 17.249  -1.367  -6.525  1.00 50.09 ? 17  C   A OP1   1 
ATOM   342  O  OP2   . C   A 1 17 ? 15.520  0.529   -6.780  1.00 47.62 ? 17  C   A OP2   1 
ATOM   343  O  "O5'" . C   A 1 17 ? 14.950  -1.865  -7.310  1.00 45.74 ? 17  C   A "O5'" 1 
ATOM   344  C  "C5'" . C   A 1 17 ? 14.980  -3.267  -7.078  1.00 41.23 ? 17  C   A "C5'" 1 
ATOM   345  C  "C4'" . C   A 1 17 ? 13.857  -3.930  -7.816  1.00 39.85 ? 17  C   A "C4'" 1 
ATOM   346  O  "O4'" . C   A 1 17 ? 12.596  -3.455  -7.282  1.00 39.62 ? 17  C   A "O4'" 1 
ATOM   347  C  "C3'" . C   A 1 17 ? 13.786  -3.564  -9.285  1.00 40.80 ? 17  C   A "C3'" 1 
ATOM   348  O  "O3'" . C   A 1 17 ? 14.664  -4.356  -10.063 1.00 39.31 ? 17  C   A "O3'" 1 
ATOM   349  C  "C2'" . C   A 1 17 ? 12.326  -3.830  -9.618  1.00 41.10 ? 17  C   A "C2'" 1 
ATOM   350  O  "O2'" . C   A 1 17 ? 12.049  -5.196  -9.873  1.00 41.37 ? 17  C   A "O2'" 1 
ATOM   351  C  "C1'" . C   A 1 17 ? 11.641  -3.363  -8.330  1.00 40.96 ? 17  C   A "C1'" 1 
ATOM   352  N  N1    . C   A 1 17 ? 11.166  -1.972  -8.418  1.00 40.08 ? 17  C   A N1    1 
ATOM   353  C  C2    . C   A 1 17 ? 10.023  -1.712  -9.176  1.00 40.17 ? 17  C   A C2    1 
ATOM   354  O  O2    . C   A 1 17 ? 9.451   -2.655  -9.729  1.00 40.73 ? 17  C   A O2    1 
ATOM   355  N  N3    . C   A 1 17 ? 9.572   -0.444  -9.290  1.00 40.38 ? 17  C   A N3    1 
ATOM   356  C  C4    . C   A 1 17 ? 10.220  0.549   -8.681  1.00 41.22 ? 17  C   A C4    1 
ATOM   357  N  N4    . C   A 1 17 ? 9.746   1.786   -8.841  1.00 38.99 ? 17  C   A N4    1 
ATOM   358  C  C5    . C   A 1 17 ? 11.386  0.314   -7.886  1.00 40.83 ? 17  C   A C5    1 
ATOM   359  C  C6    . C   A 1 17 ? 11.821  -0.952  -7.785  1.00 39.42 ? 17  C   A C6    1 
ATOM   360  P  P     . A   A 1 18 ? 15.337  -3.724  -11.372 1.00 39.26 ? 18  A   A P     1 
ATOM   361  O  OP1   . A   A 1 18 ? 16.403  -4.647  -11.841 1.00 39.65 ? 18  A   A OP1   1 
ATOM   362  O  OP2   . A   A 1 18 ? 15.659  -2.297  -11.079 1.00 36.85 ? 18  A   A OP2   1 
ATOM   363  O  "O5'" . A   A 1 18 ? 14.157  -3.735  -12.434 1.00 39.43 ? 18  A   A "O5'" 1 
ATOM   364  C  "C5'" . A   A 1 18 ? 13.649  -4.955  -12.941 1.00 38.07 ? 18  A   A "C5'" 1 
ATOM   365  C  "C4'" . A   A 1 18 ? 12.469  -4.681  -13.827 1.00 36.35 ? 18  A   A "C4'" 1 
ATOM   366  O  "O4'" . A   A 1 18 ? 11.410  -4.116  -13.017 1.00 36.30 ? 18  A   A "O4'" 1 
ATOM   367  C  "C3'" . A   A 1 18 ? 12.703  -3.622  -14.886 1.00 37.25 ? 18  A   A "C3'" 1 
ATOM   368  O  "O3'" . A   A 1 18 ? 13.363  -4.171  -16.016 1.00 38.92 ? 18  A   A "O3'" 1 
ATOM   369  C  "C2'" . A   A 1 18 ? 11.280  -3.179  -15.190 1.00 37.56 ? 18  A   A "C2'" 1 
ATOM   370  O  "O2'" . A   A 1 18 ? 10.589  -4.115  -16.002 1.00 36.18 ? 18  A   A "O2'" 1 
ATOM   371  C  "C1'" . A   A 1 18 ? 10.668  -3.185  -13.786 1.00 37.32 ? 18  A   A "C1'" 1 
ATOM   372  N  N9    . A   A 1 18 ? 10.689  -1.892  -13.091 1.00 37.24 ? 18  A   A N9    1 
ATOM   373  C  C8    . A   A 1 18 ? 11.600  -1.447  -12.164 1.00 36.94 ? 18  A   A C8    1 
ATOM   374  N  N7    . A   A 1 18 ? 11.343  -0.244  -11.703 1.00 36.63 ? 18  A   A N7    1 
ATOM   375  C  C5    . A   A 1 18 ? 10.187  0.131   -12.374 1.00 36.27 ? 18  A   A C5    1 
ATOM   376  C  C6    . A   A 1 18 ? 9.404   1.300   -12.332 1.00 36.00 ? 18  A   A C6    1 
ATOM   377  N  N6    . A   A 1 18 ? 9.674   2.342   -11.555 1.00 36.79 ? 18  A   A N6    1 
ATOM   378  N  N1    . A   A 1 18 ? 8.319   1.360   -13.125 1.00 34.72 ? 18  A   A N1    1 
ATOM   379  C  C2    . A   A 1 18 ? 8.043   0.308   -13.906 1.00 38.37 ? 18  A   A C2    1 
ATOM   380  N  N3    . A   A 1 18 ? 8.696   -0.848  -14.034 1.00 36.06 ? 18  A   A N3    1 
ATOM   381  C  C4    . A   A 1 18 ? 9.773   -0.873  -13.233 1.00 36.37 ? 18  A   A C4    1 
ATOM   382  P  P     . G   A 1 19 ? 14.283  -3.227  -16.940 1.00 41.05 ? 19  G   A P     1 
ATOM   383  O  OP1   . G   A 1 19 ? 14.978  -4.098  -17.927 1.00 39.53 ? 19  G   A OP1   1 
ATOM   384  O  OP2   . G   A 1 19 ? 15.077  -2.324  -16.062 1.00 39.66 ? 19  G   A OP2   1 
ATOM   385  O  "O5'" . G   A 1 19 ? 13.240  -2.324  -17.733 1.00 38.09 ? 19  G   A "O5'" 1 
ATOM   386  C  "C5'" . G   A 1 19 ? 12.414  -2.886  -18.733 1.00 36.31 ? 19  G   A "C5'" 1 
ATOM   387  C  "C4'" . G   A 1 19 ? 11.371  -1.892  -19.148 1.00 37.45 ? 19  G   A "C4'" 1 
ATOM   388  O  "O4'" . G   A 1 19 ? 10.601  -1.517  -17.977 1.00 38.70 ? 19  G   A "O4'" 1 
ATOM   389  C  "C3'" . G   A 1 19 ? 11.894  -0.553  -19.621 1.00 37.95 ? 19  G   A "C3'" 1 
ATOM   390  O  "O3'" . G   A 1 19 ? 12.297  -0.583  -20.971 1.00 39.49 ? 19  G   A "O3'" 1 
ATOM   391  C  "C2'" . G   A 1 19 ? 10.668  0.327   -19.461 1.00 38.15 ? 19  G   A "C2'" 1 
ATOM   392  O  "O2'" . G   A 1 19 ? 9.729   0.127   -20.490 1.00 38.77 ? 19  G   A "O2'" 1 
ATOM   393  C  "C1'" . G   A 1 19 ? 10.110  -0.196  -18.142 1.00 37.56 ? 19  G   A "C1'" 1 
ATOM   394  N  N9    . G   A 1 19 ? 10.566  0.624   -17.028 1.00 36.36 ? 19  G   A N9    1 
ATOM   395  C  C8    . G   A 1 19 ? 11.614  0.386   -16.174 1.00 35.21 ? 19  G   A C8    1 
ATOM   396  N  N7    . G   A 1 19 ? 11.772  1.330   -15.286 1.00 35.48 ? 19  G   A N7    1 
ATOM   397  C  C5    . G   A 1 19 ? 10.761  2.236   -15.566 1.00 34.50 ? 19  G   A C5    1 
ATOM   398  C  C6    . G   A 1 19 ? 10.414  3.444   -14.928 1.00 35.44 ? 19  G   A C6    1 
ATOM   399  O  O6    . G   A 1 19 ? 10.940  3.969   -13.948 1.00 36.04 ? 19  G   A O6    1 
ATOM   400  N  N1    . G   A 1 19 ? 9.321   4.053   -15.540 1.00 35.38 ? 19  G   A N1    1 
ATOM   401  C  C2    . G   A 1 19 ? 8.643   3.548   -16.625 1.00 34.95 ? 19  G   A C2    1 
ATOM   402  N  N2    . G   A 1 19 ? 7.606   4.272   -17.088 1.00 34.68 ? 19  G   A N2    1 
ATOM   403  N  N3    . G   A 1 19 ? 8.954   2.414   -17.218 1.00 34.89 ? 19  G   A N3    1 
ATOM   404  C  C4    . G   A 1 19 ? 10.014  1.816   -16.641 1.00 35.31 ? 19  G   A C4    1 
ATOM   405  P  P     . C   A 1 20 ? 13.302  0.541   -21.510 1.00 42.16 ? 20  C   A P     1 
ATOM   406  O  OP1   . C   A 1 20 ? 13.560  0.259   -22.944 1.00 44.05 ? 20  C   A OP1   1 
ATOM   407  O  OP2   . C   A 1 20 ? 14.434  0.628   -20.551 1.00 41.41 ? 20  C   A OP2   1 
ATOM   408  O  "O5'" . C   A 1 20 ? 12.468  1.891   -21.424 1.00 40.93 ? 20  C   A "O5'" 1 
ATOM   409  C  "C5'" . C   A 1 20 ? 11.322  2.089   -22.238 1.00 40.89 ? 20  C   A "C5'" 1 
ATOM   410  C  "C4'" . C   A 1 20 ? 10.603  3.338   -21.809 1.00 42.05 ? 20  C   A "C4'" 1 
ATOM   411  O  "O4'" . C   A 1 20 ? 10.374  3.261   -20.377 1.00 42.17 ? 20  C   A "O4'" 1 
ATOM   412  C  "C3'" . C   A 1 20 ? 11.388  4.625   -21.963 1.00 43.20 ? 20  C   A "C3'" 1 
ATOM   413  O  "O3'" . C   A 1 20 ? 11.302  5.122   -23.291 1.00 44.33 ? 20  C   A "O3'" 1 
ATOM   414  C  "C2'" . C   A 1 20 ? 10.697  5.538   -20.961 1.00 42.63 ? 20  C   A "C2'" 1 
ATOM   415  O  "O2'" . C   A 1 20 ? 9.479   6.065   -21.445 1.00 43.31 ? 20  C   A "O2'" 1 
ATOM   416  C  "C1'" . C   A 1 20 ? 10.403  4.563   -19.821 1.00 41.45 ? 20  C   A "C1'" 1 
ATOM   417  N  N1    . C   A 1 20 ? 11.403  4.590   -18.745 1.00 40.63 ? 20  C   A N1    1 
ATOM   418  C  C2    . C   A 1 20 ? 11.375  5.654   -17.832 1.00 41.75 ? 20  C   A C2    1 
ATOM   419  O  O2    . C   A 1 20 ? 10.520  6.542   -17.974 1.00 41.12 ? 20  C   A O2    1 
ATOM   420  N  N3    . C   A 1 20 ? 12.275  5.683   -16.821 1.00 40.96 ? 20  C   A N3    1 
ATOM   421  C  C4    . C   A 1 20 ? 13.174  4.701   -16.701 1.00 40.50 ? 20  C   A C4    1 
ATOM   422  N  N4    . C   A 1 20 ? 14.028  4.759   -15.674 1.00 40.34 ? 20  C   A N4    1 
ATOM   423  C  C5    . C   A 1 20 ? 13.232  3.612   -17.624 1.00 40.21 ? 20  C   A C5    1 
ATOM   424  C  C6    . C   A 1 20 ? 12.337  3.599   -18.623 1.00 40.99 ? 20  C   A C6    1 
ATOM   425  P  P     . A   A 1 21 ? 12.488  6.052   -23.873 1.00 47.95 ? 21  A   A P     1 
ATOM   426  O  OP1   . A   A 1 21 ? 12.273  6.200   -25.346 1.00 46.09 ? 21  A   A OP1   1 
ATOM   427  O  OP2   . A   A 1 21 ? 13.781  5.504   -23.373 1.00 46.31 ? 21  A   A OP2   1 
ATOM   428  O  "O5'" . A   A 1 21 ? 12.258  7.468   -23.167 1.00 41.84 ? 21  A   A "O5'" 1 
ATOM   429  C  "C5'" . A   A 1 21 ? 11.176  8.304   -23.565 1.00 41.58 ? 21  A   A "C5'" 1 
ATOM   430  C  "C4'" . A   A 1 21 ? 11.205  9.617   -22.813 1.00 41.69 ? 21  A   A "C4'" 1 
ATOM   431  O  "O4'" . A   A 1 21 ? 10.926  9.402   -21.397 1.00 39.92 ? 21  A   A "O4'" 1 
ATOM   432  C  "C3'" . A   A 1 21 ? 12.533  10.351  -22.805 1.00 41.86 ? 21  A   A "C3'" 1 
ATOM   433  O  "O3'" . A   A 1 21 ? 12.790  11.032  -24.031 1.00 42.45 ? 21  A   A "O3'" 1 
ATOM   434  C  "C2'" . A   A 1 21 ? 12.347  11.283  -21.612 1.00 40.19 ? 21  A   A "C2'" 1 
ATOM   435  O  "O2'" . A   A 1 21 ? 11.471  12.351  -21.904 1.00 39.48 ? 21  A   A "O2'" 1 
ATOM   436  C  "C1'" . A   A 1 21 ? 11.661  10.344  -20.619 1.00 38.31 ? 21  A   A "C1'" 1 
ATOM   437  N  N9    . A   A 1 21 ? 12.589  9.608   -19.749 1.00 36.01 ? 21  A   A N9    1 
ATOM   438  C  C8    . A   A 1 21 ? 13.085  8.335   -19.920 1.00 34.91 ? 21  A   A C8    1 
ATOM   439  N  N7    . A   A 1 21 ? 13.854  7.930   -18.937 1.00 33.15 ? 21  A   A N7    1 
ATOM   440  C  C5    . A   A 1 21 ? 13.875  9.007   -18.062 1.00 32.93 ? 21  A   A C5    1 
ATOM   441  C  C6    . A   A 1 21 ? 14.500  9.206   -16.812 1.00 33.09 ? 21  A   A C6    1 
ATOM   442  N  N6    . A   A 1 21 ? 15.238  8.281   -16.192 1.00 31.62 ? 21  A   A N6    1 
ATOM   443  N  N1    . A   A 1 21 ? 14.331  10.400  -16.208 1.00 34.42 ? 21  A   A N1    1 
ATOM   444  C  C2    . A   A 1 21 ? 13.580  11.325  -16.820 1.00 36.45 ? 21  A   A C2    1 
ATOM   445  N  N3    . A   A 1 21 ? 12.931  11.256  -17.985 1.00 36.13 ? 21  A   A N3    1 
ATOM   446  C  C4    . A   A 1 21 ? 13.119  10.056  -18.561 1.00 34.89 ? 21  A   A C4    1 
ATOM   447  P  P     . A   A 1 22 ? 14.310  11.149  -24.565 1.00 44.78 ? 22  A   A P     1 
ATOM   448  O  OP1   . A   A 1 22 ? 14.279  11.553  -26.000 1.00 44.07 ? 22  A   A OP1   1 
ATOM   449  O  OP2   . A   A 1 22 ? 15.047  9.919   -24.163 1.00 43.02 ? 22  A   A OP2   1 
ATOM   450  O  "O5'" . A   A 1 22 ? 14.911  12.344  -23.697 1.00 42.59 ? 22  A   A "O5'" 1 
ATOM   451  C  "C5'" . A   A 1 22 ? 14.243  13.600  -23.637 1.00 39.62 ? 22  A   A "C5'" 1 
ATOM   452  C  "C4'" . A   A 1 22 ? 14.819  14.443  -22.532 1.00 37.85 ? 22  A   A "C4'" 1 
ATOM   453  O  "O4'" . A   A 1 22 ? 14.438  13.894  -21.247 1.00 36.95 ? 22  A   A "O4'" 1 
ATOM   454  C  "C3'" . A   A 1 22 ? 16.333  14.486  -22.471 1.00 37.67 ? 22  A   A "C3'" 1 
ATOM   455  O  "O3'" . A   A 1 22 ? 16.865  15.439  -23.370 1.00 40.17 ? 22  A   A "O3'" 1 
ATOM   456  C  "C2'" . A   A 1 22 ? 16.571  14.905  -21.031 1.00 36.23 ? 22  A   A "C2'" 1 
ATOM   457  O  "O2'" . A   A 1 22 ? 16.369  16.289  -20.840 1.00 34.95 ? 22  A   A "O2'" 1 
ATOM   458  C  "C1'" . A   A 1 22 ? 15.489  14.099  -20.313 1.00 35.18 ? 22  A   A "C1'" 1 
ATOM   459  N  N9    . A   A 1 22 ? 15.990  12.788  -19.909 1.00 32.28 ? 22  A   A N9    1 
ATOM   460  C  C8    . A   A 1 22 ? 15.972  11.623  -20.639 1.00 30.93 ? 22  A   A C8    1 
ATOM   461  N  N7    . A   A 1 22 ? 16.516  10.605  -20.018 1.00 30.96 ? 22  A   A N7    1 
ATOM   462  C  C5    . A   A 1 22 ? 16.916  11.134  -18.797 1.00 28.69 ? 22  A   A C5    1 
ATOM   463  C  C6    . A   A 1 22 ? 17.562  10.563  -17.684 1.00 28.58 ? 22  A   A C6    1 
ATOM   464  N  N6    . A   A 1 22 ? 17.943  9.283   -17.619 1.00 28.05 ? 22  A   A N6    1 
ATOM   465  N  N1    . A   A 1 22 ? 17.811  11.363  -16.626 1.00 28.55 ? 22  A   A N1    1 
ATOM   466  C  C2    . A   A 1 22 ? 17.439  12.646  -16.696 1.00 30.02 ? 22  A   A C2    1 
ATOM   467  N  N3    . A   A 1 22 ? 16.831  13.298  -17.688 1.00 28.81 ? 22  A   A N3    1 
ATOM   468  C  C4    . A   A 1 22 ? 16.594  12.475  -18.717 1.00 29.16 ? 22  A   A C4    1 
ATOM   469  P  P     . G   A 1 23 ? 18.402  15.326  -23.812 1.00 43.31 ? 23  G   A P     1 
ATOM   470  O  OP1   . G   A 1 23 ? 18.712  16.507  -24.659 1.00 45.24 ? 23  G   A OP1   1 
ATOM   471  O  OP2   . G   A 1 23 ? 18.657  13.956  -24.332 1.00 39.53 ? 23  G   A OP2   1 
ATOM   472  O  "O5'" . G   A 1 23 ? 19.195  15.493  -22.442 1.00 44.68 ? 23  G   A "O5'" 1 
ATOM   473  C  "C5'" . G   A 1 23 ? 19.328  16.779  -21.835 1.00 45.68 ? 23  G   A "C5'" 1 
ATOM   474  C  "C4'" . G   A 1 23 ? 20.303  16.711  -20.686 1.00 46.31 ? 23  G   A "C4'" 1 
ATOM   475  O  "O4'" . G   A 1 23 ? 19.763  15.848  -19.652 1.00 45.53 ? 23  G   A "O4'" 1 
ATOM   476  C  "C3'" . G   A 1 23 ? 21.643  16.073  -21.016 1.00 46.30 ? 23  G   A "C3'" 1 
ATOM   477  O  "O3'" . G   A 1 23 ? 22.524  16.912  -21.782 1.00 45.94 ? 23  G   A "O3'" 1 
ATOM   478  C  "C2'" . G   A 1 23 ? 22.133  15.643  -19.641 1.00 45.12 ? 23  G   A "C2'" 1 
ATOM   479  O  "O2'" . G   A 1 23 ? 22.663  16.707  -18.884 1.00 47.60 ? 23  G   A "O2'" 1 
ATOM   480  C  "C1'" . G   A 1 23 ? 20.826  15.187  -18.991 1.00 44.72 ? 23  G   A "C1'" 1 
ATOM   481  N  N9    . G   A 1 23 ? 20.623  13.746  -19.091 1.00 43.35 ? 23  G   A N9    1 
ATOM   482  C  C8    . G   A 1 23 ? 20.053  13.040  -20.126 1.00 42.05 ? 23  G   A C8    1 
ATOM   483  N  N7    . G   A 1 23 ? 20.045  11.750  -19.916 1.00 40.26 ? 23  G   A N7    1 
ATOM   484  C  C5    . G   A 1 23 ? 20.641  11.601  -18.669 1.00 39.56 ? 23  G   A C5    1 
ATOM   485  C  C6    . G   A 1 23 ? 20.915  10.441  -17.918 1.00 39.60 ? 23  G   A C6    1 
ATOM   486  O  O6    . G   A 1 23 ? 20.679  9.274   -18.204 1.00 42.43 ? 23  G   A O6    1 
ATOM   487  N  N1    . G   A 1 23 ? 21.533  10.740  -16.716 1.00 40.93 ? 23  G   A N1    1 
ATOM   488  C  C2    . G   A 1 23 ? 21.846  12.000  -16.285 1.00 42.23 ? 23  G   A C2    1 
ATOM   489  N  N2    . G   A 1 23 ? 22.455  12.087  -15.091 1.00 42.63 ? 23  G   A N2    1 
ATOM   490  N  N3    . G   A 1 23 ? 21.588  13.093  -16.970 1.00 40.79 ? 23  G   A N3    1 
ATOM   491  C  C4    . G   A 1 23 ? 20.993  12.821  -18.146 1.00 40.82 ? 23  G   A C4    1 
ATOM   492  O  "O5'" . C   B 1 1  ? 23.708  4.485   -11.463 1.00 49.02 ? 1   C   B "O5'" 1 
ATOM   493  C  "C5'" . C   B 1 1  ? 24.215  5.036   -10.241 1.00 47.42 ? 1   C   B "C5'" 1 
ATOM   494  C  "C4'" . C   B 1 1  ? 24.457  6.511   -10.410 1.00 45.39 ? 1   C   B "C4'" 1 
ATOM   495  O  "O4'" . C   B 1 1  ? 24.814  6.743   -11.796 1.00 45.87 ? 1   C   B "O4'" 1 
ATOM   496  C  "C3'" . C   B 1 1  ? 23.249  7.404   -10.190 1.00 44.65 ? 1   C   B "C3'" 1 
ATOM   497  O  "O3'" . C   B 1 1  ? 23.105  7.751   -8.821  1.00 44.67 ? 1   C   B "O3'" 1 
ATOM   498  C  "C2'" . C   B 1 1  ? 23.600  8.626   -11.023 1.00 44.47 ? 1   C   B "C2'" 1 
ATOM   499  O  "O2'" . C   B 1 1  ? 24.536  9.465   -10.379 1.00 43.41 ? 1   C   B "O2'" 1 
ATOM   500  C  "C1'" . C   B 1 1  ? 24.270  7.978   -12.231 1.00 44.87 ? 1   C   B "C1'" 1 
ATOM   501  N  N1    . C   B 1 1  ? 23.365  7.715   -13.361 1.00 43.66 ? 1   C   B N1    1 
ATOM   502  C  C2    . C   B 1 1  ? 23.003  8.777   -14.197 1.00 44.26 ? 1   C   B C2    1 
ATOM   503  O  O2    . C   B 1 1  ? 23.425  9.911   -13.937 1.00 45.44 ? 1   C   B O2    1 
ATOM   504  N  N3    . C   B 1 1  ? 22.205  8.540   -15.260 1.00 43.43 ? 1   C   B N3    1 
ATOM   505  C  C4    . C   B 1 1  ? 21.762  7.304   -15.495 1.00 44.12 ? 1   C   B C4    1 
ATOM   506  N  N4    . C   B 1 1  ? 20.983  7.110   -16.561 1.00 43.47 ? 1   C   B N4    1 
ATOM   507  C  C5    . C   B 1 1  ? 22.099  6.208   -14.647 1.00 44.54 ? 1   C   B C5    1 
ATOM   508  C  C6    . C   B 1 1  ? 22.894  6.457   -13.602 1.00 43.33 ? 1   C   B C6    1 
HETATM 509  P  P     . 5BU B 1 2  ? 21.670  8.236   -8.277  1.00 48.13 ? 2   5BU B P     1 
HETATM 510  O  OP1   . 5BU B 1 2  ? 21.793  8.581   -6.836  1.00 47.15 ? 2   5BU B OP1   1 
HETATM 511  O  OP2   . 5BU B 1 2  ? 20.699  7.190   -8.703  1.00 47.69 ? 2   5BU B OP2   1 
HETATM 512  O  "O5'" . 5BU B 1 2  ? 21.356  9.574   -9.096  1.00 47.36 ? 2   5BU B "O5'" 1 
HETATM 513  C  "C5'" . 5BU B 1 2  ? 21.938  10.828  -8.723  1.00 46.26 ? 2   5BU B "C5'" 1 
HETATM 514  C  "C4'" . 5BU B 1 2  ? 21.292  11.965  -9.489  1.00 45.60 ? 2   5BU B "C4'" 1 
HETATM 515  O  "O4'" . 5BU B 1 2  ? 21.560  11.821  -10.907 1.00 45.76 ? 2   5BU B "O4'" 1 
HETATM 516  C  "C3'" . 5BU B 1 2  ? 19.779  12.013  -9.426  1.00 47.11 ? 2   5BU B "C3'" 1 
HETATM 517  O  "O3'" . 5BU B 1 2  ? 19.323  12.622  -8.232  1.00 46.66 ? 2   5BU B "O3'" 1 
HETATM 518  C  "C2'" . 5BU B 1 2  ? 19.424  12.830  -10.660 1.00 46.62 ? 2   5BU B "C2'" 1 
HETATM 519  O  "O2'" . 5BU B 1 2  ? 19.549  14.223  -10.485 1.00 47.37 ? 2   5BU B "O2'" 1 
HETATM 520  C  "C1'" . 5BU B 1 2  ? 20.469  12.334  -11.656 1.00 47.11 ? 2   5BU B "C1'" 1 
HETATM 521  N  N1    . 5BU B 1 2  ? 19.933  11.261  -12.507 1.00 49.00 ? 2   5BU B N1    1 
HETATM 522  C  C2    . 5BU B 1 2  ? 19.288  11.626  -13.665 1.00 51.19 ? 2   5BU B C2    1 
HETATM 523  O  O2    . 5BU B 1 2  ? 19.115  12.790  -13.992 1.00 52.80 ? 2   5BU B O2    1 
HETATM 524  N  N3    . 5BU B 1 2  ? 18.838  10.574  -14.426 1.00 51.50 ? 2   5BU B N3    1 
HETATM 525  C  C4    . 5BU B 1 2  ? 18.944  9.230   -14.135 1.00 53.55 ? 2   5BU B C4    1 
HETATM 526  O  O4    . 5BU B 1 2  ? 18.511  8.396   -14.925 1.00 52.10 ? 2   5BU B O4    1 
HETATM 527  C  C5    . 5BU B 1 2  ? 19.588  8.923   -12.878 1.00 54.22 ? 2   5BU B C5    1 
HETATM 528  C  C6    . 5BU B 1 2  ? 20.065  9.939   -12.148 1.00 52.38 ? 2   5BU B C6    1 
HETATM 529  BR BR    . 5BU B 1 2  ? 19.708  6.925   -12.260 0.70 62.78 ? 2   5BU B BR    1 
ATOM   530  P  P     . U   B 1 3  ? 17.997  12.058  -7.521  1.00 48.83 ? 3   U   B P     1 
ATOM   531  O  OP1   . U   B 1 3  ? 18.016  12.504  -6.103  1.00 49.24 ? 3   U   B OP1   1 
ATOM   532  O  OP2   . U   B 1 3  ? 17.893  10.606  -7.853  1.00 47.22 ? 3   U   B OP2   1 
ATOM   533  O  "O5'" . U   B 1 3  ? 16.800  12.792  -8.269  1.00 46.89 ? 3   U   B "O5'" 1 
ATOM   534  C  "C5'" . U   B 1 3  ? 16.718  14.208  -8.295  1.00 44.72 ? 3   U   B "C5'" 1 
ATOM   535  C  "C4'" . U   B 1 3  ? 15.920  14.645  -9.490  1.00 43.76 ? 3   U   B "C4'" 1 
ATOM   536  O  "O4'" . U   B 1 3  ? 16.572  14.166  -10.692 1.00 43.12 ? 3   U   B "O4'" 1 
ATOM   537  C  "C3'" . U   B 1 3  ? 14.536  14.036  -9.579  1.00 45.02 ? 3   U   B "C3'" 1 
ATOM   538  O  "O3'" . U   B 1 3  ? 13.627  14.779  -8.787  1.00 47.09 ? 3   U   B "O3'" 1 
ATOM   539  C  "C2'" . U   B 1 3  ? 14.231  14.179  -11.059 1.00 43.82 ? 3   U   B "C2'" 1 
ATOM   540  O  "O2'" . U   B 1 3  ? 13.848  15.499  -11.386 1.00 44.02 ? 3   U   B "O2'" 1 
ATOM   541  C  "C1'" . U   B 1 3  ? 15.595  13.872  -11.670 1.00 42.70 ? 3   U   B "C1'" 1 
ATOM   542  N  N1    . U   B 1 3  ? 15.744  12.467  -12.056 1.00 41.40 ? 3   U   B N1    1 
ATOM   543  C  C2    . U   B 1 3  ? 15.323  12.114  -13.318 1.00 42.07 ? 3   U   B C2    1 
ATOM   544  O  O2    . U   B 1 3  ? 14.838  12.913  -14.097 1.00 42.11 ? 3   U   B O2    1 
ATOM   545  N  N3    . U   B 1 3  ? 15.486  10.790  -13.634 1.00 42.72 ? 3   U   B N3    1 
ATOM   546  C  C4    . U   B 1 3  ? 16.013  9.805   -12.826 1.00 42.34 ? 3   U   B C4    1 
ATOM   547  O  O4    . U   B 1 3  ? 16.063  8.645   -13.244 1.00 45.00 ? 3   U   B O4    1 
ATOM   548  C  C5    . U   B 1 3  ? 16.430  10.254  -11.532 1.00 40.31 ? 3   U   B C5    1 
ATOM   549  C  C6    . U   B 1 3  ? 16.283  11.539  -11.200 1.00 39.79 ? 3   U   B C6    1 
ATOM   550  P  P     . G   B 1 4  ? 12.366  14.042  -8.123  1.00 48.33 ? 4   G   B P     1 
ATOM   551  O  OP1   . G   B 1 4  ? 11.624  15.109  -7.398  1.00 47.49 ? 4   G   B OP1   1 
ATOM   552  O  OP2   . G   B 1 4  ? 12.858  12.849  -7.384  1.00 47.79 ? 4   G   B OP2   1 
ATOM   553  O  "O5'" . G   B 1 4  ? 11.501  13.558  -9.375  1.00 42.36 ? 4   G   B "O5'" 1 
ATOM   554  C  "C5'" . G   B 1 4  ? 10.698  14.495  -10.068 1.00 37.97 ? 4   G   B "C5'" 1 
ATOM   555  C  "C4'" . G   B 1 4  ? 10.350  14.008  -11.451 1.00 37.12 ? 4   G   B "C4'" 1 
ATOM   556  O  "O4'" . G   B 1 4  ? 11.505  13.419  -12.092 1.00 37.91 ? 4   G   B "O4'" 1 
ATOM   557  C  "C3'" . G   B 1 4  ? 9.310   12.916  -11.591 1.00 36.24 ? 4   G   B "C3'" 1 
ATOM   558  O  "O3'" . G   B 1 4  ? 8.024   13.489  -11.467 1.00 35.91 ? 4   G   B "O3'" 1 
ATOM   559  C  "C2'" . G   B 1 4  ? 9.539   12.479  -13.032 1.00 36.15 ? 4   G   B "C2'" 1 
ATOM   560  O  "O2'" . G   B 1 4  ? 8.981   13.408  -13.936 1.00 34.96 ? 4   G   B "O2'" 1 
ATOM   561  C  "C1'" . G   B 1 4  ? 11.063  12.562  -13.135 1.00 37.07 ? 4   G   B "C1'" 1 
ATOM   562  N  N9    . G   B 1 4  ? 11.732  11.273  -13.003 1.00 36.04 ? 4   G   B N9    1 
ATOM   563  C  C8    . G   B 1 4  ? 12.503  10.840  -11.952 1.00 35.86 ? 4   G   B C8    1 
ATOM   564  N  N7    . G   B 1 4  ? 12.986  9.641   -12.132 1.00 36.24 ? 4   G   B N7    1 
ATOM   565  C  C5    . G   B 1 4  ? 12.501  9.258   -13.373 1.00 35.30 ? 4   G   B C5    1 
ATOM   566  C  C6    . G   B 1 4  ? 12.693  8.057   -14.100 1.00 37.18 ? 4   G   B C6    1 
ATOM   567  O  O6    . G   B 1 4  ? 13.354  7.064   -13.781 1.00 39.20 ? 4   G   B O6    1 
ATOM   568  N  N1    . G   B 1 4  ? 12.021  8.083   -15.321 1.00 36.40 ? 4   G   B N1    1 
ATOM   569  C  C2    . G   B 1 4  ? 11.270  9.135   -15.783 1.00 35.15 ? 4   G   B C2    1 
ATOM   570  N  N2    . G   B 1 4  ? 10.719  8.974   -16.986 1.00 32.08 ? 4   G   B N2    1 
ATOM   571  N  N3    . G   B 1 4  ? 11.080  10.262  -15.112 1.00 34.88 ? 4   G   B N3    1 
ATOM   572  C  C4    . G   B 1 4  ? 11.722  10.253  -13.924 1.00 35.41 ? 4   G   B C4    1 
ATOM   573  P  P     . C   B 1 5  ? 6.762   12.560  -11.146 1.00 35.21 ? 5   C   B P     1 
ATOM   574  O  OP1   . C   B 1 5  ? 5.596   13.468  -10.960 1.00 34.59 ? 5   C   B OP1   1 
ATOM   575  O  OP2   . C   B 1 5  ? 7.155   11.626  -10.062 1.00 34.69 ? 5   C   B OP2   1 
ATOM   576  O  "O5'" . C   B 1 5  ? 6.536   11.721  -12.479 1.00 32.36 ? 5   C   B "O5'" 1 
ATOM   577  C  "C5'" . C   B 1 5  ? 5.939   12.322  -13.616 1.00 31.99 ? 5   C   B "C5'" 1 
ATOM   578  C  "C4'" . C   B 1 5  ? 5.790   11.313  -14.721 1.00 32.39 ? 5   C   B "C4'" 1 
ATOM   579  O  "O4'" . C   B 1 5  ? 7.103   10.792  -15.047 1.00 33.64 ? 5   C   B "O4'" 1 
ATOM   580  C  "C3'" . C   B 1 5  ? 5.007   10.061  -14.377 1.00 33.22 ? 5   C   B "C3'" 1 
ATOM   581  O  "O3'" . C   B 1 5  ? 3.607   10.232  -14.481 1.00 34.36 ? 5   C   B "O3'" 1 
ATOM   582  C  "C2'" . C   B 1 5  ? 5.501   9.078   -15.429 1.00 33.59 ? 5   C   B "C2'" 1 
ATOM   583  O  "O2'" . C   B 1 5  ? 4.887   9.241   -16.690 1.00 31.29 ? 5   C   B "O2'" 1 
ATOM   584  C  "C1'" . C   B 1 5  ? 6.977   9.454   -15.507 1.00 32.58 ? 5   C   B "C1'" 1 
ATOM   585  N  N1    . C   B 1 5  ? 7.817   8.584   -14.675 1.00 31.71 ? 5   C   B N1    1 
ATOM   586  C  C2    . C   B 1 5  ? 8.078   7.304   -15.133 1.00 32.93 ? 5   C   B C2    1 
ATOM   587  O  O2    . C   B 1 5  ? 7.513   6.927   -16.172 1.00 33.98 ? 5   C   B O2    1 
ATOM   588  N  N3    . C   B 1 5  ? 8.921   6.506   -14.442 1.00 32.31 ? 5   C   B N3    1 
ATOM   589  C  C4    . C   B 1 5  ? 9.475   6.951   -13.317 1.00 32.66 ? 5   C   B C4    1 
ATOM   590  N  N4    . C   B 1 5  ? 10.345  6.154   -12.690 1.00 32.99 ? 5   C   B N4    1 
ATOM   591  C  C5    . C   B 1 5  ? 9.175   8.241   -12.788 1.00 32.14 ? 5   C   B C5    1 
ATOM   592  C  C6    . C   B 1 5  ? 8.351   9.018   -13.495 1.00 31.95 ? 5   C   B C6    1 
ATOM   593  P  P     . U   B 1 6  ? 2.638   9.195   -13.729 1.00 36.46 ? 6   U   B P     1 
ATOM   594  O  OP1   . U   B 1 6  ? 1.211   9.567   -13.978 1.00 33.08 ? 6   U   B OP1   1 
ATOM   595  O  OP2   . U   B 1 6  ? 3.148   9.111   -12.335 1.00 35.06 ? 6   U   B OP2   1 
ATOM   596  O  "O5'" . U   B 1 6  ? 2.954   7.798   -14.431 1.00 34.93 ? 6   U   B "O5'" 1 
ATOM   597  C  "C5'" . U   B 1 6  ? 2.451   7.496   -15.731 1.00 35.04 ? 6   U   B "C5'" 1 
ATOM   598  C  "C4'" . U   B 1 6  ? 2.616   6.022   -16.031 1.00 34.97 ? 6   U   B "C4'" 1 
ATOM   599  O  "O4'" . U   B 1 6  ? 4.026   5.706   -16.163 1.00 37.10 ? 6   U   B "O4'" 1 
ATOM   600  C  "C3'" . U   B 1 6  ? 2.131   5.065   -14.955 1.00 34.03 ? 6   U   B "C3'" 1 
ATOM   601  O  "O3'" . U   B 1 6  ? 0.731   4.852   -15.044 1.00 32.82 ? 6   U   B "O3'" 1 
ATOM   602  C  "C2'" . U   B 1 6  ? 2.916   3.803   -15.279 1.00 33.92 ? 6   U   B "C2'" 1 
ATOM   603  O  "O2'" . U   B 1 6  ? 2.356   3.077   -16.357 1.00 34.22 ? 6   U   B "O2'" 1 
ATOM   604  C  "C1'" . U   B 1 6  ? 4.270   4.390   -15.688 1.00 35.07 ? 6   U   B "C1'" 1 
ATOM   605  N  N1    . U   B 1 6  ? 5.222   4.479   -14.573 1.00 35.64 ? 6   U   B N1    1 
ATOM   606  C  C2    . U   B 1 6  ? 5.951   3.346   -14.248 1.00 37.49 ? 6   U   B C2    1 
ATOM   607  O  O2    . U   B 1 6  ? 5.846   2.293   -14.860 1.00 38.38 ? 6   U   B O2    1 
ATOM   608  N  N3    . U   B 1 6  ? 6.813   3.497   -13.187 1.00 37.47 ? 6   U   B N3    1 
ATOM   609  C  C4    . U   B 1 6  ? 7.015   4.642   -12.441 1.00 37.07 ? 6   U   B C4    1 
ATOM   610  O  O4    . U   B 1 6  ? 7.795   4.616   -11.488 1.00 37.74 ? 6   U   B O4    1 
ATOM   611  C  C5    . U   B 1 6  ? 6.229   5.767   -12.848 1.00 35.89 ? 6   U   B C5    1 
ATOM   612  C  C6    . U   B 1 6  ? 5.381   5.649   -13.872 1.00 34.34 ? 6   U   B C6    1 
ATOM   613  P  P     A G   B 1 7  ? -0.098  4.455   -13.721 0.50 29.97 ? 7   G   B P     1 
ATOM   614  P  P     B G   B 1 7  ? -0.266  4.841   -12.642 0.50 37.89 ? 7   G   B P     1 
ATOM   615  O  OP1   A G   B 1 7  ? -1.550  4.503   -14.028 0.50 29.65 ? 7   G   B OP1   1 
ATOM   616  O  OP1   B G   B 1 7  ? -1.715  4.506   -12.606 0.50 38.55 ? 7   G   B OP1   1 
ATOM   617  O  OP2   A G   B 1 7  ? 0.448   5.274   -12.610 0.50 29.70 ? 7   G   B OP2   1 
ATOM   618  O  OP2   B G   B 1 7  ? 0.361   5.550   -11.498 0.50 37.70 ? 7   G   B OP2   1 
ATOM   619  O  "O5'" A G   B 1 7  ? 0.296   2.935   -13.450 0.50 30.95 ? 7   G   B "O5'" 1 
ATOM   620  O  "O5'" B G   B 1 7  ? 0.537   3.489   -12.876 0.50 37.49 ? 7   G   B "O5'" 1 
ATOM   621  C  "C5'" A G   B 1 7  ? -0.277  1.883   -14.225 0.50 33.13 ? 7   G   B "C5'" 1 
ATOM   622  C  "C5'" B G   B 1 7  ? -0.002  2.457   -13.689 0.50 37.35 ? 7   G   B "C5'" 1 
ATOM   623  C  "C4'" A G   B 1 7  ? 0.292   0.547   -13.808 0.50 34.44 ? 7   G   B "C4'" 1 
ATOM   624  C  "C4'" B G   B 1 7  ? 0.648   1.142   -13.354 0.50 37.27 ? 7   G   B "C4'" 1 
ATOM   625  O  "O4'" A G   B 1 7  ? 1.718   0.525   -14.089 0.50 35.57 ? 7   G   B "O4'" 1 
ATOM   626  O  "O4'" B G   B 1 7  ? 2.076   1.235   -13.613 0.50 37.97 ? 7   G   B "O4'" 1 
ATOM   627  C  "C3'" A G   B 1 7  ? 0.217   0.225   -12.326 0.50 35.67 ? 7   G   B "C3'" 1 
ATOM   628  C  "C3'" B G   B 1 7  ? 0.587   0.733   -11.895 0.50 37.29 ? 7   G   B "C3'" 1 
ATOM   629  O  "O3'" A G   B 1 7  ? -1.064  -0.264  -11.913 0.50 37.11 ? 7   G   B "O3'" 1 
ATOM   630  O  "O3'" B G   B 1 7  ? -0.686  0.174   -11.562 0.50 37.92 ? 7   G   B "O3'" 1 
ATOM   631  C  "C2'" A G   B 1 7  ? 1.318   -0.818  -12.174 0.50 35.84 ? 7   G   B "C2'" 1 
ATOM   632  C  "C2'" B G   B 1 7  ? 1.729   -0.276  -11.823 0.50 37.17 ? 7   G   B "C2'" 1 
ATOM   633  O  "O2'" A G   B 1 7  ? 0.926   -2.112  -12.585 0.50 37.29 ? 7   G   B "O2'" 1 
ATOM   634  O  "O2'" B G   B 1 7  ? 1.405   -1.532  -12.387 0.50 38.57 ? 7   G   B "O2'" 1 
ATOM   635  C  "C1'" A G   B 1 7  ? 2.387   -0.268  -13.120 0.50 34.98 ? 7   G   B "C1'" 1 
ATOM   636  C  "C1'" B G   B 1 7  ? 2.778   0.401   -12.705 0.50 36.40 ? 7   G   B "C1'" 1 
ATOM   637  N  N9    A G   B 1 7  ? 3.364   0.566   -12.427 0.50 34.88 ? 7   G   B N9    1 
ATOM   638  N  N9    B G   B 1 7  ? 3.702   1.221   -11.928 0.50 35.31 ? 7   G   B N9    1 
ATOM   639  C  C8    A G   B 1 7  ? 3.270   1.909   -12.160 0.50 34.74 ? 7   G   B C8    1 
ATOM   640  C  C8    B G   B 1 7  ? 3.583   2.555   -11.622 0.50 34.86 ? 7   G   B C8    1 
ATOM   641  N  N7    A G   B 1 7  ? 4.285   2.371   -11.481 0.50 35.16 ? 7   G   B N7    1 
ATOM   642  N  N7    B G   B 1 7  ? 4.540   2.992   -10.847 0.50 35.04 ? 7   G   B N7    1 
ATOM   643  C  C5    A G   B 1 7  ? 5.105   1.266   -11.293 0.50 35.24 ? 7   G   B C5    1 
ATOM   644  C  C5    B G   B 1 7  ? 5.346   1.879   -10.640 0.50 34.35 ? 7   G   B C5    1 
ATOM   645  C  C6    A G   B 1 7  ? 6.344   1.142   -10.609 0.50 35.32 ? 7   G   B C6    1 
ATOM   646  C  C6    B G   B 1 7  ? 6.530   1.727   -9.866  0.50 33.81 ? 7   G   B C6    1 
ATOM   647  O  O6    A G   B 1 7  ? 6.977   2.005   -9.987  0.50 35.73 ? 7   G   B O6    1 
ATOM   648  O  O6    B G   B 1 7  ? 7.111   2.566   -9.162  0.50 32.96 ? 7   G   B O6    1 
ATOM   649  N  N1    A G   B 1 7  ? 6.838   -0.152  -10.683 0.50 34.85 ? 7   G   B N1    1 
ATOM   650  N  N1    B G   B 1 7  ? 7.032   0.435   -9.954  0.50 33.44 ? 7   G   B N1    1 
ATOM   651  C  C2    A G   B 1 7  ? 6.222   -1.196  -11.316 0.50 34.62 ? 7   G   B C2    1 
ATOM   652  C  C2    B G   B 1 7  ? 6.466   -0.583  -10.678 0.50 33.37 ? 7   G   B C2    1 
ATOM   653  N  N2    A G   B 1 7  ? 6.873   -2.365  -11.286 0.50 35.59 ? 7   G   B N2    1 
ATOM   654  N  N2    B G   B 1 7  ? 7.107   -1.756  -10.647 0.50 34.15 ? 7   G   B N2    1 
ATOM   655  N  N3    A G   B 1 7  ? 5.059   -1.104  -11.937 0.50 35.27 ? 7   G   B N3    1 
ATOM   656  N  N3    B G   B 1 7  ? 5.357   -0.462  -11.382 0.50 34.17 ? 7   G   B N3    1 
ATOM   657  C  C4    A G   B 1 7  ? 4.561   0.149   -11.887 0.50 35.23 ? 7   G   B C4    1 
ATOM   658  C  C4    B G   B 1 7  ? 4.855   0.786   -11.320 0.50 34.70 ? 7   G   B C4    1 
ATOM   659  P  P     A A   B 1 8  ? -1.544  -0.003  -10.402 0.50 38.21 ? 8   A   B P     1 
ATOM   660  P  P     B A   B 1 8  ? -1.387  0.560   -10.164 0.50 38.08 ? 8   A   B P     1 
ATOM   661  O  OP1   A A   B 1 8  ? -1.655  1.463   -10.191 0.50 38.30 ? 8   A   B OP1   1 
ATOM   662  O  OP1   B A   B 1 8  ? -1.287  2.028   -9.971  0.50 38.59 ? 8   A   B OP1   1 
ATOM   663  O  OP2   A A   B 1 8  ? -0.634  -0.798  -9.537  0.50 39.49 ? 8   A   B OP2   1 
ATOM   664  O  OP2   B A   B 1 8  ? -0.823  -0.353  -9.139  0.50 39.81 ? 8   A   B OP2   1 
ATOM   665  O  "O5'" A A   B 1 8  ? -3.005  -0.626  -10.270 0.50 40.60 ? 8   A   B "O5'" 1 
ATOM   666  O  "O5'" B A   B 1 8  ? -2.920  0.187   -10.378 0.50 38.88 ? 8   A   B "O5'" 1 
ATOM   667  C  "C5'" A A   B 1 8  ? -3.738  -0.423  -9.059  0.50 43.45 ? 8   A   B "C5'" 1 
ATOM   668  C  "C5'" B A   B 1 8  ? -3.795  -0.069  -9.272  0.50 39.31 ? 8   A   B "C5'" 1 
ATOM   669  C  "C4'" A A   B 1 8  ? -4.724  -1.545  -8.806  0.50 45.95 ? 8   A   B "C4'" 1 
ATOM   670  C  "C4'" B A   B 1 8  ? -4.737  -1.194  -9.628  0.50 40.10 ? 8   A   B "C4'" 1 
ATOM   671  O  "O4'" A A   B 1 8  ? -5.951  -1.338  -9.542  0.50 48.22 ? 8   A   B "O4'" 1 
ATOM   672  O  "O4'" B A   B 1 8  ? -5.486  -0.800  -10.802 0.50 40.61 ? 8   A   B "O4'" 1 
ATOM   673  C  "C3'" A A   B 1 8  ? -4.325  -2.971  -9.145  0.50 46.59 ? 8   A   B "C3'" 1 
ATOM   674  C  "C3'" B A   B 1 8  ? -3.994  -2.476  -9.978  0.50 39.75 ? 8   A   B "C3'" 1 
ATOM   675  O  "O3'" A A   B 1 8  ? -3.502  -3.521  -8.122  0.50 44.37 ? 8   A   B "O3'" 1 
ATOM   676  O  "O3'" B A   B 1 8  ? -4.105  -3.389  -8.887  0.50 38.34 ? 8   A   B "O3'" 1 
ATOM   677  C  "C2'" A A   B 1 8  ? -5.678  -3.688  -9.190  0.50 48.66 ? 8   A   B "C2'" 1 
ATOM   678  C  "C2'" B A   B 1 8  ? -4.738  -3.014  -11.196 0.50 40.34 ? 8   A   B "C2'" 1 
ATOM   679  O  "O2'" A A   B 1 8  ? -6.112  -4.176  -7.934  0.50 49.76 ? 8   A   B "O2'" 1 
ATOM   680  O  "O2'" B A   B 1 8  ? -5.780  -3.901  -10.868 0.50 42.68 ? 8   A   B "O2'" 1 
ATOM   681  C  "C1'" A A   B 1 8  ? -6.625  -2.576  -9.654  0.50 49.60 ? 8   A   B "C1'" 1 
ATOM   682  C  "C1'" B A   B 1 8  ? -5.301  -1.739  -11.831 0.50 42.03 ? 8   A   B "C1'" 1 
ATOM   683  N  N9    A A   B 1 8  ? -7.112  -2.731  -11.021 0.50 51.14 ? 8   A   B N9    1 
ATOM   684  N  N9    B A   B 1 8  ? -4.452  -1.101  -12.833 0.50 45.50 ? 8   A   B N9    1 
ATOM   685  C  C8    A A   B 1 8  ? -6.847  -1.943  -12.111 0.50 50.56 ? 8   A   B C8    1 
ATOM   686  C  C8    B A   B 1 8  ? -3.372  -1.597  -13.517 0.50 47.12 ? 8   A   B C8    1 
ATOM   687  N  N7    A A   B 1 8  ? -7.467  -2.325  -13.198 0.50 50.73 ? 8   A   B N7    1 
ATOM   688  N  N7    B A   B 1 8  ? -2.842  -0.742  -14.359 0.50 47.56 ? 8   A   B N7    1 
ATOM   689  C  C5    A A   B 1 8  ? -8.183  -3.446  -12.801 0.50 50.32 ? 8   A   B C5    1 
ATOM   690  C  C5    B A   B 1 8  ? -3.624  0.398   -14.211 0.50 47.74 ? 8   A   B C5    1 
ATOM   691  C  C6    A A   B 1 8  ? -9.046  -4.307  -13.495 0.50 50.02 ? 8   A   B C6    1 
ATOM   692  C  C6    B A   B 1 8  ? -3.576  1.670   -14.813 0.50 48.64 ? 8   A   B C6    1 
ATOM   693  N  N6    A A   B 1 8  ? -9.361  -4.157  -14.786 0.50 49.88 ? 8   A   B N6    1 
ATOM   694  N  N6    B A   B 1 8  ? -2.672  2.027   -15.730 0.50 49.66 ? 8   A   B N6    1 
ATOM   695  N  N1    A A   B 1 8  ? -9.587  -5.338  -12.810 0.50 50.03 ? 8   A   B N1    1 
ATOM   696  N  N1    B A   B 1 8  ? -4.501  2.577   -14.433 0.50 48.59 ? 8   A   B N1    1 
ATOM   697  C  C2    A A   B 1 8  ? -9.281  -5.478  -11.516 0.50 50.10 ? 8   A   B C2    1 
ATOM   698  C  C2    B A   B 1 8  ? -5.404  2.224   -13.512 0.50 47.35 ? 8   A   B C2    1 
ATOM   699  N  N3    A A   B 1 8  ? -8.491  -4.728  -10.753 0.50 50.39 ? 8   A   B N3    1 
ATOM   700  N  N3    B A   B 1 8  ? -5.550  1.068   -12.877 0.50 46.42 ? 8   A   B N3    1 
ATOM   701  C  C4    A A   B 1 8  ? -7.966  -3.715  -11.465 0.50 50.75 ? 8   A   B C4    1 
ATOM   702  C  C4    B A   B 1 8  ? -4.618  0.187   -13.277 0.50 46.38 ? 8   A   B C4    1 
ATOM   703  P  P     A G   B 1 9  ? -2.980  -5.036  -8.246  0.50 42.30 ? 9   G   B P     1 
ATOM   704  P  P     B G   B 1 9  ? -3.048  -3.342  -7.674  0.50 36.11 ? 9   G   B P     1 
ATOM   705  O  OP1   A G   B 1 9  ? -4.017  -5.866  -8.918  0.50 41.87 ? 9   G   B OP1   1 
ATOM   706  O  OP1   B G   B 1 9  ? -3.599  -4.134  -6.549  0.50 36.64 ? 9   G   B OP1   1 
ATOM   707  O  OP2   A G   B 1 9  ? -2.485  -5.429  -6.902  0.50 43.54 ? 9   G   B OP2   1 
ATOM   708  O  OP2   B G   B 1 9  ? -2.668  -1.931  -7.447  0.50 35.92 ? 9   G   B OP2   1 
ATOM   709  O  "O5'" A G   B 1 9  ? -1.725  -4.943  -9.221  0.50 42.00 ? 9   G   B "O5'" 1 
ATOM   710  O  "O5'" B G   B 1 9  ? -1.787  -4.127  -8.248  0.50 36.20 ? 9   G   B "O5'" 1 
ATOM   711  C  "C5'" A G   B 1 9  ? -1.379  -6.041  -10.054 0.50 41.56 ? 9   G   B "C5'" 1 
ATOM   712  C  "C5'" B G   B 1 9  ? -1.907  -5.468  -8.711  0.50 35.76 ? 9   G   B "C5'" 1 
ATOM   713  C  "C4'" A G   B 1 9  ? 0.056   -6.440  -9.823  0.50 40.78 ? 9   G   B "C4'" 1 
ATOM   714  C  "C4'" B G   B 1 9  ? -0.540  -6.082  -8.883  0.50 36.81 ? 9   G   B "C4'" 1 
ATOM   715  O  "O4'" A G   B 1 9  ? 0.946   -5.447  -10.386 0.50 41.17 ? 9   G   B "O4'" 1 
ATOM   716  O  "O4'" B G   B 1 9  ? 0.201   -5.319  -9.867  0.50 38.21 ? 9   G   B "O4'" 1 
ATOM   717  C  "C3'" A G   B 1 9  ? 0.476   -6.543  -8.371  0.50 39.26 ? 9   G   B "C3'" 1 
ATOM   718  C  "C3'" B G   B 1 9  ? 0.337   -6.067  -7.646  0.50 37.46 ? 9   G   B "C3'" 1 
ATOM   719  O  "O3'" A G   B 1 9  ? 0.118   -7.814  -7.849  0.50 38.79 ? 9   G   B "O3'" 1 
ATOM   720  O  "O3'" B G   B 1 9  ? 0.079   -7.218  -6.865  0.50 39.38 ? 9   G   B "O3'" 1 
ATOM   721  C  "C2'" A G   B 1 9  ? 1.989   -6.382  -8.459  0.50 39.50 ? 9   G   B "C2'" 1 
ATOM   722  C  "C2'" B G   B 1 9  ? 1.739   -6.101  -8.239  0.50 37.45 ? 9   G   B "C2'" 1 
ATOM   723  O  "O2'" A G   B 1 9  ? 2.657   -7.583  -8.792  0.50 39.82 ? 9   G   B "O2'" 1 
ATOM   724  O  "O2'" B G   B 1 9  ? 2.150   -7.398  -8.623  0.50 38.27 ? 9   G   B "O2'" 1 
ATOM   725  C  "C1'" A G   B 1 9  ? 2.127   -5.379  -9.609  0.50 39.74 ? 9   G   B "C1'" 1 
ATOM   726  C  "C1'" B G   B 1 9  ? 1.560   -5.225  -9.478  0.50 37.84 ? 9   G   B "C1'" 1 
ATOM   727  N  N9    A G   B 1 9  ? 2.287   -4.006  -9.150  0.50 39.06 ? 9   G   B N9    1 
ATOM   728  N  N9    B G   B 1 9  ? 1.846   -3.822  -9.212  0.50 37.89 ? 9   G   B N9    1 
ATOM   729  C  C8    A G   B 1 9  ? 1.303   -3.061  -8.987  0.50 39.23 ? 9   G   B C8    1 
ATOM   730  C  C8    B G   B 1 9  ? 0.946   -2.785  -9.212  0.50 38.49 ? 9   G   B C8    1 
ATOM   731  N  N7    A G   B 1 9  ? 1.756   -1.924  -8.538  0.50 39.83 ? 9   G   B N7    1 
ATOM   732  N  N7    B G   B 1 9  ? 1.487   -1.638  -8.911  0.50 39.34 ? 9   G   B N7    1 
ATOM   733  C  C5    A G   B 1 9  ? 3.122   -2.131  -8.403  0.50 39.72 ? 9   G   B C5    1 
ATOM   734  C  C5    B G   B 1 9  ? 2.827   -1.935  -8.706  0.50 39.03 ? 9   G   B C5    1 
ATOM   735  C  C6    A G   B 1 9  ? 4.143   -1.259  -7.953  0.50 39.36 ? 9   G   B C6    1 
ATOM   736  C  C6    B G   B 1 9  ? 3.907   -1.093  -8.352  0.50 38.62 ? 9   G   B C6    1 
ATOM   737  O  O6    A G   B 1 9  ? 4.042   -0.087  -7.571  0.50 39.64 ? 9   G   B O6    1 
ATOM   738  O  O6    B G   B 1 9  ? 3.895   0.128   -8.142  0.50 39.44 ? 9   G   B O6    1 
ATOM   739  N  N1    A G   B 1 9  ? 5.388   -1.880  -7.974  0.50 38.68 ? 9   G   B N1    1 
ATOM   740  N  N1    B G   B 1 9  ? 5.098   -1.806  -8.248  0.50 37.97 ? 9   G   B N1    1 
ATOM   741  C  C2    A G   B 1 9  ? 5.621   -3.172  -8.374  0.50 38.44 ? 9   G   B C2    1 
ATOM   742  C  C2    B G   B 1 9  ? 5.230   -3.156  -8.460  0.50 37.86 ? 9   G   B C2    1 
ATOM   743  N  N2    A G   B 1 9  ? 6.888   -3.593  -8.318  0.50 39.18 ? 9   G   B N2    1 
ATOM   744  N  N2    B G   B 1 9  ? 6.459   -3.662  -8.307  0.50 38.47 ? 9   G   B N2    1 
ATOM   745  N  N3    A G   B 1 9  ? 4.679   -3.992  -8.795  0.50 38.85 ? 9   G   B N3    1 
ATOM   746  N  N3    B G   B 1 9  ? 4.230   -3.952  -8.793  0.50 38.40 ? 9   G   B N3    1 
ATOM   747  C  C4    A G   B 1 9  ? 3.463   -3.410  -8.783  0.50 39.08 ? 9   G   B C4    1 
ATOM   748  C  C4    B G   B 1 9  ? 3.065   -3.279  -8.896  0.50 38.30 ? 9   G   B C4    1 
ATOM   749  P  P     . G   B 1 10 ? 0.532   -7.254  -5.328  1.00 42.76 ? 10  G   B P     1 
ATOM   750  O  OP1   . G   B 1 10 ? -0.056  -6.065  -4.647  1.00 42.42 ? 10  G   B OP1   1 
ATOM   751  O  OP2   . G   B 1 10 ? 0.218   -8.629  -4.835  1.00 44.83 ? 10  G   B OP2   1 
ATOM   752  O  "O5'" . G   B 1 10 ? 2.113   -7.078  -5.382  1.00 41.51 ? 10  G   B "O5'" 1 
ATOM   753  C  "C5'" . G   B 1 10 ? 2.951   -8.171  -5.731  1.00 40.80 ? 10  G   B "C5'" 1 
ATOM   754  C  "C4'" . G   B 1 10 ? 4.345   -7.939  -5.216  1.00 40.23 ? 10  G   B "C4'" 1 
ATOM   755  O  "O4'" . G   B 1 10 ? 4.983   -6.881  -5.975  1.00 40.19 ? 10  G   B "O4'" 1 
ATOM   756  C  "C3'" . G   B 1 10 ? 4.413   -7.470  -3.777  1.00 39.51 ? 10  G   B "C3'" 1 
ATOM   757  O  "O3'" . G   B 1 10 ? 4.375   -8.586  -2.908  1.00 40.02 ? 10  G   B "O3'" 1 
ATOM   758  C  "C2'" . G   B 1 10 ? 5.759   -6.762  -3.745  1.00 39.52 ? 10  G   B "C2'" 1 
ATOM   759  O  "O2'" . G   B 1 10 ? 6.831   -7.683  -3.721  1.00 39.21 ? 10  G   B "O2'" 1 
ATOM   760  C  "C1'" . G   B 1 10 ? 5.751   -6.062  -5.103  1.00 38.94 ? 10  G   B "C1'" 1 
ATOM   761  N  N9    . G   B 1 10 ? 5.128   -4.744  -5.095  1.00 37.29 ? 10  G   B N9    1 
ATOM   762  C  C8    . G   B 1 10 ? 3.947   -4.412  -5.709  1.00 37.22 ? 10  G   B C8    1 
ATOM   763  N  N7    . G   B 1 10 ? 3.632   -3.155  -5.572  1.00 37.55 ? 10  G   B N7    1 
ATOM   764  C  C5    . G   B 1 10 ? 4.667   -2.625  -4.815  1.00 39.15 ? 10  G   B C5    1 
ATOM   765  C  C6    . G   B 1 10 ? 4.875   -1.299  -4.353  1.00 40.34 ? 10  G   B C6    1 
ATOM   766  O  O6    . G   B 1 10 ? 4.178   -0.296  -4.554  1.00 41.39 ? 10  G   B O6    1 
ATOM   767  N  N1    . G   B 1 10 ? 6.035   -1.198  -3.591  1.00 39.61 ? 10  G   B N1    1 
ATOM   768  C  C2    . G   B 1 10 ? 6.892   -2.233  -3.322  1.00 38.30 ? 10  G   B C2    1 
ATOM   769  N  N2    . G   B 1 10 ? 7.945   -1.927  -2.556  1.00 37.33 ? 10  G   B N2    1 
ATOM   770  N  N3    . G   B 1 10 ? 6.721   -3.476  -3.766  1.00 37.64 ? 10  G   B N3    1 
ATOM   771  C  C4    . G   B 1 10 ? 5.594   -3.597  -4.501  1.00 37.84 ? 10  G   B C4    1 
ATOM   772  P  P     . U   B 1 11 ? 3.711   -8.436  -1.460  1.00 41.25 ? 11  U   B P     1 
ATOM   773  O  OP1   . U   B 1 11 ? 3.688   -9.787  -0.843  1.00 39.89 ? 11  U   B OP1   1 
ATOM   774  O  OP2   . U   B 1 11 ? 2.442   -7.684  -1.638  1.00 42.07 ? 11  U   B OP2   1 
ATOM   775  O  "O5'" . U   B 1 11 ? 4.744   -7.520  -0.667  1.00 41.30 ? 11  U   B "O5'" 1 
ATOM   776  C  "C5'" . U   B 1 11 ? 6.042   -8.006  -0.351  1.00 42.36 ? 11  U   B "C5'" 1 
ATOM   777  C  "C4'" . U   B 1 11 ? 6.802   -6.982  0.448   1.00 42.99 ? 11  U   B "C4'" 1 
ATOM   778  O  "O4'" . U   B 1 11 ? 7.157   -5.851  -0.393  1.00 42.98 ? 11  U   B "O4'" 1 
ATOM   779  C  "C3'" . U   B 1 11 ? 6.019   -6.356  1.584   1.00 43.71 ? 11  U   B "C3'" 1 
ATOM   780  O  "O3'" . U   B 1 11 ? 6.029   -7.181  2.731   1.00 45.94 ? 11  U   B "O3'" 1 
ATOM   781  C  "C2'" . U   B 1 11 ? 6.787   -5.065  1.813   1.00 43.09 ? 11  U   B "C2'" 1 
ATOM   782  O  "O2'" . U   B 1 11 ? 7.976   -5.270  2.541   1.00 45.29 ? 11  U   B "O2'" 1 
ATOM   783  C  "C1'" . U   B 1 11 ? 7.115   -4.660  0.377   1.00 41.52 ? 11  U   B "C1'" 1 
ATOM   784  N  N1    . U   B 1 11 ? 6.074   -3.791  -0.182  1.00 39.25 ? 11  U   B N1    1 
ATOM   785  C  C2    . U   B 1 11 ? 6.006   -2.501  0.294   1.00 38.93 ? 11  U   B C2    1 
ATOM   786  O  O2    . U   B 1 11 ? 6.750   -2.080  1.157   1.00 40.25 ? 11  U   B O2    1 
ATOM   787  N  N3    . U   B 1 11 ? 5.024   -1.727  -0.270  1.00 37.48 ? 11  U   B N3    1 
ATOM   788  C  C4    . U   B 1 11 ? 4.118   -2.111  -1.232  1.00 35.56 ? 11  U   B C4    1 
ATOM   789  O  O4    . U   B 1 11 ? 3.322   -1.286  -1.669  1.00 36.00 ? 11  U   B O4    1 
ATOM   790  C  C5    . U   B 1 11 ? 4.239   -3.466  -1.659  1.00 35.82 ? 11  U   B C5    1 
ATOM   791  C  C6    . U   B 1 11 ? 5.195   -4.241  -1.137  1.00 38.45 ? 11  U   B C6    1 
ATOM   792  P  P     . G   B 1 12 ? 4.832   -7.066  3.789   1.00 50.37 ? 12  G   B P     1 
ATOM   793  O  OP1   . G   B 1 12 ? 5.027   -8.140  4.802   1.00 50.70 ? 12  G   B OP1   1 
ATOM   794  O  OP2   . G   B 1 12 ? 3.567   -7.009  3.008   1.00 49.04 ? 12  G   B OP2   1 
ATOM   795  O  "O5'" . G   B 1 12 ? 5.073   -5.649  4.486   1.00 48.60 ? 12  G   B "O5'" 1 
ATOM   796  C  "C5'" . G   B 1 12 ? 6.250   -5.413  5.254   1.00 49.15 ? 12  G   B "C5'" 1 
ATOM   797  C  "C4'" . G   B 1 12 ? 6.388   -3.948  5.581   1.00 49.99 ? 12  G   B "C4'" 1 
ATOM   798  O  "O4'" . G   B 1 12 ? 6.454   -3.184  4.348   1.00 50.12 ? 12  G   B "O4'" 1 
ATOM   799  C  "C3'" . G   B 1 12 ? 5.226   -3.302  6.318   1.00 51.37 ? 12  G   B "C3'" 1 
ATOM   800  O  "O3'" . G   B 1 12 ? 5.248   -3.551  7.715   1.00 52.03 ? 12  G   B "O3'" 1 
ATOM   801  C  "C2'" . G   B 1 12 ? 5.457   -1.827  6.026   1.00 50.99 ? 12  G   B "C2'" 1 
ATOM   802  O  "O2'" . G   B 1 12 ? 6.477   -1.273  6.829   1.00 52.35 ? 12  G   B "O2'" 1 
ATOM   803  C  "C1'" . G   B 1 12 ? 5.917   -1.884  4.569   1.00 50.01 ? 12  G   B "C1'" 1 
ATOM   804  N  N9    . G   B 1 12 ? 4.811   -1.663  3.643   1.00 48.85 ? 12  G   B N9    1 
ATOM   805  C  C8    . G   B 1 12 ? 4.096   -2.611  2.955   1.00 48.67 ? 12  G   B C8    1 
ATOM   806  N  N7    . G   B 1 12 ? 3.159   -2.101  2.204   1.00 48.28 ? 12  G   B N7    1 
ATOM   807  C  C5    . G   B 1 12 ? 3.263   -0.731  2.407   1.00 48.37 ? 12  G   B C5    1 
ATOM   808  C  C6    . G   B 1 12 ? 2.504   0.344   1.862   1.00 48.12 ? 12  G   B C6    1 
ATOM   809  O  O6    . G   B 1 12 ? 1.552   0.296   1.071   1.00 46.85 ? 12  G   B O6    1 
ATOM   810  N  N1    . G   B 1 12 ? 2.949   1.576   2.340   1.00 47.40 ? 12  G   B N1    1 
ATOM   811  C  C2    . G   B 1 12 ? 3.979   1.754   3.235   1.00 46.06 ? 12  G   B C2    1 
ATOM   812  N  N2    . G   B 1 12 ? 4.256   3.022   3.579   1.00 44.49 ? 12  G   B N2    1 
ATOM   813  N  N3    . G   B 1 12 ? 4.685   0.760   3.753   1.00 47.29 ? 12  G   B N3    1 
ATOM   814  C  C4    . G   B 1 12 ? 4.276   -0.445  3.296   1.00 48.38 ? 12  G   B C4    1 
ATOM   815  P  P     . C   B 1 13 ? 3.883   -3.433  8.554   1.00 53.84 ? 13  C   B P     1 
ATOM   816  O  OP1   . C   B 1 13 ? 4.122   -3.957  9.924   1.00 54.01 ? 13  C   B OP1   1 
ATOM   817  O  OP2   . C   B 1 13 ? 2.813   -4.034  7.722   1.00 56.48 ? 13  C   B OP2   1 
ATOM   818  O  "O5'" . C   B 1 13 ? 3.594   -1.864  8.605   1.00 52.88 ? 13  C   B "O5'" 1 
ATOM   819  C  "C5'" . C   B 1 13 ? 4.446   -0.991  9.337   1.00 55.01 ? 13  C   B "C5'" 1 
ATOM   820  C  "C4'" . C   B 1 13 ? 4.024   0.446   9.150   1.00 54.81 ? 13  C   B "C4'" 1 
ATOM   821  O  "O4'" . C   B 1 13 ? 4.142   0.801   7.750   1.00 56.01 ? 13  C   B "O4'" 1 
ATOM   822  C  "C3'" . C   B 1 13 ? 2.582   0.770   9.488   1.00 56.17 ? 13  C   B "C3'" 1 
ATOM   823  O  "O3'" . C   B 1 13 ? 2.429   0.975   10.889  1.00 57.43 ? 13  C   B "O3'" 1 
ATOM   824  C  "C2'" . C   B 1 13 ? 2.347   2.047   8.685   1.00 56.75 ? 13  C   B "C2'" 1 
ATOM   825  O  "O2'" . C   B 1 13 ? 2.842   3.215   9.300   1.00 58.41 ? 13  C   B "O2'" 1 
ATOM   826  C  "C1'" . C   B 1 13 ? 3.154   1.764   7.416   1.00 56.71 ? 13  C   B "C1'" 1 
ATOM   827  N  N1    . C   B 1 13 ? 2.308   1.218   6.345   1.00 57.65 ? 13  C   B N1    1 
ATOM   828  C  C2    . C   B 1 13 ? 1.642   2.111   5.498   1.00 57.30 ? 13  C   B C2    1 
ATOM   829  O  O2    . C   B 1 13 ? 1.849   3.327   5.631   1.00 58.18 ? 13  C   B O2    1 
ATOM   830  N  N3    . C   B 1 13 ? 0.797   1.625   4.558   1.00 56.39 ? 13  C   B N3    1 
ATOM   831  C  C4    . C   B 1 13 ? 0.620   0.306   4.439   1.00 55.90 ? 13  C   B C4    1 
ATOM   832  N  N4    . C   B 1 13 ? -0.240  -0.128  3.522   1.00 55.27 ? 13  C   B N4    1 
ATOM   833  C  C5    . C   B 1 13 ? 1.318   -0.626  5.262   1.00 56.28 ? 13  C   B C5    1 
ATOM   834  C  C6    . C   B 1 13 ? 2.146   -0.131  6.190   1.00 57.50 ? 13  C   B C6    1 
ATOM   835  P  P     . A   B 1 14 ? 0.995   0.739   11.577  1.00 59.44 ? 14  A   B P     1 
ATOM   836  O  OP1   . A   B 1 14 ? 1.158   0.708   13.054  1.00 59.22 ? 14  A   B OP1   1 
ATOM   837  O  OP2   . A   B 1 14 ? 0.387   -0.424  10.887  1.00 58.76 ? 14  A   B OP2   1 
ATOM   838  O  "O5'" . A   B 1 14 ? 0.170   2.047   11.188  1.00 58.05 ? 14  A   B "O5'" 1 
ATOM   839  C  "C5'" . A   B 1 14 ? 0.663   3.340   11.516  1.00 56.53 ? 14  A   B "C5'" 1 
ATOM   840  C  "C4'" . A   B 1 14 ? -0.110  4.398   10.771  1.00 56.49 ? 14  A   B "C4'" 1 
ATOM   841  O  "O4'" . A   B 1 14 ? 0.161   4.295   9.349   1.00 56.41 ? 14  A   B "O4'" 1 
ATOM   842  C  "C3'" . A   B 1 14 ? -1.619  4.270   10.845  1.00 56.39 ? 14  A   B "C3'" 1 
ATOM   843  O  "O3'" . A   B 1 14 ? -2.140  4.785   12.054  1.00 58.58 ? 14  A   B "O3'" 1 
ATOM   844  C  "C2'" . A   B 1 14 ? -2.066  5.075   9.634   1.00 55.22 ? 14  A   B "C2'" 1 
ATOM   845  O  "O2'" . A   B 1 14 ? -2.048  6.469   9.851   1.00 52.74 ? 14  A   B "O2'" 1 
ATOM   846  C  "C1'" . A   B 1 14 ? -0.992  4.692   8.616   1.00 55.14 ? 14  A   B "C1'" 1 
ATOM   847  N  N9    . A   B 1 14 ? -1.405  3.578   7.761   1.00 53.79 ? 14  A   B N9    1 
ATOM   848  C  C8    . A   B 1 14 ? -0.964  2.275   7.787   1.00 53.66 ? 14  A   B C8    1 
ATOM   849  N  N7    . A   B 1 14 ? -1.506  1.516   6.865   1.00 53.41 ? 14  A   B N7    1 
ATOM   850  C  C5    . A   B 1 14 ? -2.367  2.375   6.188   1.00 51.37 ? 14  A   B C5    1 
ATOM   851  C  C6    . A   B 1 14 ? -3.237  2.183   5.097   1.00 49.20 ? 14  A   B C6    1 
ATOM   852  N  N6    . A   B 1 14 ? -3.390  1.019   4.464   1.00 48.40 ? 14  A   B N6    1 
ATOM   853  N  N1    . A   B 1 14 ? -3.957  3.243   4.677   1.00 48.84 ? 14  A   B N1    1 
ATOM   854  C  C2    . A   B 1 14 ? -3.816  4.407   5.317   1.00 49.55 ? 14  A   B C2    1 
ATOM   855  N  N3    . A   B 1 14 ? -3.037  4.712   6.350   1.00 50.32 ? 14  A   B N3    1 
ATOM   856  C  C4    . A   B 1 14 ? -2.325  3.643   6.740   1.00 51.54 ? 14  A   B C4    1 
ATOM   857  P  P     . C   B 1 15 ? -3.394  4.057   12.736  1.00 59.79 ? 15  C   B P     1 
ATOM   858  O  OP1   . C   B 1 15 ? -3.552  4.607   14.101  1.00 59.97 ? 15  C   B OP1   1 
ATOM   859  O  OP2   . C   B 1 15 ? -3.166  2.600   12.554  1.00 60.98 ? 15  C   B OP2   1 
ATOM   860  O  "O5'" . C   B 1 15 ? -4.636  4.498   11.831  1.00 58.70 ? 15  C   B "O5'" 1 
ATOM   861  C  "C5'" . C   B 1 15 ? -4.973  5.876   11.679  1.00 57.98 ? 15  C   B "C5'" 1 
ATOM   862  C  "C4'" . C   B 1 15 ? -5.921  6.077   10.512  1.00 60.02 ? 15  C   B "C4'" 1 
ATOM   863  O  "O4'" . C   B 1 15 ? -5.265  5.719   9.264   1.00 61.71 ? 15  C   B "O4'" 1 
ATOM   864  C  "C3'" . C   B 1 15 ? -7.180  5.232   10.484  1.00 61.48 ? 15  C   B "C3'" 1 
ATOM   865  O  "O3'" . C   B 1 15 ? -8.187  5.728   11.353  1.00 63.58 ? 15  C   B "O3'" 1 
ATOM   866  C  "C2'" . C   B 1 15 ? -7.593  5.352   9.022   1.00 61.70 ? 15  C   B "C2'" 1 
ATOM   867  O  "O2'" . C   B 1 15 ? -8.210  6.583   8.705   1.00 60.30 ? 15  C   B "O2'" 1 
ATOM   868  C  "C1'" . C   B 1 15 ? -6.235  5.258   8.329   1.00 60.63 ? 15  C   B "C1'" 1 
ATOM   869  N  N1    . C   B 1 15 ? -5.922  3.864   7.970   1.00 60.72 ? 15  C   B N1    1 
ATOM   870  C  C2    . C   B 1 15 ? -6.613  3.281   6.907   1.00 60.48 ? 15  C   B C2    1 
ATOM   871  O  O2    . C   B 1 15 ? -7.450  3.957   6.297   1.00 59.90 ? 15  C   B O2    1 
ATOM   872  N  N3    . C   B 1 15 ? -6.354  1.994   6.573   1.00 60.19 ? 15  C   B N3    1 
ATOM   873  C  C4    . C   B 1 15 ? -5.443  1.299   7.258   1.00 60.95 ? 15  C   B C4    1 
ATOM   874  N  N4    . C   B 1 15 ? -5.212  0.035   6.888   1.00 58.95 ? 15  C   B N4    1 
ATOM   875  C  C5    . C   B 1 15 ? -4.723  1.871   8.348   1.00 62.34 ? 15  C   B C5    1 
ATOM   876  C  C6    . C   B 1 15 ? -4.989  3.147   8.664   1.00 62.08 ? 15  C   B C6    1 
ATOM   877  P  P     . A   B 1 16 ? -9.190  4.696   12.067  1.00 64.00 ? 16  A   B P     1 
ATOM   878  O  OP1   . A   B 1 16 ? -9.788  5.347   13.265  1.00 64.52 ? 16  A   B OP1   1 
ATOM   879  O  OP2   . A   B 1 16 ? -8.445  3.417   12.215  1.00 62.42 ? 16  A   B OP2   1 
ATOM   880  O  "O5'" . A   B 1 16 ? -10.335 4.482   10.987  1.00 61.82 ? 16  A   B "O5'" 1 
ATOM   881  C  "C5'" . A   B 1 16 ? -11.032 5.592   10.443  1.00 58.44 ? 16  A   B "C5'" 1 
ATOM   882  C  "C4'" . A   B 1 16 ? -11.818 5.157   9.238   1.00 57.21 ? 16  A   B "C4'" 1 
ATOM   883  O  "O4'" . A   B 1 16 ? -10.894 4.754   8.193   1.00 56.03 ? 16  A   B "O4'" 1 
ATOM   884  C  "C3'" . A   B 1 16 ? -12.673 3.924   9.460   1.00 56.36 ? 16  A   B "C3'" 1 
ATOM   885  O  "O3'" . A   B 1 16 ? -13.915 4.254   10.067  1.00 55.83 ? 16  A   B "O3'" 1 
ATOM   886  C  "C2'" . A   B 1 16 ? -12.831 3.392   8.044   1.00 56.31 ? 16  A   B "C2'" 1 
ATOM   887  O  "O2'" . A   B 1 16 ? -13.797 4.096   7.296   1.00 57.27 ? 16  A   B "O2'" 1 
ATOM   888  C  "C1'" . A   B 1 16 ? -11.440 3.661   7.470   1.00 55.41 ? 16  A   B "C1'" 1 
ATOM   889  N  N9    . A   B 1 16 ? -10.549 2.511   7.626   1.00 53.35 ? 16  A   B N9    1 
ATOM   890  C  C8    . A   B 1 16 ? -9.504  2.341   8.502   1.00 52.84 ? 16  A   B C8    1 
ATOM   891  N  N7    . A   B 1 16 ? -8.927  1.165   8.416   1.00 52.45 ? 16  A   B N7    1 
ATOM   892  C  C5    . A   B 1 16 ? -9.636  0.521   7.410   1.00 52.15 ? 16  A   B C5    1 
ATOM   893  C  C6    . A   B 1 16 ? -9.528  -0.766  6.845   1.00 52.05 ? 16  A   B C6    1 
ATOM   894  N  N6    . A   B 1 16 ? -8.642  -1.682  7.240   1.00 51.82 ? 16  A   B N6    1 
ATOM   895  N  N1    . A   B 1 16 ? -10.382 -1.084  5.852   1.00 52.38 ? 16  A   B N1    1 
ATOM   896  C  C2    . A   B 1 16 ? -11.287 -0.174  5.465   1.00 52.96 ? 16  A   B C2    1 
ATOM   897  N  N3    . A   B 1 16 ? -11.493 1.057   5.923   1.00 52.54 ? 16  A   B N3    1 
ATOM   898  C  C4    . A   B 1 16 ? -10.625 1.346   6.906   1.00 52.55 ? 16  A   B C4    1 
ATOM   899  P  P     . C   B 1 17 ? -14.585 3.224   11.100  1.00 55.93 ? 17  C   B P     1 
ATOM   900  O  OP1   . C   B 1 17 ? -15.797 3.833   11.699  1.00 55.93 ? 17  C   B OP1   1 
ATOM   901  O  OP2   . C   B 1 17 ? -13.490 2.752   11.991  1.00 53.92 ? 17  C   B OP2   1 
ATOM   902  O  "O5'" . C   B 1 17 ? -15.060 2.030   10.156  1.00 54.58 ? 17  C   B "O5'" 1 
ATOM   903  C  "C5'" . C   B 1 17 ? -15.924 2.276   9.049   1.00 50.70 ? 17  C   B "C5'" 1 
ATOM   904  C  "C4'" . C   B 1 17 ? -15.936 1.084   8.119   1.00 49.74 ? 17  C   B "C4'" 1 
ATOM   905  O  "O4'" . C   B 1 17 ? -14.621 0.910   7.533   1.00 50.42 ? 17  C   B "O4'" 1 
ATOM   906  C  "C3'" . C   B 1 17 ? -16.222 -0.257  8.768   1.00 49.21 ? 17  C   B "C3'" 1 
ATOM   907  O  "O3'" . C   B 1 17 ? -17.616 -0.467  8.912   1.00 49.41 ? 17  C   B "O3'" 1 
ATOM   908  C  "C2'" . C   B 1 17 ? -15.603 -1.237  7.779   1.00 48.95 ? 17  C   B "C2'" 1 
ATOM   909  O  "O2'" . C   B 1 17 ? -16.414 -1.520  6.659   1.00 46.77 ? 17  C   B "O2'" 1 
ATOM   910  C  "C1'" . C   B 1 17 ? -14.358 -0.470  7.340   1.00 49.29 ? 17  C   B "C1'" 1 
ATOM   911  N  N1    . C   B 1 17 ? -13.195 -0.832  8.154   1.00 49.28 ? 17  C   B N1    1 
ATOM   912  C  C2    . C   B 1 17 ? -12.507 -1.998  7.852   1.00 50.12 ? 17  C   B C2    1 
ATOM   913  O  O2    . C   B 1 17 ? -12.890 -2.686  6.890   1.00 51.34 ? 17  C   B O2    1 
ATOM   914  N  N3    . C   B 1 17 ? -11.444 -2.351  8.608   1.00 49.80 ? 17  C   B N3    1 
ATOM   915  C  C4    . C   B 1 17 ? -11.072 -1.583  9.630   1.00 49.42 ? 17  C   B C4    1 
ATOM   916  N  N4    . C   B 1 17 ? -10.032 -1.976  10.357  1.00 51.61 ? 17  C   B N4    1 
ATOM   917  C  C5    . C   B 1 17 ? -11.751 -0.383  9.953   1.00 49.70 ? 17  C   B C5    1 
ATOM   918  C  C6    . C   B 1 17 ? -12.797 -0.045  9.196   1.00 49.17 ? 17  C   B C6    1 
ATOM   919  P  P     . A   B 1 18 ? -18.149 -1.468  10.044  1.00 48.35 ? 18  A   B P     1 
ATOM   920  O  OP1   . A   B 1 18 ? -19.630 -1.355  10.108  1.00 48.50 ? 18  A   B OP1   1 
ATOM   921  O  OP2   . A   B 1 18 ? -17.334 -1.210  11.264  1.00 46.73 ? 18  A   B OP2   1 
ATOM   922  O  "O5'" . A   B 1 18 ? -17.777 -2.910  9.476   1.00 45.98 ? 18  A   B "O5'" 1 
ATOM   923  C  "C5'" . A   B 1 18 ? -18.536 -3.500  8.431   1.00 45.40 ? 18  A   B "C5'" 1 
ATOM   924  C  "C4'" . A   B 1 18 ? -18.038 -4.894  8.145   1.00 45.35 ? 18  A   B "C4'" 1 
ATOM   925  O  "O4'" . A   B 1 18 ? -16.685 -4.817  7.635   1.00 45.93 ? 18  A   B "O4'" 1 
ATOM   926  C  "C3'" . A   B 1 18 ? -17.927 -5.825  9.339   1.00 46.12 ? 18  A   B "C3'" 1 
ATOM   927  O  "O3'" . A   B 1 18 ? -19.174 -6.442  9.626   1.00 46.97 ? 18  A   B "O3'" 1 
ATOM   928  C  "C2'" . A   B 1 18 ? -16.909 -6.839  8.841   1.00 46.14 ? 18  A   B "C2'" 1 
ATOM   929  O  "O2'" . A   B 1 18 ? -17.466 -7.768  7.938   1.00 47.47 ? 18  A   B "O2'" 1 
ATOM   930  C  "C1'" . A   B 1 18 ? -15.940 -5.936  8.080   1.00 44.64 ? 18  A   B "C1'" 1 
ATOM   931  N  N9    . A   B 1 18 ? -14.861 -5.446  8.929   1.00 42.64 ? 18  A   B N9    1 
ATOM   932  C  C8    . A   B 1 18 ? -14.821 -4.259  9.610   1.00 41.13 ? 18  A   B C8    1 
ATOM   933  N  N7    . A   B 1 18 ? -13.721 -4.080  10.293  1.00 41.78 ? 18  A   B N7    1 
ATOM   934  C  C5    . A   B 1 18 ? -12.984 -5.227  10.043  1.00 42.17 ? 18  A   B C5    1 
ATOM   935  C  C6    . A   B 1 18 ? -11.714 -5.642  10.469  1.00 42.13 ? 18  A   B C6    1 
ATOM   936  N  N6    . A   B 1 18 ? -10.930 -4.913  11.270  1.00 40.75 ? 18  A   B N6    1 
ATOM   937  N  N1    . A   B 1 18 ? -11.268 -6.842  10.040  1.00 41.96 ? 18  A   B N1    1 
ATOM   938  C  C2    . A   B 1 18 ? -12.057 -7.565  9.234   1.00 43.18 ? 18  A   B C2    1 
ATOM   939  N  N3    . A   B 1 18 ? -13.268 -7.279  8.762   1.00 42.81 ? 18  A   B N3    1 
ATOM   940  C  C4    . A   B 1 18 ? -13.677 -6.080  9.208   1.00 42.25 ? 18  A   B C4    1 
ATOM   941  P  P     . G   B 1 19 ? -19.500 -6.936  11.126  1.00 48.48 ? 19  G   B P     1 
ATOM   942  O  OP1   . G   B 1 19 ? -20.964 -7.223  11.195  1.00 47.51 ? 19  G   B OP1   1 
ATOM   943  O  OP2   . G   B 1 19 ? -18.892 -5.964  12.081  1.00 45.56 ? 19  G   B OP2   1 
ATOM   944  O  "O5'" . G   B 1 19 ? -18.723 -8.319  11.248  1.00 46.11 ? 19  G   B "O5'" 1 
ATOM   945  C  "C5'" . G   B 1 19 ? -19.108 -9.433  10.460  1.00 48.07 ? 19  G   B "C5'" 1 
ATOM   946  C  "C4'" . G   B 1 19 ? -18.088 -10.531 10.580  1.00 49.47 ? 19  G   B "C4'" 1 
ATOM   947  O  "O4'" . G   B 1 19 ? -16.832 -10.079 10.006  1.00 51.10 ? 19  G   B "O4'" 1 
ATOM   948  C  "C3'" . G   B 1 19 ? -17.713 -10.905 12.002  1.00 49.51 ? 19  G   B "C3'" 1 
ATOM   949  O  "O3'" . G   B 1 19 ? -18.641 -11.810 12.567  1.00 48.33 ? 19  G   B "O3'" 1 
ATOM   950  C  "C2'" . G   B 1 19 ? -16.353 -11.545 11.797  1.00 50.27 ? 19  G   B "C2'" 1 
ATOM   951  O  "O2'" . G   B 1 19 ? -16.466 -12.839 11.241  1.00 51.39 ? 19  G   B "O2'" 1 
ATOM   952  C  "C1'" . G   B 1 19 ? -15.746 -10.596 10.764  1.00 50.39 ? 19  G   B "C1'" 1 
ATOM   953  N  N9    . G   B 1 19 ? -15.043 -9.469  11.375  1.00 49.68 ? 19  G   B N9    1 
ATOM   954  C  C8    . G   B 1 19 ? -15.482 -8.171  11.470  1.00 47.39 ? 19  G   B C8    1 
ATOM   955  N  N7    . G   B 1 19 ? -14.623 -7.383  12.055  1.00 47.44 ? 19  G   B N7    1 
ATOM   956  C  C5    . G   B 1 19 ? -13.553 -8.212  12.372  1.00 47.28 ? 19  G   B C5    1 
ATOM   957  C  C6    . G   B 1 19 ? -12.320 -7.923  13.018  1.00 46.26 ? 19  G   B C6    1 
ATOM   958  O  O6    . G   B 1 19 ? -11.909 -6.842  13.454  1.00 48.31 ? 19  G   B O6    1 
ATOM   959  N  N1    . G   B 1 19 ? -11.529 -9.054  13.138  1.00 46.51 ? 19  G   B N1    1 
ATOM   960  C  C2    . G   B 1 19 ? -11.869 -10.304 12.701  1.00 47.73 ? 19  G   B C2    1 
ATOM   961  N  N2    . G   B 1 19 ? -10.964 -11.269 12.922  1.00 48.32 ? 19  G   B N2    1 
ATOM   962  N  N3    . G   B 1 19 ? -13.009 -10.591 12.095  1.00 49.15 ? 19  G   B N3    1 
ATOM   963  C  C4    . G   B 1 19 ? -13.799 -9.503  11.965  1.00 48.80 ? 19  G   B C4    1 
ATOM   964  P  P     . C   B 1 20 ? -19.050 -11.647 14.108  1.00 49.68 ? 20  C   B P     1 
ATOM   965  O  OP1   . C   B 1 20 ? -20.211 -12.534 14.396  1.00 48.24 ? 20  C   B OP1   1 
ATOM   966  O  OP2   . C   B 1 20 ? -19.158 -10.188 14.359  1.00 48.03 ? 20  C   B OP2   1 
ATOM   967  O  "O5'" . C   B 1 20 ? -17.782 -12.195 14.900  1.00 49.14 ? 20  C   B "O5'" 1 
ATOM   968  C  "C5'" . C   B 1 20 ? -17.416 -13.566 14.816  1.00 48.59 ? 20  C   B "C5'" 1 
ATOM   969  C  "C4'" . C   B 1 20 ? -16.026 -13.771 15.361  1.00 48.48 ? 20  C   B "C4'" 1 
ATOM   970  O  "O4'" . C   B 1 20 ? -15.094 -12.949 14.611  1.00 48.50 ? 20  C   B "O4'" 1 
ATOM   971  C  "C3'" . C   B 1 20 ? -15.820 -13.320 16.792  1.00 48.55 ? 20  C   B "C3'" 1 
ATOM   972  O  "O3'" . C   B 1 20 ? -16.245 -14.301 17.720  1.00 49.84 ? 20  C   B "O3'" 1 
ATOM   973  C  "C2'" . C   B 1 20 ? -14.315 -13.102 16.845  1.00 48.47 ? 20  C   B "C2'" 1 
ATOM   974  O  "O2'" . C   B 1 20 ? -13.555 -14.281 16.990  1.00 48.38 ? 20  C   B "O2'" 1 
ATOM   975  C  "C1'" . C   B 1 20 ? -14.062 -12.494 15.470  1.00 48.28 ? 20  C   B "C1'" 1 
ATOM   976  N  N1    . C   B 1 20 ? -14.118 -11.029 15.541  1.00 48.08 ? 20  C   B N1    1 
ATOM   977  C  C2    . C   B 1 20 ? -13.023 -10.361 16.068  1.00 47.86 ? 20  C   B C2    1 
ATOM   978  O  O2    . C   B 1 20 ? -12.041 -11.026 16.432  1.00 49.58 ? 20  C   B O2    1 
ATOM   979  N  N3    . C   B 1 20 ? -13.054 -9.017  16.172  1.00 47.51 ? 20  C   B N3    1 
ATOM   980  C  C4    . C   B 1 20 ? -14.125 -8.346  15.764  1.00 47.35 ? 20  C   B C4    1 
ATOM   981  N  N4    . C   B 1 20 ? -14.108 -7.020  15.887  1.00 50.05 ? 20  C   B N4    1 
ATOM   982  C  C5    . C   B 1 20 ? -15.260 -9.002  15.211  1.00 47.13 ? 20  C   B C5    1 
ATOM   983  C  C6    . C   B 1 20 ? -15.215 -10.333 15.116  1.00 47.60 ? 20  C   B C6    1 
ATOM   984  P  P     . A   B 1 21 ? -16.627 -13.852 19.210  1.00 51.17 ? 21  A   B P     1 
ATOM   985  O  OP1   . A   B 1 21 ? -17.286 -14.972 19.928  1.00 50.10 ? 21  A   B OP1   1 
ATOM   986  O  OP2   . A   B 1 21 ? -17.335 -12.552 19.052  1.00 48.75 ? 21  A   B OP2   1 
ATOM   987  O  "O5'" . A   B 1 21 ? -15.221 -13.593 19.907  1.00 50.37 ? 21  A   B "O5'" 1 
ATOM   988  C  "C5'" . A   B 1 21 ? -14.305 -14.657 20.099  1.00 51.79 ? 21  A   B "C5'" 1 
ATOM   989  C  "C4'" . A   B 1 21 ? -13.073 -14.151 20.792  1.00 54.01 ? 21  A   B "C4'" 1 
ATOM   990  O  "O4'" . A   B 1 21 ? -12.389 -13.211 19.923  1.00 55.24 ? 21  A   B "O4'" 1 
ATOM   991  C  "C3'" . A   B 1 21 ? -13.349 -13.352 22.052  1.00 55.38 ? 21  A   B "C3'" 1 
ATOM   992  O  "O3'" . A   B 1 21 ? -13.516 -14.204 23.172  1.00 56.49 ? 21  A   B "O3'" 1 
ATOM   993  C  "C2'" . A   B 1 21 ? -12.091 -12.510 22.169  1.00 56.08 ? 21  A   B "C2'" 1 
ATOM   994  O  "O2'" . A   B 1 21 ? -10.996 -13.251 22.674  1.00 55.91 ? 21  A   B "O2'" 1 
ATOM   995  C  "C1'" . A   B 1 21 ? -11.846 -12.152 20.702  1.00 55.42 ? 21  A   B "C1'" 1 
ATOM   996  N  N9    . A   B 1 21 ? -12.506 -10.909 20.303  1.00 54.62 ? 21  A   B N9    1 
ATOM   997  C  C8    . A   B 1 21 ? -13.694 -10.772 19.627  1.00 54.41 ? 21  A   B C8    1 
ATOM   998  N  N7    . A   B 1 21 ? -14.026 -9.526  19.389  1.00 55.18 ? 21  A   B N7    1 
ATOM   999  C  C5    . A   B 1 21 ? -12.989 -8.790  19.949  1.00 54.65 ? 21  A   B C5    1 
ATOM   1000 C  C6    . A   B 1 21 ? -12.741 -7.404  20.029  1.00 53.88 ? 21  A   B C6    1 
ATOM   1001 N  N6    . A   B 1 21 ? -13.554 -6.476  19.518  1.00 53.33 ? 21  A   B N6    1 
ATOM   1002 N  N1    . A   B 1 21 ? -11.616 -7.003  20.660  1.00 52.37 ? 21  A   B N1    1 
ATOM   1003 C  C2    . A   B 1 21 ? -10.805 -7.933  21.174  1.00 51.64 ? 21  A   B C2    1 
ATOM   1004 N  N3    . A   B 1 21 ? -10.927 -9.261  21.163  1.00 52.79 ? 21  A   B N3    1 
ATOM   1005 C  C4    . A   B 1 21 ? -12.051 -9.630  20.525  1.00 54.37 ? 21  A   B C4    1 
ATOM   1006 P  P     . A   B 1 22 ? -14.557 -13.797 24.318  1.00 58.91 ? 22  A   B P     1 
ATOM   1007 O  OP1   . A   B 1 22 ? -14.662 -14.929 25.274  1.00 60.10 ? 22  A   B OP1   1 
ATOM   1008 O  OP2   . A   B 1 22 ? -15.778 -13.293 23.642  1.00 58.46 ? 22  A   B OP2   1 
ATOM   1009 O  "O5'" . A   B 1 22 ? -13.852 -12.567 25.046  1.00 59.30 ? 22  A   B "O5'" 1 
ATOM   1010 C  "C5'" . A   B 1 22 ? -12.638 -12.753 25.765  1.00 59.35 ? 22  A   B "C5'" 1 
ATOM   1011 C  "C4'" . A   B 1 22 ? -12.033 -11.423 26.128  1.00 60.35 ? 22  A   B "C4'" 1 
ATOM   1012 O  "O4'" . A   B 1 22 ? -11.801 -10.670 24.908  1.00 59.86 ? 22  A   B "O4'" 1 
ATOM   1013 C  "C3'" . A   B 1 22 ? -12.900 -10.486 26.949  1.00 62.56 ? 22  A   B "C3'" 1 
ATOM   1014 O  "O3'" . A   B 1 22 ? -12.878 -10.803 28.338  1.00 64.17 ? 22  A   B "O3'" 1 
ATOM   1015 C  "C2'" . A   B 1 22 ? -12.258 -9.133  26.661  1.00 61.90 ? 22  A   B "C2'" 1 
ATOM   1016 O  "O2'" . A   B 1 22 ? -11.068 -8.898  27.390  1.00 64.37 ? 22  A   B "O2'" 1 
ATOM   1017 C  "C1'" . A   B 1 22 ? -11.912 -9.280  25.179  1.00 60.86 ? 22  A   B "C1'" 1 
ATOM   1018 N  N9    . A   B 1 22 ? -12.935 -8.706  24.305  1.00 59.92 ? 22  A   B N9    1 
ATOM   1019 C  C8    . A   B 1 22 ? -14.014 -9.319  23.716  1.00 59.22 ? 22  A   B C8    1 
ATOM   1020 N  N7    . A   B 1 22 ? -14.750 -8.510  22.991  1.00 58.14 ? 22  A   B N7    1 
ATOM   1021 C  C5    . A   B 1 22 ? -14.111 -7.285  23.109  1.00 58.40 ? 22  A   B C5    1 
ATOM   1022 C  C6    . A   B 1 22 ? -14.392 -6.019  22.578  1.00 59.09 ? 22  A   B C6    1 
ATOM   1023 N  N6    . A   B 1 22 ? -15.436 -5.767  21.786  1.00 59.08 ? 22  A   B N6    1 
ATOM   1024 N  N1    . A   B 1 22 ? -13.554 -5.004  22.891  1.00 59.14 ? 22  A   B N1    1 
ATOM   1025 C  C2    . A   B 1 22 ? -12.508 -5.258  23.685  1.00 58.54 ? 22  A   B C2    1 
ATOM   1026 N  N3    . A   B 1 22 ? -12.138 -6.405  24.246  1.00 59.70 ? 22  A   B N3    1 
ATOM   1027 C  C4    . A   B 1 22 ? -12.992 -7.391  23.914  1.00 59.44 ? 22  A   B C4    1 
ATOM   1028 P  P     . G   B 1 23 ? -14.080 -10.294 29.284  1.00 68.39 ? 23  G   B P     1 
ATOM   1029 O  OP1   . G   B 1 23 ? -13.925 -10.914 30.632  1.00 66.17 ? 23  G   B OP1   1 
ATOM   1030 O  OP2   . G   B 1 23 ? -15.351 -10.493 28.524  1.00 66.40 ? 23  G   B OP2   1 
ATOM   1031 O  "O5'" . G   B 1 23 ? -13.836 -8.720  29.408  1.00 65.37 ? 23  G   B "O5'" 1 
ATOM   1032 C  "C5'" . G   B 1 23 ? -12.632 -8.214  29.981  1.00 65.19 ? 23  G   B "C5'" 1 
ATOM   1033 C  "C4'" . G   B 1 23 ? -12.626 -6.701  29.969  1.00 63.62 ? 23  G   B "C4'" 1 
ATOM   1034 O  "O4'" . G   B 1 23 ? -12.564 -6.210  28.603  1.00 63.54 ? 23  G   B "O4'" 1 
ATOM   1035 C  "C3'" . G   B 1 23 ? -13.849 -6.029  30.562  1.00 62.62 ? 23  G   B "C3'" 1 
ATOM   1036 O  "O3'" . G   B 1 23 ? -13.717 -5.939  31.976  1.00 61.70 ? 23  G   B "O3'" 1 
ATOM   1037 C  "C2'" . G   B 1 23 ? -13.819 -4.653  29.897  1.00 61.71 ? 23  G   B "C2'" 1 
ATOM   1038 O  "O2'" . G   B 1 23 ? -12.946 -3.752  30.552  1.00 59.62 ? 23  G   B "O2'" 1 
ATOM   1039 C  "C1'" . G   B 1 23 ? -13.283 -4.992  28.499  1.00 60.75 ? 23  G   B "C1'" 1 
ATOM   1040 N  N9    . G   B 1 23 ? -14.301 -5.166  27.466  1.00 57.45 ? 23  G   B N9    1 
ATOM   1041 C  C8    . G   B 1 23 ? -14.945 -6.335  27.136  1.00 57.46 ? 23  G   B C8    1 
ATOM   1042 N  N7    . G   B 1 23 ? -15.776 -6.199  26.140  1.00 56.04 ? 23  G   B N7    1 
ATOM   1043 C  C5    . G   B 1 23 ? -15.682 -4.859  25.793  1.00 54.17 ? 23  G   B C5    1 
ATOM   1044 C  C6    . G   B 1 23 ? -16.341 -4.128  24.770  1.00 52.60 ? 23  G   B C6    1 
ATOM   1045 O  O6    . G   B 1 23 ? -17.161 -4.538  23.938  1.00 50.20 ? 23  G   B O6    1 
ATOM   1046 N  N1    . G   B 1 23 ? -15.960 -2.790  24.773  1.00 51.52 ? 23  G   B N1    1 
ATOM   1047 C  C2    . G   B 1 23 ? -15.058 -2.228  25.646  1.00 52.18 ? 23  G   B C2    1 
ATOM   1048 N  N2    . G   B 1 23 ? -14.826 -0.918  25.499  1.00 50.69 ? 23  G   B N2    1 
ATOM   1049 N  N3    . G   B 1 23 ? -14.430 -2.902  26.597  1.00 53.94 ? 23  G   B N3    1 
ATOM   1050 C  C4    . G   B 1 23 ? -14.787 -4.203  26.612  1.00 55.30 ? 23  G   B C4    1 
HETATM 1051 MN MN    . MN  C 2 .  ? -4.404  -3.841  10.735  1.00 60.19 ? 101 MN  A MN    1 
HETATM 1052 MN MN    . MN  D 2 .  ? -5.497  -5.373  3.278   1.00 46.67 ? 107 MN  A MN    1 
HETATM 1053 MN MN    . MN  E 2 .  ? -5.100  -14.587 1.975   0.64 64.26 ? 109 MN  A MN    1 
HETATM 1054 MN MN    . MN  F 2 .  ? 18.229  7.890   -21.700 0.64 63.83 ? 110 MN  A MN    1 
HETATM 1055 MN MN    . MN  G 2 .  ? 14.616  1.792   -12.757 0.51 60.76 ? 111 MN  A MN    1 
HETATM 1056 MN MN    . MN  H 2 .  ? -4.288  -5.841  -5.246  0.48 50.94 ? 102 MN  B MN    1 
HETATM 1057 MN MN    . MN  I 2 .  ? -14.945 -3.784  13.980  0.91 58.84 ? 103 MN  B MN    1 
HETATM 1058 MN MN    . MN  J 2 .  ? 15.200  5.922   -12.195 0.53 51.67 ? 104 MN  B MN    1 
HETATM 1059 MN MN    . MN  K 2 .  ? 6.079   5.615   -8.423  0.73 59.89 ? 105 MN  B MN    1 
HETATM 1060 MN MN    . MN  L 2 .  ? 0.860   0.020   -7.569  1.00 38.86 ? 106 MN  B MN    1 
HETATM 1061 MN MN    . MN  M 2 .  ? -0.087  -2.377  -0.321  0.51 61.40 ? 108 MN  B MN    1 
HETATM 1062 MN MN    . MN  N 2 .  ? -18.183 -8.503  22.719  0.71 62.92 ? 112 MN  B MN    1 
# 
